data_2IHT
#
_entry.id   2IHT
#
_cell.length_a   117.882
_cell.length_b   127.279
_cell.length_c   197.328
_cell.angle_alpha   90.00
_cell.angle_beta   90.00
_cell.angle_gamma   90.00
#
_symmetry.space_group_name_H-M   'P 21 21 21'
#
loop_
_entity.id
_entity.type
_entity.pdbx_description
1 polymer 'Carboxyethylarginine synthase'
2 non-polymer 'MAGNESIUM ION'
3 non-polymer 'SULFATE ION'
4 non-polymer 'THIAMINE DIPHOSPHATE'
5 non-polymer GLYCEROL
6 water water
#
_entity_poly.entity_id   1
_entity_poly.type   'polypeptide(L)'
_entity_poly.pdbx_seq_one_letter_code
;(MSE)SRVSTAPSGKPTAAHALLSRLRDHGVGKVFGVVGREAASILFDEVEGIDFVLTRHEFTAGVAADVLARITGRPQA
CWATLGPG(MSE)TNLSTGIATSVLDRSPVIALAAQSESHDIFPNDTHQCLDSVAIVAP(MSE)SKYAVELQRPHEITDL
VDSAVNAA(MSE)TEPVGPSFISLPVDLLGSSEGIDTTVPNPPANTPAKPVGVVADGWQKAADQAAALLAEAKHPVLVVG
AAAIRSGAVPAIRALAERLNIPVITTYIAKGVLPVGHELNYGAVTGY(MSE)DGILNFPALQT(MSE)FAPVDLVLTVGY
DYAEDLRPS(MSE)WQKGIEKKTVRISPTVNPIPRVYRPDVDVVTDVLAFVEHFETATASFGAKQRHDIEPLRARIAEFL
ADPETYEDG(MSE)RVHQVIDS(MSE)NTV(MSE)EEAAEPGEGTIVSDIGFFRHYGVLFARADQPFGFLTSAGCSSFGY
GIPAAIGAQ(MSE)ARPDQPTFLIAGDGGFHSNSSDLETIARLNLPIVTVVVNNDTNGLIELYQNIGHHRSHDPAVKFGG
VDFVALAEANGVDATRATNREELLAALRKGAELGRPFLIEVPVNYDFQPGGFGALSI
;
_entity_poly.pdbx_strand_id   A,B,C,D
#
loop_
_chem_comp.id
_chem_comp.type
_chem_comp.name
_chem_comp.formula
GOL non-polymer GLYCEROL 'C3 H8 O3'
MG non-polymer 'MAGNESIUM ION' 'Mg 2'
SO4 non-polymer 'SULFATE ION' 'O4 S -2'
TPP non-polymer 'THIAMINE DIPHOSPHATE' 'C12 H19 N4 O7 P2 S 1'
#
# COMPACT_ATOMS: atom_id res chain seq x y z
N LYS A 11 16.60 30.80 -16.69
CA LYS A 11 15.62 29.86 -17.34
C LYS A 11 14.54 29.44 -16.33
N PRO A 12 13.25 29.53 -16.74
CA PRO A 12 12.12 29.10 -15.90
C PRO A 12 12.22 27.63 -15.51
N THR A 13 11.94 27.35 -14.24
CA THR A 13 12.09 26.01 -13.69
C THR A 13 10.72 25.33 -13.56
N ALA A 14 10.72 24.12 -13.00
CA ALA A 14 9.47 23.40 -12.73
C ALA A 14 8.60 24.15 -11.71
N ALA A 15 9.22 24.98 -10.89
CA ALA A 15 8.50 25.85 -9.96
C ALA A 15 7.61 26.83 -10.74
N HIS A 16 8.18 27.47 -11.75
CA HIS A 16 7.42 28.36 -12.63
C HIS A 16 6.33 27.61 -13.42
N ALA A 17 6.67 26.43 -13.94
CA ALA A 17 5.74 25.63 -14.73
C ALA A 17 4.56 25.15 -13.89
N LEU A 18 4.81 24.88 -12.60
CA LEU A 18 3.78 24.45 -11.66
C LEU A 18 2.79 25.58 -11.35
N LEU A 19 3.32 26.74 -10.95
CA LEU A 19 2.49 27.90 -10.62
C LEU A 19 1.72 28.38 -11.85
N SER A 20 2.36 28.31 -13.01
CA SER A 20 1.72 28.69 -14.27
C SER A 20 0.54 27.79 -14.63
N ARG A 21 0.68 26.48 -14.44
CA ARG A 21 -0.41 25.55 -14.71
C ARG A 21 -1.55 25.68 -13.70
N LEU A 22 -1.22 25.92 -12.44
CA LEU A 22 -2.25 26.24 -11.44
C LEU A 22 -3.04 27.49 -11.89
N ARG A 23 -2.32 28.51 -12.34
CA ARG A 23 -2.91 29.74 -12.87
C ARG A 23 -3.83 29.49 -14.09
N ASP A 24 -3.39 28.60 -14.99
CA ASP A 24 -4.20 28.16 -16.14
C ASP A 24 -5.54 27.55 -15.71
N HIS A 25 -5.53 26.87 -14.55
CA HIS A 25 -6.73 26.26 -14.01
C HIS A 25 -7.55 27.20 -13.12
N GLY A 26 -7.19 28.49 -13.13
CA GLY A 26 -7.93 29.54 -12.43
C GLY A 26 -7.49 29.86 -11.00
N VAL A 27 -6.45 29.19 -10.53
CA VAL A 27 -5.96 29.37 -9.16
C VAL A 27 -5.27 30.73 -9.01
N GLY A 28 -5.70 31.50 -8.01
CA GLY A 28 -5.11 32.79 -7.72
C GLY A 28 -4.38 32.85 -6.39
N LYS A 29 -4.58 31.83 -5.56
CA LYS A 29 -3.96 31.76 -4.23
C LYS A 29 -3.40 30.37 -3.96
N VAL A 30 -2.28 30.31 -3.25
CA VAL A 30 -1.76 29.05 -2.71
C VAL A 30 -1.63 29.21 -1.19
N PHE A 31 -2.38 28.41 -0.44
CA PHE A 31 -2.33 28.47 1.03
C PHE A 31 -1.29 27.49 1.53
N GLY A 32 -0.48 27.90 2.49
CA GLY A 32 0.43 26.93 3.11
C GLY A 32 1.48 27.47 4.05
N VAL A 33 2.46 26.60 4.32
CA VAL A 33 3.67 26.94 5.06
C VAL A 33 4.81 26.42 4.18
N VAL A 34 5.77 27.30 3.87
CA VAL A 34 6.92 26.94 3.03
C VAL A 34 8.08 26.50 3.93
N GLY A 35 8.75 25.41 3.52
CA GLY A 35 9.98 24.96 4.17
C GLY A 35 11.20 25.25 3.32
N ARG A 36 12.21 24.39 3.43
CA ARG A 36 13.50 24.64 2.80
C ARG A 36 13.46 24.61 1.28
N GLU A 37 12.37 24.09 0.72
CA GLU A 37 12.10 24.14 -0.71
C GLU A 37 11.96 25.56 -1.24
N ALA A 38 11.90 26.53 -0.32
CA ALA A 38 11.98 27.96 -0.68
C ALA A 38 13.20 28.27 -1.53
N ALA A 39 14.24 27.43 -1.42
CA ALA A 39 15.43 27.56 -2.25
C ALA A 39 15.14 27.26 -3.72
N SER A 40 14.05 26.54 -3.97
CA SER A 40 13.62 26.18 -5.31
C SER A 40 12.36 26.94 -5.77
N ILE A 41 11.58 27.43 -4.82
CA ILE A 41 10.34 28.14 -5.15
C ILE A 41 10.13 29.38 -4.27
N LEU A 42 10.08 30.55 -4.90
CA LEU A 42 9.85 31.81 -4.16
C LEU A 42 8.38 32.14 -3.95
N PHE A 43 7.57 31.78 -4.95
CA PHE A 43 6.12 32.11 -5.05
C PHE A 43 5.82 33.50 -5.65
N ASP A 44 6.83 34.11 -6.27
CA ASP A 44 6.62 35.33 -7.04
C ASP A 44 6.82 35.08 -8.55
N GLU A 45 6.98 33.81 -8.92
CA GLU A 45 7.32 33.42 -10.29
C GLU A 45 6.22 33.76 -11.29
N VAL A 46 4.97 33.69 -10.85
CA VAL A 46 3.82 33.85 -11.74
C VAL A 46 2.90 34.97 -11.23
N GLU A 47 2.74 36.00 -12.05
CA GLU A 47 1.81 37.08 -11.74
C GLU A 47 0.38 36.54 -11.74
N GLY A 48 -0.40 36.94 -10.73
CA GLY A 48 -1.77 36.48 -10.62
C GLY A 48 -1.96 35.37 -9.61
N ILE A 49 -0.87 34.91 -9.02
CA ILE A 49 -0.94 33.88 -7.98
C ILE A 49 -0.14 34.34 -6.75
N ASP A 50 -0.83 34.39 -5.61
CA ASP A 50 -0.26 34.89 -4.35
C ASP A 50 -0.19 33.78 -3.32
N PHE A 51 0.87 33.78 -2.52
CA PHE A 51 0.98 32.83 -1.42
C PHE A 51 0.29 33.35 -0.17
N VAL A 52 -0.45 32.49 0.50
CA VAL A 52 -1.14 32.85 1.73
C VAL A 52 -0.54 32.02 2.87
N LEU A 53 0.30 32.67 3.66
CA LEU A 53 1.01 32.00 4.75
C LEU A 53 0.15 31.81 6.00
N THR A 54 0.06 30.56 6.46
CA THR A 54 -0.67 30.22 7.68
C THR A 54 0.31 29.86 8.80
N ARG A 55 -0.21 29.67 10.01
CA ARG A 55 0.64 29.31 11.14
C ARG A 55 0.82 27.79 11.23
N HIS A 56 -0.09 27.05 10.59
CA HIS A 56 -0.10 25.59 10.60
C HIS A 56 -0.67 25.12 9.27
N GLU A 57 -0.15 24.00 8.76
CA GLU A 57 -0.58 23.46 7.47
C GLU A 57 -2.05 23.02 7.41
N PHE A 58 -2.61 22.58 8.54
CA PHE A 58 -4.04 22.18 8.57
C PHE A 58 -4.92 23.35 8.14
N THR A 59 -4.63 24.54 8.65
CA THR A 59 -5.34 25.77 8.29
C THR A 59 -5.28 26.04 6.77
N ALA A 60 -4.09 25.84 6.19
CA ALA A 60 -3.91 26.01 4.74
C ALA A 60 -4.80 25.07 3.92
N GLY A 61 -4.80 23.79 4.28
CA GLY A 61 -5.59 22.79 3.56
C GLY A 61 -7.09 23.01 3.68
N VAL A 62 -7.54 23.34 4.88
CA VAL A 62 -8.97 23.63 5.11
C VAL A 62 -9.43 24.90 4.40
N ALA A 63 -8.60 25.95 4.43
CA ALA A 63 -8.96 27.19 3.73
C ALA A 63 -9.14 26.95 2.22
N ALA A 64 -8.24 26.14 1.64
CA ALA A 64 -8.34 25.78 0.22
C ALA A 64 -9.59 24.94 -0.07
N ASP A 65 -9.89 23.98 0.80
CA ASP A 65 -11.12 23.18 0.74
C ASP A 65 -12.39 24.05 0.68
N VAL A 66 -12.48 25.02 1.59
CA VAL A 66 -13.67 25.87 1.69
C VAL A 66 -13.78 26.84 0.50
N LEU A 67 -12.65 27.44 0.14
CA LEU A 67 -12.62 28.28 -1.08
C LEU A 67 -13.08 27.49 -2.30
N ALA A 68 -12.62 26.25 -2.42
CA ALA A 68 -13.02 25.36 -3.52
C ALA A 68 -14.51 25.01 -3.48
N ARG A 69 -15.04 24.76 -2.27
CA ARG A 69 -16.47 24.49 -2.10
C ARG A 69 -17.34 25.66 -2.59
N ILE A 70 -17.02 26.86 -2.14
CA ILE A 70 -17.83 28.03 -2.47
C ILE A 70 -17.69 28.47 -3.95
N THR A 71 -16.46 28.52 -4.46
CA THR A 71 -16.21 28.94 -5.84
C THR A 71 -16.56 27.86 -6.87
N GLY A 72 -16.53 26.59 -6.45
CA GLY A 72 -16.72 25.46 -7.35
C GLY A 72 -15.53 25.24 -8.28
N ARG A 73 -14.39 25.84 -7.95
CA ARG A 73 -13.16 25.74 -8.74
C ARG A 73 -12.03 25.10 -7.93
N PRO A 74 -11.12 24.36 -8.62
CA PRO A 74 -9.96 23.79 -7.94
C PRO A 74 -9.14 24.84 -7.20
N GLN A 75 -8.67 24.50 -6.00
CA GLN A 75 -7.83 25.39 -5.21
C GLN A 75 -6.56 24.62 -4.79
N ALA A 76 -5.63 25.32 -4.14
CA ALA A 76 -4.30 24.75 -3.92
C ALA A 76 -3.75 25.05 -2.53
N CYS A 77 -3.07 24.05 -1.96
CA CYS A 77 -2.38 24.22 -0.70
C CYS A 77 -0.97 23.63 -0.77
N TRP A 78 -0.13 24.02 0.19
CA TRP A 78 1.31 23.76 0.10
C TRP A 78 1.93 23.42 1.45
N ALA A 79 2.75 22.38 1.48
CA ALA A 79 3.54 22.08 2.68
C ALA A 79 4.97 21.63 2.34
N THR A 80 5.86 21.68 3.33
CA THR A 80 7.21 21.16 3.14
C THR A 80 7.23 19.62 3.27
N LEU A 81 8.42 19.03 3.15
CA LEU A 81 8.58 17.59 3.24
C LEU A 81 8.32 17.07 4.66
N GLY A 82 8.22 15.75 4.79
CA GLY A 82 8.06 15.10 6.09
C GLY A 82 6.89 15.62 6.92
N PRO A 83 7.19 16.28 8.05
CA PRO A 83 6.14 16.75 8.96
C PRO A 83 5.25 17.86 8.36
N GLY A 84 5.76 18.63 7.39
CA GLY A 84 4.92 19.56 6.64
C GLY A 84 3.76 18.83 5.99
N MSE A 85 4.10 17.78 5.24
CA MSE A 85 3.14 16.92 4.54
C MSE A 85 2.18 16.21 5.52
O MSE A 85 0.98 16.15 5.23
CB MSE A 85 3.91 15.93 3.64
CG MSE A 85 3.07 14.90 2.87
SE MSE A 85 2.60 13.30 3.91
CE MSE A 85 4.40 12.78 4.50
N THR A 86 2.68 15.68 6.64
CA THR A 86 1.77 15.00 7.58
C THR A 86 0.80 15.99 8.25
N ASN A 87 1.29 17.20 8.53
CA ASN A 87 0.41 18.29 9.03
C ASN A 87 -0.68 18.67 8.02
N LEU A 88 -0.30 18.74 6.74
CA LEU A 88 -1.24 19.05 5.66
C LEU A 88 -2.27 17.93 5.47
N SER A 89 -1.88 16.71 5.82
CA SER A 89 -2.73 15.53 5.63
C SER A 89 -4.11 15.62 6.30
N THR A 90 -4.19 16.29 7.46
CA THR A 90 -5.53 16.50 8.08
C THR A 90 -6.41 17.42 7.21
N GLY A 91 -5.79 18.37 6.52
CA GLY A 91 -6.49 19.20 5.54
C GLY A 91 -6.86 18.40 4.30
N ILE A 92 -5.96 17.50 3.90
CA ILE A 92 -6.26 16.54 2.83
C ILE A 92 -7.44 15.62 3.22
N ALA A 93 -7.44 15.14 4.47
CA ALA A 93 -8.53 14.31 4.99
C ALA A 93 -9.86 15.07 5.03
N THR A 94 -9.79 16.36 5.35
CA THR A 94 -10.97 17.23 5.27
C THR A 94 -11.53 17.26 3.85
N SER A 95 -10.65 17.49 2.89
CA SER A 95 -11.05 17.55 1.48
C SER A 95 -11.63 16.22 0.95
N VAL A 96 -11.05 15.09 1.36
CA VAL A 96 -11.52 13.80 0.83
C VAL A 96 -12.90 13.38 1.38
N LEU A 97 -13.14 13.68 2.66
CA LEU A 97 -14.39 13.30 3.30
C LEU A 97 -15.50 14.34 3.10
N ASP A 98 -15.13 15.63 3.06
CA ASP A 98 -16.10 16.71 2.84
C ASP A 98 -16.35 16.97 1.35
N ARG A 99 -15.52 16.39 0.49
CA ARG A 99 -15.64 16.48 -0.97
C ARG A 99 -15.35 17.88 -1.52
N SER A 100 -14.07 18.18 -1.74
CA SER A 100 -13.68 19.43 -2.42
C SER A 100 -12.47 19.19 -3.32
N PRO A 101 -12.42 19.89 -4.47
CA PRO A 101 -11.30 19.73 -5.41
C PRO A 101 -10.06 20.54 -5.00
N VAL A 102 -9.25 19.95 -4.14
CA VAL A 102 -8.03 20.62 -3.68
C VAL A 102 -6.80 19.94 -4.30
N ILE A 103 -5.89 20.76 -4.82
CA ILE A 103 -4.60 20.26 -5.28
C ILE A 103 -3.62 20.49 -4.12
N ALA A 104 -3.22 19.39 -3.48
CA ALA A 104 -2.29 19.46 -2.35
C ALA A 104 -0.87 19.18 -2.83
N LEU A 105 0.03 20.08 -2.49
CA LEU A 105 1.40 20.02 -2.96
C LEU A 105 2.33 19.99 -1.77
N ALA A 106 3.31 19.08 -1.80
CA ALA A 106 4.29 19.02 -0.72
C ALA A 106 5.69 18.76 -1.27
N ALA A 107 6.67 19.45 -0.70
CA ALA A 107 8.06 19.21 -1.03
C ALA A 107 8.48 17.79 -0.63
N GLN A 108 9.60 17.34 -1.18
CA GLN A 108 10.18 16.05 -0.84
C GLN A 108 11.70 16.18 -0.87
N SER A 109 12.40 15.26 -0.21
CA SER A 109 13.85 15.15 -0.32
C SER A 109 14.28 15.13 -1.78
N GLU A 110 15.49 15.64 -2.03
CA GLU A 110 16.12 15.55 -3.36
C GLU A 110 15.98 14.13 -3.90
N SER A 111 15.63 14.03 -5.18
CA SER A 111 15.26 12.77 -5.82
C SER A 111 16.25 11.62 -5.57
N HIS A 112 17.55 11.90 -5.69
CA HIS A 112 18.59 10.87 -5.52
C HIS A 112 18.81 10.49 -4.05
N ASP A 113 18.20 11.25 -3.15
CA ASP A 113 18.37 11.07 -1.70
C ASP A 113 17.07 10.63 -1.03
N ILE A 114 16.13 10.09 -1.81
CA ILE A 114 14.85 9.67 -1.23
C ILE A 114 14.98 8.27 -0.63
N PHE A 115 15.10 8.23 0.70
CA PHE A 115 15.15 7.00 1.47
C PHE A 115 14.18 7.20 2.64
N PRO A 116 12.89 6.84 2.45
CA PRO A 116 11.87 7.08 3.46
C PRO A 116 12.25 6.48 4.82
N ASN A 117 12.11 7.28 5.87
CA ASN A 117 12.42 6.87 7.25
C ASN A 117 13.93 6.74 7.53
N ASP A 118 14.77 7.14 6.57
CA ASP A 118 16.22 7.13 6.76
C ASP A 118 16.88 8.48 6.48
N THR A 119 16.55 9.09 5.34
CA THR A 119 16.97 10.45 5.04
C THR A 119 16.27 11.42 6.01
N HIS A 120 17.02 12.40 6.50
CA HIS A 120 16.49 13.48 7.33
C HIS A 120 15.19 14.03 6.72
N GLN A 121 14.11 13.96 7.52
CA GLN A 121 12.78 14.49 7.16
C GLN A 121 12.09 13.79 5.98
N CYS A 122 12.59 12.63 5.58
CA CYS A 122 12.05 11.95 4.40
C CYS A 122 11.01 10.89 4.80
N LEU A 123 9.78 11.11 4.36
CA LEU A 123 8.70 10.12 4.54
C LEU A 123 8.16 9.68 3.18
N ASP A 124 7.53 8.51 3.14
CA ASP A 124 6.93 8.02 1.89
C ASP A 124 5.57 8.70 1.68
N SER A 125 5.64 9.96 1.23
CA SER A 125 4.47 10.84 1.08
C SER A 125 3.36 10.28 0.20
N VAL A 126 3.73 9.70 -0.93
CA VAL A 126 2.73 9.13 -1.85
C VAL A 126 2.00 7.95 -1.20
N ALA A 127 2.74 7.08 -0.51
CA ALA A 127 2.13 5.95 0.17
C ALA A 127 1.21 6.39 1.31
N ILE A 128 1.61 7.45 2.01
CA ILE A 128 0.83 7.99 3.12
C ILE A 128 -0.48 8.66 2.66
N VAL A 129 -0.42 9.39 1.54
CA VAL A 129 -1.54 10.19 1.04
C VAL A 129 -2.49 9.43 0.08
N ALA A 130 -1.96 8.46 -0.66
CA ALA A 130 -2.79 7.69 -1.62
C ALA A 130 -4.13 7.18 -1.05
N PRO A 131 -4.14 6.60 0.17
CA PRO A 131 -5.41 6.08 0.72
C PRO A 131 -6.46 7.14 1.03
N MSE A 132 -6.07 8.41 1.07
CA MSE A 132 -6.99 9.50 1.44
C MSE A 132 -7.08 10.59 0.35
O MSE A 132 -7.36 11.75 0.65
CB MSE A 132 -6.55 10.13 2.78
CG MSE A 132 -5.20 10.84 2.72
SE MSE A 132 -4.84 11.96 4.31
CE MSE A 132 -3.66 10.76 5.24
N SER A 133 -6.84 10.21 -0.90
CA SER A 133 -6.89 11.17 -1.99
C SER A 133 -7.42 10.53 -3.27
N LYS A 134 -7.73 11.38 -4.26
CA LYS A 134 -8.21 10.95 -5.56
C LYS A 134 -7.07 10.49 -6.46
N TYR A 135 -5.87 10.97 -6.13
CA TYR A 135 -4.71 10.92 -7.02
C TYR A 135 -3.50 11.31 -6.16
N ALA A 136 -2.41 10.56 -6.30
CA ALA A 136 -1.16 10.84 -5.58
C ALA A 136 0.02 10.39 -6.41
N VAL A 137 0.97 11.31 -6.63
CA VAL A 137 2.12 11.08 -7.51
C VAL A 137 3.35 11.85 -7.03
N GLU A 138 4.53 11.34 -7.35
CA GLU A 138 5.77 12.06 -7.12
C GLU A 138 6.36 12.49 -8.46
N LEU A 139 6.74 13.77 -8.54
CA LEU A 139 7.42 14.30 -9.73
C LEU A 139 8.78 13.60 -9.94
N GLN A 140 9.05 13.22 -11.18
CA GLN A 140 10.28 12.50 -11.53
C GLN A 140 11.08 13.18 -12.64
N ARG A 141 10.37 13.77 -13.59
CA ARG A 141 10.99 14.49 -14.70
C ARG A 141 10.34 15.88 -14.72
N PRO A 142 11.13 16.94 -14.47
CA PRO A 142 10.61 18.31 -14.26
C PRO A 142 9.51 18.77 -15.23
N HIS A 143 9.70 18.58 -16.54
CA HIS A 143 8.76 19.12 -17.52
C HIS A 143 7.36 18.49 -17.42
N GLU A 144 7.28 17.32 -16.77
CA GLU A 144 6.02 16.59 -16.65
C GLU A 144 5.09 17.20 -15.59
N ILE A 145 5.58 18.19 -14.84
CA ILE A 145 4.74 18.81 -13.79
C ILE A 145 3.43 19.35 -14.38
N THR A 146 3.48 19.82 -15.62
CA THR A 146 2.30 20.32 -16.31
C THR A 146 1.21 19.25 -16.43
N ASP A 147 1.58 18.07 -16.92
CA ASP A 147 0.62 16.96 -17.07
C ASP A 147 0.17 16.35 -15.75
N LEU A 148 1.04 16.41 -14.73
CA LEU A 148 0.68 15.93 -13.40
C LEU A 148 -0.38 16.84 -12.76
N VAL A 149 -0.23 18.15 -12.93
CA VAL A 149 -1.25 19.11 -12.46
C VAL A 149 -2.58 18.82 -13.17
N ASP A 150 -2.51 18.56 -14.48
CA ASP A 150 -3.73 18.30 -15.25
C ASP A 150 -4.43 17.03 -14.76
N SER A 151 -3.65 15.97 -14.56
CA SER A 151 -4.16 14.70 -14.04
C SER A 151 -4.70 14.84 -12.62
N ALA A 152 -4.05 15.68 -11.82
CA ALA A 152 -4.51 16.00 -10.47
C ALA A 152 -5.88 16.69 -10.50
N VAL A 153 -6.00 17.72 -11.35
CA VAL A 153 -7.28 18.42 -11.53
C VAL A 153 -8.38 17.47 -12.04
N ASN A 154 -8.03 16.63 -13.02
CA ASN A 154 -8.96 15.63 -13.57
C ASN A 154 -9.56 14.74 -12.49
N ALA A 155 -8.70 14.19 -11.63
CA ALA A 155 -9.14 13.27 -10.59
C ALA A 155 -9.89 13.99 -9.47
N ALA A 156 -9.42 15.20 -9.14
CA ALA A 156 -10.07 16.05 -8.14
C ALA A 156 -11.51 16.41 -8.52
N MSE A 157 -11.74 16.68 -9.81
CA MSE A 157 -13.03 17.14 -10.31
C MSE A 157 -13.93 16.01 -10.84
O MSE A 157 -14.84 16.26 -11.63
CB MSE A 157 -12.84 18.23 -11.39
CG MSE A 157 -12.33 19.58 -10.84
SE MSE A 157 -13.64 20.50 -9.73
CE MSE A 157 -15.05 20.84 -11.06
N THR A 158 -13.68 14.79 -10.40
CA THR A 158 -14.57 13.67 -10.70
C THR A 158 -15.25 13.27 -9.40
N GLU A 159 -16.57 13.08 -9.43
CA GLU A 159 -17.31 12.70 -8.21
C GLU A 159 -16.91 11.28 -7.76
N PRO A 160 -16.75 11.07 -6.43
CA PRO A 160 -16.87 12.08 -5.39
C PRO A 160 -15.65 13.00 -5.41
N VAL A 161 -15.88 14.31 -5.51
CA VAL A 161 -14.77 15.24 -5.64
C VAL A 161 -13.89 15.16 -4.40
N GLY A 162 -12.60 15.41 -4.58
CA GLY A 162 -11.65 15.26 -3.49
C GLY A 162 -10.30 15.82 -3.83
N PRO A 163 -9.31 15.64 -2.93
CA PRO A 163 -7.99 16.21 -3.12
C PRO A 163 -7.08 15.33 -3.99
N SER A 164 -6.21 15.97 -4.75
CA SER A 164 -5.17 15.29 -5.50
C SER A 164 -3.83 15.79 -5.00
N PHE A 165 -2.86 14.87 -4.87
CA PHE A 165 -1.60 15.17 -4.21
C PHE A 165 -0.40 14.99 -5.14
N ILE A 166 0.49 15.99 -5.16
CA ILE A 166 1.76 15.87 -5.89
C ILE A 166 2.93 16.12 -4.95
N SER A 167 3.82 15.15 -4.89
CA SER A 167 5.06 15.22 -4.10
C SER A 167 6.19 15.77 -4.97
N LEU A 168 6.93 16.74 -4.43
CA LEU A 168 7.86 17.54 -5.24
C LEU A 168 9.30 17.56 -4.71
N PRO A 169 10.15 16.62 -5.21
CA PRO A 169 11.55 16.62 -4.77
C PRO A 169 12.21 17.98 -5.04
N VAL A 170 12.91 18.50 -4.04
CA VAL A 170 13.44 19.88 -4.07
C VAL A 170 14.30 20.19 -5.29
N ASP A 171 15.17 19.24 -5.65
CA ASP A 171 16.06 19.36 -6.80
C ASP A 171 15.26 19.48 -8.12
N LEU A 172 14.23 18.64 -8.27
CA LEU A 172 13.43 18.66 -9.48
C LEU A 172 12.55 19.91 -9.56
N LEU A 173 12.03 20.34 -8.41
CA LEU A 173 11.26 21.59 -8.33
C LEU A 173 12.05 22.80 -8.82
N GLY A 174 13.36 22.81 -8.53
CA GLY A 174 14.24 23.90 -8.94
C GLY A 174 14.97 23.66 -10.25
N SER A 175 14.51 22.68 -11.03
CA SER A 175 15.18 22.33 -12.28
C SER A 175 14.47 22.84 -13.53
N SER A 176 15.25 23.28 -14.51
CA SER A 176 14.73 23.73 -15.82
C SER A 176 14.89 22.65 -16.90
N GLU A 177 15.41 21.49 -16.51
CA GLU A 177 15.63 20.37 -17.44
C GLU A 177 14.35 20.00 -18.20
N GLY A 178 14.42 20.12 -19.52
CA GLY A 178 13.30 19.74 -20.40
C GLY A 178 12.15 20.74 -20.49
N ILE A 179 12.27 21.87 -19.81
CA ILE A 179 11.21 22.89 -19.84
C ILE A 179 11.49 23.96 -20.91
N ASP A 180 10.55 24.08 -21.85
CA ASP A 180 10.65 25.03 -22.96
C ASP A 180 9.81 26.28 -22.72
N PRO A 184 3.47 27.76 -26.04
CA PRO A 184 2.68 27.96 -24.82
C PRO A 184 2.07 26.64 -24.31
N ASN A 185 1.49 26.69 -23.12
CA ASN A 185 0.79 25.55 -22.55
C ASN A 185 -0.44 25.16 -23.38
N PRO A 186 -0.73 23.85 -23.48
CA PRO A 186 -2.00 23.39 -24.05
C PRO A 186 -3.18 23.91 -23.22
N PRO A 187 -4.39 23.99 -23.82
CA PRO A 187 -5.54 24.48 -23.05
C PRO A 187 -5.77 23.68 -21.77
N ALA A 188 -6.13 24.36 -20.70
CA ALA A 188 -6.36 23.72 -19.41
C ALA A 188 -7.66 22.91 -19.40
N ASN A 189 -8.71 23.45 -20.01
CA ASN A 189 -10.02 22.79 -20.06
C ASN A 189 -10.50 22.31 -18.67
N THR A 190 -10.47 23.21 -17.70
CA THR A 190 -10.93 22.91 -16.35
C THR A 190 -12.44 22.65 -16.40
N PRO A 191 -12.90 21.52 -15.83
CA PRO A 191 -14.35 21.26 -15.78
C PRO A 191 -15.08 22.36 -15.01
N ALA A 192 -16.20 22.84 -15.56
CA ALA A 192 -16.98 23.91 -14.95
C ALA A 192 -17.73 23.41 -13.72
N LYS A 193 -18.10 22.13 -13.76
CA LYS A 193 -18.66 21.44 -12.62
C LYS A 193 -18.13 19.99 -12.64
N PRO A 194 -18.22 19.27 -11.51
CA PRO A 194 -17.63 17.92 -11.44
C PRO A 194 -18.13 16.96 -12.51
N VAL A 195 -17.20 16.18 -13.06
CA VAL A 195 -17.52 15.03 -13.92
C VAL A 195 -18.19 13.97 -13.03
N GLY A 196 -19.21 13.32 -13.56
CA GLY A 196 -19.96 12.37 -12.76
C GLY A 196 -20.14 11.01 -13.38
N VAL A 197 -20.50 10.05 -12.54
CA VAL A 197 -20.80 8.70 -12.94
C VAL A 197 -22.26 8.64 -13.43
N VAL A 198 -22.50 7.96 -14.55
CA VAL A 198 -23.85 7.79 -15.09
C VAL A 198 -24.11 6.33 -15.50
N ALA A 199 -25.12 5.72 -14.89
CA ALA A 199 -25.53 4.36 -15.24
C ALA A 199 -26.40 4.34 -16.48
N ASP A 200 -26.21 3.31 -17.31
CA ASP A 200 -27.10 3.05 -18.43
C ASP A 200 -28.48 2.77 -17.86
N GLY A 201 -29.50 3.38 -18.45
CA GLY A 201 -30.88 3.15 -18.00
C GLY A 201 -31.27 3.95 -16.78
N TRP A 202 -30.51 5.00 -16.47
CA TRP A 202 -30.85 5.86 -15.33
C TRP A 202 -32.18 6.57 -15.56
N GLN A 203 -32.51 6.81 -16.84
CA GLN A 203 -33.78 7.45 -17.20
C GLN A 203 -34.95 6.55 -16.82
N LYS A 204 -34.79 5.25 -17.01
CA LYS A 204 -35.80 4.27 -16.61
C LYS A 204 -35.92 4.18 -15.08
N ALA A 205 -34.79 4.29 -14.40
CA ALA A 205 -34.78 4.37 -12.95
C ALA A 205 -35.50 5.64 -12.47
N ALA A 206 -35.21 6.77 -13.12
CA ALA A 206 -35.89 8.04 -12.83
C ALA A 206 -37.41 7.97 -13.06
N ASP A 207 -37.82 7.24 -14.09
CA ASP A 207 -39.24 7.00 -14.35
C ASP A 207 -39.89 6.12 -13.27
N GLN A 208 -39.14 5.17 -12.74
CA GLN A 208 -39.63 4.35 -11.63
C GLN A 208 -39.78 5.19 -10.36
N ALA A 209 -38.91 6.18 -10.20
CA ALA A 209 -38.99 7.14 -9.09
C ALA A 209 -40.23 8.04 -9.23
N ALA A 210 -40.55 8.43 -10.46
CA ALA A 210 -41.74 9.24 -10.71
C ALA A 210 -43.01 8.46 -10.38
N ALA A 211 -43.03 7.18 -10.72
CA ALA A 211 -44.17 6.30 -10.40
C ALA A 211 -44.34 6.13 -8.90
N LEU A 212 -43.24 6.06 -8.15
CA LEU A 212 -43.32 6.05 -6.69
C LEU A 212 -43.85 7.37 -6.15
N LEU A 213 -43.44 8.48 -6.76
CA LEU A 213 -43.92 9.81 -6.36
C LEU A 213 -45.43 9.99 -6.61
N ALA A 214 -45.92 9.46 -7.74
CA ALA A 214 -47.35 9.49 -8.05
C ALA A 214 -48.17 8.83 -6.94
N GLU A 215 -47.69 7.69 -6.45
CA GLU A 215 -48.41 6.91 -5.44
C GLU A 215 -48.25 7.45 -4.02
N ALA A 216 -47.15 8.17 -3.77
CA ALA A 216 -46.84 8.67 -2.43
C ALA A 216 -47.77 9.80 -2.00
N LYS A 217 -48.17 9.77 -0.74
CA LYS A 217 -49.02 10.81 -0.15
C LYS A 217 -48.19 11.90 0.51
N HIS A 218 -47.08 11.49 1.13
CA HIS A 218 -46.23 12.42 1.87
C HIS A 218 -44.74 12.22 1.56
N PRO A 219 -44.30 12.63 0.35
CA PRO A 219 -42.89 12.50 0.01
C PRO A 219 -42.06 13.63 0.63
N VAL A 220 -40.75 13.43 0.71
CA VAL A 220 -39.80 14.50 1.06
C VAL A 220 -38.56 14.43 0.15
N LEU A 221 -37.94 15.59 -0.07
CA LEU A 221 -36.63 15.65 -0.69
C LEU A 221 -35.60 15.86 0.41
N VAL A 222 -34.65 14.92 0.51
CA VAL A 222 -33.53 15.06 1.44
C VAL A 222 -32.31 15.43 0.59
N VAL A 223 -31.88 16.69 0.71
CA VAL A 223 -30.90 17.27 -0.20
C VAL A 223 -29.51 17.34 0.43
N GLY A 224 -28.52 16.79 -0.27
CA GLY A 224 -27.13 16.85 0.15
C GLY A 224 -26.32 17.84 -0.68
N ALA A 225 -25.08 18.09 -0.24
CA ALA A 225 -24.19 19.07 -0.89
C ALA A 225 -23.86 18.77 -2.36
N ALA A 226 -23.87 17.50 -2.75
CA ALA A 226 -23.66 17.12 -4.14
C ALA A 226 -24.67 17.76 -5.11
N ALA A 227 -25.88 18.02 -4.63
CA ALA A 227 -26.91 18.72 -5.41
C ALA A 227 -26.52 20.17 -5.72
N ILE A 228 -25.84 20.80 -4.77
CA ILE A 228 -25.34 22.16 -4.95
C ILE A 228 -24.19 22.18 -5.98
N ARG A 229 -23.26 21.23 -5.87
CA ARG A 229 -22.13 21.10 -6.80
C ARG A 229 -22.59 20.91 -8.24
N SER A 230 -23.68 20.17 -8.41
CA SER A 230 -24.27 19.94 -9.72
C SER A 230 -24.96 21.17 -10.31
N GLY A 231 -25.13 22.21 -9.50
CA GLY A 231 -25.84 23.43 -9.92
C GLY A 231 -27.36 23.25 -9.96
N ALA A 232 -27.88 22.40 -9.08
CA ALA A 232 -29.27 21.97 -9.14
C ALA A 232 -30.21 22.67 -8.14
N VAL A 233 -29.71 23.66 -7.41
CA VAL A 233 -30.52 24.32 -6.37
C VAL A 233 -31.82 24.98 -6.93
N PRO A 234 -31.70 25.89 -7.93
CA PRO A 234 -32.94 26.46 -8.51
C PRO A 234 -33.92 25.41 -9.06
N ALA A 235 -33.40 24.38 -9.73
CA ALA A 235 -34.24 23.31 -10.29
C ALA A 235 -34.96 22.49 -9.21
N ILE A 236 -34.25 22.14 -8.13
CA ILE A 236 -34.86 21.44 -7.01
C ILE A 236 -35.95 22.30 -6.36
N ARG A 237 -35.66 23.58 -6.17
CA ARG A 237 -36.61 24.53 -5.59
C ARG A 237 -37.91 24.65 -6.42
N ALA A 238 -37.75 24.72 -7.73
CA ALA A 238 -38.91 24.83 -8.64
C ALA A 238 -39.77 23.57 -8.63
N LEU A 239 -39.11 22.41 -8.54
CA LEU A 239 -39.78 21.13 -8.42
C LEU A 239 -40.55 21.02 -7.11
N ALA A 240 -39.89 21.38 -6.01
CA ALA A 240 -40.48 21.27 -4.67
C ALA A 240 -41.69 22.19 -4.56
N GLU A 241 -41.54 23.41 -5.07
CA GLU A 241 -42.60 24.42 -5.03
C GLU A 241 -43.84 23.98 -5.83
N ARG A 242 -43.62 23.48 -7.04
CA ARG A 242 -44.71 23.03 -7.91
C ARG A 242 -45.52 21.88 -7.28
N LEU A 243 -44.81 20.92 -6.70
CA LEU A 243 -45.46 19.72 -6.18
C LEU A 243 -45.72 19.73 -4.68
N ASN A 244 -45.32 20.82 -4.02
CA ASN A 244 -45.54 20.99 -2.58
C ASN A 244 -44.79 19.93 -1.75
N ILE A 245 -43.55 19.65 -2.16
CA ILE A 245 -42.73 18.63 -1.48
C ILE A 245 -41.73 19.31 -0.52
N PRO A 246 -41.81 18.96 0.78
CA PRO A 246 -40.86 19.52 1.77
C PRO A 246 -39.41 19.22 1.42
N VAL A 247 -38.52 20.16 1.74
CA VAL A 247 -37.09 19.98 1.54
C VAL A 247 -36.38 19.90 2.91
N ILE A 248 -35.73 18.76 3.14
CA ILE A 248 -34.95 18.51 4.34
C ILE A 248 -33.49 18.41 3.90
N THR A 249 -32.57 18.92 4.72
CA THR A 249 -31.15 18.99 4.32
C THR A 249 -30.17 18.33 5.27
N THR A 250 -28.98 18.05 4.74
CA THR A 250 -27.78 17.74 5.54
C THR A 250 -27.27 19.06 6.15
N TYR A 251 -26.20 19.00 6.96
CA TYR A 251 -25.66 20.21 7.63
C TYR A 251 -25.35 21.35 6.67
N ILE A 252 -24.62 21.07 5.60
CA ILE A 252 -24.15 22.17 4.75
C ILE A 252 -25.02 22.43 3.53
N ALA A 253 -26.06 21.63 3.35
CA ALA A 253 -27.10 21.94 2.36
C ALA A 253 -28.18 22.88 2.93
N LYS A 254 -28.01 23.29 4.20
CA LYS A 254 -28.83 24.37 4.75
C LYS A 254 -28.74 25.59 3.84
N GLY A 255 -29.89 26.18 3.54
CA GLY A 255 -29.95 27.37 2.69
C GLY A 255 -30.25 27.12 1.23
N VAL A 256 -30.51 25.87 0.85
CA VAL A 256 -30.98 25.58 -0.52
C VAL A 256 -32.38 26.19 -0.76
N LEU A 257 -33.10 26.44 0.34
CA LEU A 257 -34.27 27.31 0.32
C LEU A 257 -34.01 28.46 1.30
N PRO A 258 -34.57 29.65 1.03
CA PRO A 258 -34.35 30.78 1.95
C PRO A 258 -34.95 30.54 3.34
N VAL A 259 -34.48 31.30 4.33
CA VAL A 259 -35.07 31.28 5.66
C VAL A 259 -36.53 31.72 5.54
N GLY A 260 -37.43 30.98 6.15
CA GLY A 260 -38.84 31.34 6.13
C GLY A 260 -39.65 30.73 5.00
N HIS A 261 -38.98 30.10 4.02
CA HIS A 261 -39.68 29.37 2.96
C HIS A 261 -40.52 28.26 3.58
N GLU A 262 -41.78 28.15 3.15
CA GLU A 262 -42.70 27.19 3.75
C GLU A 262 -42.26 25.73 3.64
N LEU A 263 -41.48 25.43 2.60
CA LEU A 263 -40.99 24.07 2.34
C LEU A 263 -39.62 23.77 2.97
N ASN A 264 -39.09 24.79 3.65
CA ASN A 264 -37.84 24.67 4.39
C ASN A 264 -38.12 23.94 5.72
N TYR A 265 -38.00 22.62 5.68
CA TYR A 265 -38.32 21.79 6.85
C TYR A 265 -37.12 21.57 7.78
N GLY A 266 -35.97 22.14 7.42
CA GLY A 266 -34.82 22.16 8.32
C GLY A 266 -33.76 21.10 8.01
N ALA A 267 -32.67 21.16 8.77
CA ALA A 267 -31.59 20.18 8.64
C ALA A 267 -31.77 19.05 9.65
N VAL A 268 -31.18 17.90 9.35
CA VAL A 268 -31.19 16.76 10.25
C VAL A 268 -29.82 16.62 10.91
N THR A 269 -29.83 16.33 12.20
CA THR A 269 -28.64 15.85 12.90
C THR A 269 -29.07 14.74 13.87
N GLY A 270 -28.26 13.69 13.95
CA GLY A 270 -28.51 12.60 14.90
C GLY A 270 -28.66 13.04 16.34
N TYR A 271 -28.13 14.22 16.65
CA TYR A 271 -28.16 14.79 18.01
C TYR A 271 -29.44 15.56 18.35
N MSE A 272 -30.34 15.71 17.37
CA MSE A 272 -31.46 16.64 17.51
C MSE A 272 -32.49 16.28 18.61
O MSE A 272 -32.99 17.17 19.30
CB MSE A 272 -32.15 16.90 16.17
CG MSE A 272 -32.94 15.75 15.58
SE MSE A 272 -33.39 16.09 13.70
CE MSE A 272 -34.28 17.82 13.90
N ASP A 273 -32.79 14.98 18.76
CA ASP A 273 -33.75 14.54 19.79
C ASP A 273 -33.21 14.80 21.19
N GLY A 274 -31.94 14.50 21.41
CA GLY A 274 -31.28 14.73 22.69
C GLY A 274 -31.11 16.19 23.06
N ILE A 275 -30.82 17.02 22.06
CA ILE A 275 -30.67 18.46 22.28
C ILE A 275 -32.01 19.14 22.56
N LEU A 276 -33.01 18.82 21.73
CA LEU A 276 -34.32 19.45 21.84
C LEU A 276 -35.19 18.84 22.95
N ASN A 277 -34.78 17.68 23.45
CA ASN A 277 -35.59 16.90 24.41
C ASN A 277 -37.00 16.74 23.86
N PHE A 278 -37.09 16.19 22.65
CA PHE A 278 -38.31 16.20 21.84
C PHE A 278 -38.18 15.09 20.79
N PRO A 279 -39.30 14.43 20.43
CA PRO A 279 -39.23 13.43 19.34
C PRO A 279 -39.12 14.10 17.96
N ALA A 280 -38.00 14.77 17.71
CA ALA A 280 -37.79 15.57 16.52
C ALA A 280 -37.74 14.72 15.24
N LEU A 281 -36.97 13.62 15.28
CA LEU A 281 -36.83 12.75 14.10
C LEU A 281 -38.17 12.11 13.74
N GLN A 282 -38.90 11.70 14.78
CA GLN A 282 -40.25 11.16 14.61
CA GLN A 282 -40.25 11.16 14.63
C GLN A 282 -41.17 12.18 13.94
N THR A 283 -41.18 13.41 14.45
CA THR A 283 -41.98 14.49 13.87
C THR A 283 -41.62 14.72 12.39
N MSE A 284 -40.32 14.74 12.11
CA MSE A 284 -39.82 14.99 10.76
CA MSE A 284 -39.82 14.98 10.76
C MSE A 284 -40.23 13.90 9.78
O MSE A 284 -40.64 14.19 8.66
CB MSE A 284 -38.30 15.14 10.79
CB MSE A 284 -38.29 15.07 10.75
CG MSE A 284 -37.70 15.65 9.49
CG MSE A 284 -37.71 16.26 11.46
SE MSE A 284 -38.01 17.56 9.25
SE MSE A 284 -35.98 16.73 10.73
CE MSE A 284 -36.51 18.24 10.29
CE MSE A 284 -36.57 17.79 9.21
N PHE A 285 -40.10 12.64 10.19
CA PHE A 285 -40.19 11.52 9.26
C PHE A 285 -41.34 10.52 9.43
N ALA A 286 -41.98 10.46 10.60
CA ALA A 286 -42.95 9.38 10.87
C ALA A 286 -44.05 9.13 9.81
N PRO A 287 -44.74 10.20 9.34
CA PRO A 287 -45.79 9.99 8.33
C PRO A 287 -45.32 9.96 6.87
N VAL A 288 -44.03 10.20 6.65
CA VAL A 288 -43.45 10.22 5.31
C VAL A 288 -43.50 8.82 4.72
N ASP A 289 -43.92 8.71 3.45
CA ASP A 289 -43.96 7.40 2.78
C ASP A 289 -42.95 7.26 1.63
N LEU A 290 -42.28 8.34 1.28
CA LEU A 290 -41.26 8.33 0.21
C LEU A 290 -40.14 9.33 0.50
N VAL A 291 -38.92 8.82 0.59
CA VAL A 291 -37.75 9.65 0.83
C VAL A 291 -36.87 9.65 -0.41
N LEU A 292 -36.71 10.82 -1.02
CA LEU A 292 -35.83 10.97 -2.16
C LEU A 292 -34.56 11.65 -1.68
N THR A 293 -33.48 10.86 -1.60
CA THR A 293 -32.19 11.39 -1.18
C THR A 293 -31.46 11.91 -2.41
N VAL A 294 -31.54 13.23 -2.59
CA VAL A 294 -31.07 13.91 -3.79
C VAL A 294 -29.64 14.36 -3.56
N GLY A 295 -28.70 13.72 -4.26
CA GLY A 295 -27.28 13.97 -4.05
C GLY A 295 -26.79 13.33 -2.77
N TYR A 296 -27.24 12.11 -2.50
CA TYR A 296 -26.93 11.41 -1.25
C TYR A 296 -25.45 11.08 -1.09
N ASP A 297 -24.95 11.33 0.12
CA ASP A 297 -23.58 11.00 0.49
C ASP A 297 -23.55 10.63 1.98
N TYR A 298 -23.25 9.37 2.26
CA TYR A 298 -23.20 8.83 3.63
C TYR A 298 -22.24 9.60 4.53
N ALA A 299 -21.15 10.12 3.95
CA ALA A 299 -20.16 10.90 4.69
C ALA A 299 -20.75 12.10 5.41
N GLU A 300 -21.80 12.69 4.83
CA GLU A 300 -22.49 13.84 5.44
C GLU A 300 -23.21 13.49 6.75
N ASP A 301 -23.36 12.19 7.01
CA ASP A 301 -23.83 11.65 8.29
C ASP A 301 -25.33 11.84 8.55
N LEU A 302 -26.09 12.01 7.48
CA LEU A 302 -27.53 11.79 7.53
C LEU A 302 -27.74 10.35 7.07
N ARG A 303 -27.90 9.46 8.05
CA ARG A 303 -27.95 8.03 7.84
C ARG A 303 -29.38 7.53 7.70
N PRO A 304 -29.58 6.42 6.95
CA PRO A 304 -30.90 5.80 6.82
C PRO A 304 -31.67 5.62 8.14
N SER A 305 -30.97 5.24 9.20
CA SER A 305 -31.61 5.03 10.51
C SER A 305 -32.31 6.28 11.04
N MSE A 306 -31.90 7.44 10.57
CA MSE A 306 -32.48 8.70 11.02
C MSE A 306 -33.84 8.99 10.39
O MSE A 306 -34.71 9.59 11.05
CB MSE A 306 -31.50 9.85 10.77
CG MSE A 306 -30.27 9.72 11.63
SE MSE A 306 -28.91 11.00 11.21
CE MSE A 306 -27.44 10.22 12.22
N TRP A 307 -34.04 8.55 9.15
CA TRP A 307 -35.34 8.74 8.49
C TRP A 307 -36.27 7.53 8.65
N GLN A 308 -35.73 6.42 9.16
CA GLN A 308 -36.52 5.21 9.34
C GLN A 308 -37.33 5.29 10.63
N LYS A 309 -38.30 6.21 10.62
CA LYS A 309 -39.18 6.48 11.76
C LYS A 309 -40.62 6.28 11.31
N GLY A 310 -41.45 5.71 12.19
CA GLY A 310 -42.87 5.54 11.92
C GLY A 310 -43.15 4.52 10.83
N ILE A 311 -43.96 4.92 9.84
CA ILE A 311 -44.38 3.99 8.79
C ILE A 311 -43.22 3.60 7.88
N GLU A 312 -43.37 2.48 7.18
CA GLU A 312 -42.37 2.04 6.21
C GLU A 312 -42.35 2.98 5.02
N LYS A 313 -41.15 3.28 4.53
CA LYS A 313 -40.96 4.20 3.42
C LYS A 313 -40.31 3.51 2.23
N LYS A 314 -40.63 3.97 1.04
CA LYS A 314 -39.84 3.69 -0.15
C LYS A 314 -38.73 4.74 -0.23
N THR A 315 -37.62 4.39 -0.86
CA THR A 315 -36.49 5.30 -1.00
C THR A 315 -35.99 5.39 -2.44
N VAL A 316 -35.59 6.60 -2.83
CA VAL A 316 -34.92 6.83 -4.10
C VAL A 316 -33.58 7.51 -3.82
N ARG A 317 -32.50 6.88 -4.29
CA ARG A 317 -31.17 7.46 -4.21
C ARG A 317 -30.87 8.12 -5.55
N ILE A 318 -30.46 9.39 -5.51
CA ILE A 318 -29.94 10.04 -6.72
C ILE A 318 -28.53 10.51 -6.41
N SER A 319 -27.54 10.00 -7.15
CA SER A 319 -26.15 10.40 -6.94
C SER A 319 -25.32 10.20 -8.21
N PRO A 320 -24.35 11.11 -8.46
CA PRO A 320 -23.41 10.90 -9.57
C PRO A 320 -22.27 9.93 -9.19
N THR A 321 -22.58 8.93 -8.36
CA THR A 321 -21.66 7.87 -7.96
C THR A 321 -22.44 6.58 -7.79
N VAL A 322 -21.78 5.46 -8.04
CA VAL A 322 -22.32 4.13 -7.70
C VAL A 322 -22.39 4.01 -6.18
N ASN A 323 -23.44 3.35 -5.67
CA ASN A 323 -23.67 3.23 -4.23
C ASN A 323 -22.51 2.50 -3.54
N PRO A 324 -21.74 3.21 -2.68
CA PRO A 324 -20.61 2.55 -2.03
C PRO A 324 -20.97 1.75 -0.79
N ILE A 325 -22.21 1.90 -0.30
CA ILE A 325 -22.60 1.31 0.98
C ILE A 325 -23.90 0.48 0.94
N PRO A 326 -23.98 -0.52 0.04
CA PRO A 326 -25.21 -1.35 0.00
C PRO A 326 -25.48 -2.09 1.32
N ARG A 327 -24.47 -2.24 2.17
CA ARG A 327 -24.67 -2.86 3.49
C ARG A 327 -25.64 -2.03 4.34
N VAL A 328 -25.58 -0.71 4.14
CA VAL A 328 -26.28 0.26 4.98
C VAL A 328 -27.53 0.83 4.28
N TYR A 329 -27.38 1.13 3.00
CA TYR A 329 -28.45 1.77 2.22
C TYR A 329 -28.71 1.00 0.94
N ARG A 330 -29.88 0.37 0.87
CA ARG A 330 -30.35 -0.29 -0.34
C ARG A 330 -31.61 0.40 -0.81
N PRO A 331 -31.47 1.47 -1.60
CA PRO A 331 -32.65 2.20 -2.03
C PRO A 331 -33.54 1.33 -2.91
N ASP A 332 -34.84 1.57 -2.85
CA ASP A 332 -35.79 0.90 -3.74
C ASP A 332 -35.50 1.19 -5.20
N VAL A 333 -35.13 2.43 -5.47
CA VAL A 333 -34.74 2.89 -6.80
C VAL A 333 -33.42 3.64 -6.66
N ASP A 334 -32.41 3.23 -7.42
CA ASP A 334 -31.10 3.88 -7.39
C ASP A 334 -30.87 4.53 -8.74
N VAL A 335 -30.80 5.86 -8.75
CA VAL A 335 -30.62 6.63 -9.98
C VAL A 335 -29.21 7.21 -9.99
N VAL A 336 -28.33 6.58 -10.76
CA VAL A 336 -26.93 6.98 -10.83
C VAL A 336 -26.75 7.90 -12.03
N THR A 337 -26.67 9.20 -11.75
CA THR A 337 -26.59 10.23 -12.77
C THR A 337 -26.27 11.58 -12.15
N ASP A 338 -26.06 12.58 -12.99
CA ASP A 338 -25.88 13.96 -12.54
C ASP A 338 -27.18 14.47 -11.91
N VAL A 339 -27.08 15.15 -10.77
CA VAL A 339 -28.27 15.57 -10.03
C VAL A 339 -29.16 16.48 -10.88
N LEU A 340 -28.55 17.47 -11.53
CA LEU A 340 -29.32 18.39 -12.40
C LEU A 340 -29.99 17.65 -13.55
N ALA A 341 -29.28 16.69 -14.14
CA ALA A 341 -29.84 15.88 -15.23
C ALA A 341 -31.07 15.11 -14.76
N PHE A 342 -30.98 14.55 -13.55
CA PHE A 342 -32.11 13.86 -12.95
C PHE A 342 -33.32 14.79 -12.74
N VAL A 343 -33.08 15.95 -12.15
CA VAL A 343 -34.18 16.86 -11.82
C VAL A 343 -34.89 17.32 -13.10
N GLU A 344 -34.12 17.60 -14.16
CA GLU A 344 -34.68 18.00 -15.44
C GLU A 344 -35.52 16.90 -16.10
N HIS A 345 -35.08 15.65 -15.97
CA HIS A 345 -35.83 14.50 -16.48
C HIS A 345 -37.09 14.24 -15.64
N PHE A 346 -36.92 14.34 -14.33
CA PHE A 346 -38.00 14.17 -13.35
C PHE A 346 -39.08 15.22 -13.53
N GLU A 347 -38.69 16.44 -13.90
CA GLU A 347 -39.64 17.51 -14.18
C GLU A 347 -40.58 17.11 -15.34
N THR A 348 -40.00 16.59 -16.42
CA THR A 348 -40.78 16.13 -17.58
C THR A 348 -41.71 14.97 -17.20
N ALA A 349 -41.18 14.02 -16.43
CA ALA A 349 -41.92 12.82 -16.04
C ALA A 349 -43.10 13.11 -15.08
N THR A 350 -42.97 14.19 -14.31
CA THR A 350 -43.95 14.52 -13.28
C THR A 350 -44.73 15.81 -13.59
N ALA A 351 -44.65 16.27 -14.84
CA ALA A 351 -45.26 17.55 -15.23
C ALA A 351 -46.77 17.65 -14.99
N SER A 352 -47.46 16.51 -15.08
CA SER A 352 -48.93 16.49 -14.98
C SER A 352 -49.43 16.09 -13.58
N PHE A 353 -48.48 15.81 -12.67
CA PHE A 353 -48.81 15.38 -11.31
C PHE A 353 -49.48 16.52 -10.54
N GLY A 354 -50.44 16.16 -9.69
CA GLY A 354 -51.03 17.11 -8.77
C GLY A 354 -50.11 17.33 -7.60
N ALA A 355 -50.13 18.55 -7.05
CA ALA A 355 -49.36 18.87 -5.86
C ALA A 355 -49.73 17.94 -4.71
N LYS A 356 -48.76 17.65 -3.85
CA LYS A 356 -48.97 16.74 -2.72
C LYS A 356 -49.55 17.48 -1.52
N GLN A 357 -50.13 16.73 -0.58
CA GLN A 357 -50.48 17.26 0.72
C GLN A 357 -49.30 16.97 1.65
N ARG A 358 -48.46 17.97 1.90
CA ARG A 358 -47.30 17.77 2.76
C ARG A 358 -47.69 17.60 4.23
N HIS A 359 -46.86 16.85 4.95
CA HIS A 359 -47.10 16.52 6.34
C HIS A 359 -46.73 17.66 7.30
N ASP A 360 -47.17 17.51 8.54
CA ASP A 360 -47.05 18.53 9.57
C ASP A 360 -45.78 18.36 10.40
N ILE A 361 -44.99 19.42 10.50
CA ILE A 361 -43.85 19.45 11.44
C ILE A 361 -43.89 20.64 12.38
N GLU A 362 -45.04 21.31 12.45
CA GLU A 362 -45.19 22.50 13.29
C GLU A 362 -44.81 22.33 14.76
N PRO A 363 -45.11 21.16 15.38
CA PRO A 363 -44.63 20.95 16.75
C PRO A 363 -43.11 21.01 16.89
N LEU A 364 -42.39 20.50 15.89
CA LEU A 364 -40.92 20.61 15.86
C LEU A 364 -40.46 22.04 15.58
N ARG A 365 -41.10 22.70 14.62
CA ARG A 365 -40.79 24.11 14.34
C ARG A 365 -41.00 24.99 15.59
N ALA A 366 -42.08 24.72 16.32
CA ALA A 366 -42.40 25.46 17.55
C ALA A 366 -41.35 25.20 18.62
N ARG A 367 -40.91 23.94 18.74
CA ARG A 367 -39.90 23.56 19.73
C ARG A 367 -38.55 24.24 19.43
N ILE A 368 -38.17 24.27 18.16
CA ILE A 368 -36.96 24.98 17.74
C ILE A 368 -37.05 26.49 18.03
N ALA A 369 -38.18 27.09 17.70
CA ALA A 369 -38.42 28.52 17.99
C ALA A 369 -38.37 28.84 19.48
N GLU A 370 -38.88 27.93 20.29
CA GLU A 370 -38.89 28.05 21.75
C GLU A 370 -37.47 28.12 22.32
N PHE A 371 -36.58 27.27 21.79
CA PHE A 371 -35.17 27.30 22.18
C PHE A 371 -34.52 28.62 21.80
N LEU A 372 -34.70 29.05 20.55
CA LEU A 372 -34.15 30.32 20.09
C LEU A 372 -34.60 31.52 20.92
N ALA A 373 -35.85 31.49 21.37
CA ALA A 373 -36.43 32.62 22.12
C ALA A 373 -36.22 32.53 23.64
N ASP A 374 -35.57 31.46 24.10
CA ASP A 374 -35.31 31.22 25.54
C ASP A 374 -34.89 32.49 26.29
N PRO A 375 -35.77 33.01 27.17
CA PRO A 375 -35.50 34.25 27.90
C PRO A 375 -34.85 34.06 29.28
N GLU A 376 -34.59 32.80 29.66
CA GLU A 376 -34.03 32.52 30.99
C GLU A 376 -32.61 33.05 31.16
N THR A 377 -32.32 33.53 32.37
CA THR A 377 -30.96 33.86 32.77
C THR A 377 -30.46 32.71 33.65
N TYR A 378 -29.37 32.09 33.21
CA TYR A 378 -28.80 30.94 33.91
C TYR A 378 -27.65 31.38 34.82
N GLU A 379 -27.45 30.63 35.89
CA GLU A 379 -26.44 30.97 36.89
C GLU A 379 -25.04 30.68 36.39
N ASP A 380 -24.94 29.72 35.47
CA ASP A 380 -23.67 29.23 34.99
C ASP A 380 -23.46 29.50 33.50
N GLY A 381 -23.44 30.78 33.13
CA GLY A 381 -23.20 31.18 31.73
C GLY A 381 -24.42 31.11 30.84
N MSE A 382 -24.24 31.43 29.57
CA MSE A 382 -25.34 31.39 28.60
C MSE A 382 -25.62 29.96 28.11
O MSE A 382 -24.88 29.04 28.44
CB MSE A 382 -25.02 32.29 27.40
CG MSE A 382 -24.94 33.79 27.74
SE MSE A 382 -24.83 34.94 26.18
CE MSE A 382 -26.59 34.60 25.39
N ARG A 383 -26.70 29.80 27.35
CA ARG A 383 -26.96 28.54 26.66
C ARG A 383 -26.69 28.75 25.17
N VAL A 384 -26.22 27.70 24.49
CA VAL A 384 -25.74 27.84 23.11
C VAL A 384 -26.84 28.28 22.13
N HIS A 385 -28.06 27.79 22.33
CA HIS A 385 -29.18 28.21 21.49
C HIS A 385 -29.49 29.72 21.63
N GLN A 386 -29.23 30.29 22.81
CA GLN A 386 -29.36 31.74 23.04
C GLN A 386 -28.25 32.49 22.30
N VAL A 387 -27.04 31.93 22.31
CA VAL A 387 -25.91 32.49 21.58
C VAL A 387 -26.22 32.57 20.09
N ILE A 388 -26.69 31.46 19.53
CA ILE A 388 -26.97 31.38 18.10
C ILE A 388 -28.14 32.31 17.69
N ASP A 389 -29.17 32.37 18.53
CA ASP A 389 -30.26 33.32 18.29
C ASP A 389 -29.74 34.75 18.14
N SER A 390 -28.82 35.15 19.02
CA SER A 390 -28.20 36.48 18.97
C SER A 390 -27.38 36.68 17.70
N MSE A 391 -26.64 35.64 17.32
CA MSE A 391 -25.86 35.67 16.08
C MSE A 391 -26.75 35.80 14.86
O MSE A 391 -26.41 36.56 13.95
CB MSE A 391 -24.96 34.43 15.97
CG MSE A 391 -23.89 34.32 17.05
SE MSE A 391 -22.87 32.65 16.89
CE MSE A 391 -21.88 33.08 15.27
N ASN A 392 -27.86 35.05 14.83
CA ASN A 392 -28.83 35.13 13.72
C ASN A 392 -29.40 36.55 13.58
N THR A 393 -29.78 37.15 14.71
CA THR A 393 -30.33 38.51 14.74
C THR A 393 -29.38 39.49 14.05
N VAL A 394 -28.11 39.48 14.45
CA VAL A 394 -27.13 40.43 13.92
C VAL A 394 -26.71 40.09 12.50
N MSE A 395 -26.60 38.80 12.18
CA MSE A 395 -26.34 38.37 10.81
C MSE A 395 -27.43 38.91 9.86
O MSE A 395 -27.11 39.43 8.80
CB MSE A 395 -26.23 36.85 10.72
CG MSE A 395 -26.02 36.29 9.30
SE MSE A 395 -24.50 37.05 8.35
CE MSE A 395 -23.07 36.17 9.33
N GLU A 396 -28.70 38.78 10.25
CA GLU A 396 -29.82 39.27 9.43
C GLU A 396 -29.74 40.79 9.23
N GLU A 397 -29.29 41.50 10.26
CA GLU A 397 -29.10 42.95 10.18
C GLU A 397 -27.94 43.35 9.26
N ALA A 398 -26.83 42.60 9.35
CA ALA A 398 -25.58 42.96 8.67
C ALA A 398 -25.53 42.57 7.18
N ALA A 399 -26.18 41.46 6.86
CA ALA A 399 -26.11 40.87 5.53
C ALA A 399 -27.24 41.33 4.62
N GLU A 400 -26.93 41.42 3.33
CA GLU A 400 -27.92 41.58 2.29
C GLU A 400 -28.77 40.32 2.22
N PRO A 401 -30.03 40.44 1.73
CA PRO A 401 -30.85 39.25 1.51
C PRO A 401 -30.09 38.21 0.69
N GLY A 402 -30.13 36.96 1.14
CA GLY A 402 -29.47 35.86 0.43
C GLY A 402 -27.97 35.86 0.56
N GLU A 403 -27.43 36.59 1.53
CA GLU A 403 -25.98 36.67 1.72
C GLU A 403 -25.57 36.38 3.17
N GLY A 404 -24.27 36.32 3.42
CA GLY A 404 -23.74 36.06 4.75
C GLY A 404 -23.38 34.59 4.97
N THR A 405 -22.40 34.36 5.84
CA THR A 405 -21.98 33.00 6.19
C THR A 405 -21.80 32.87 7.68
N ILE A 406 -22.42 31.84 8.27
CA ILE A 406 -22.11 31.42 9.62
C ILE A 406 -21.31 30.11 9.55
N VAL A 407 -20.12 30.15 10.15
CA VAL A 407 -19.19 29.01 10.16
C VAL A 407 -19.22 28.37 11.55
N SER A 408 -19.21 27.04 11.59
CA SER A 408 -19.11 26.34 12.85
C SER A 408 -17.91 25.40 12.87
N ASP A 409 -17.12 25.51 13.93
CA ASP A 409 -16.12 24.50 14.28
C ASP A 409 -16.86 23.24 14.77
N ILE A 410 -16.13 22.30 15.36
CA ILE A 410 -16.69 21.00 15.73
C ILE A 410 -16.83 20.84 17.26
N GLY A 411 -17.92 20.19 17.69
CA GLY A 411 -18.22 20.00 19.10
C GLY A 411 -19.71 19.84 19.34
N PHE A 412 -20.11 19.78 20.60
CA PHE A 412 -21.54 19.68 20.93
C PHE A 412 -22.32 20.87 20.35
N PHE A 413 -21.78 22.07 20.53
CA PHE A 413 -22.37 23.33 20.05
C PHE A 413 -22.64 23.32 18.55
N ARG A 414 -21.86 22.54 17.80
CA ARG A 414 -21.99 22.51 16.33
C ARG A 414 -23.37 22.02 15.90
N HIS A 415 -23.89 21.05 16.65
CA HIS A 415 -25.20 20.50 16.36
C HIS A 415 -26.35 21.43 16.74
N TYR A 416 -26.10 22.32 17.70
CA TYR A 416 -26.97 23.48 17.93
C TYR A 416 -26.94 24.38 16.68
N GLY A 417 -25.76 24.59 16.10
CA GLY A 417 -25.64 25.34 14.85
C GLY A 417 -26.48 24.74 13.73
N VAL A 418 -26.41 23.42 13.57
CA VAL A 418 -27.19 22.72 12.57
C VAL A 418 -28.69 23.02 12.74
N LEU A 419 -29.17 22.95 13.98
CA LEU A 419 -30.58 23.18 14.28
C LEU A 419 -31.00 24.65 14.21
N PHE A 420 -30.12 25.53 14.67
CA PHE A 420 -30.53 26.91 14.99
C PHE A 420 -29.95 28.00 14.11
N ALA A 421 -28.83 27.74 13.43
CA ALA A 421 -28.16 28.80 12.66
C ALA A 421 -28.89 29.16 11.37
N ARG A 422 -29.01 30.46 11.16
CA ARG A 422 -29.57 31.06 9.96
C ARG A 422 -28.68 30.75 8.75
N ALA A 423 -29.31 30.32 7.66
CA ALA A 423 -28.64 30.09 6.37
C ALA A 423 -29.58 30.56 5.26
N ASP A 424 -29.24 31.67 4.62
CA ASP A 424 -30.13 32.28 3.60
C ASP A 424 -29.58 32.13 2.18
N GLN A 425 -28.65 31.19 1.99
CA GLN A 425 -28.10 30.85 0.67
C GLN A 425 -27.41 29.49 0.79
N PRO A 426 -27.19 28.79 -0.34
CA PRO A 426 -26.35 27.59 -0.28
C PRO A 426 -24.99 27.90 0.35
N PHE A 427 -24.55 27.02 1.24
CA PHE A 427 -23.33 27.19 2.04
C PHE A 427 -23.36 28.44 2.94
N GLY A 428 -24.57 28.89 3.30
CA GLY A 428 -24.74 29.98 4.27
C GLY A 428 -24.40 29.54 5.68
N PHE A 429 -24.50 28.24 5.93
CA PHE A 429 -23.99 27.63 7.15
C PHE A 429 -22.92 26.62 6.75
N LEU A 430 -21.70 26.87 7.19
CA LEU A 430 -20.55 26.05 6.81
C LEU A 430 -19.96 25.33 8.00
N THR A 431 -19.84 24.01 7.85
CA THR A 431 -19.16 23.19 8.83
C THR A 431 -18.60 21.96 8.10
N SER A 432 -17.79 21.18 8.81
CA SER A 432 -17.17 19.99 8.24
C SER A 432 -18.01 18.77 8.58
N ALA A 433 -18.79 18.28 7.63
CA ALA A 433 -19.71 17.17 7.90
C ALA A 433 -19.08 15.78 7.75
N GLY A 434 -18.14 15.63 6.83
CA GLY A 434 -17.51 14.34 6.55
C GLY A 434 -16.33 14.03 7.46
N CYS A 435 -15.43 15.00 7.62
CA CYS A 435 -14.21 14.82 8.38
C CYS A 435 -14.36 15.27 9.84
N SER A 436 -14.95 16.44 10.04
CA SER A 436 -15.25 16.97 11.38
C SER A 436 -14.03 17.08 12.30
N SER A 437 -12.93 17.62 11.78
CA SER A 437 -11.77 17.91 12.61
C SER A 437 -12.03 19.17 13.45
N PHE A 438 -11.79 19.08 14.76
CA PHE A 438 -11.79 20.30 15.56
C PHE A 438 -10.71 21.27 15.06
N GLY A 439 -10.89 22.56 15.28
CA GLY A 439 -9.98 23.57 14.74
C GLY A 439 -10.33 24.03 13.34
N TYR A 440 -11.35 23.41 12.76
CA TYR A 440 -11.87 23.69 11.41
C TYR A 440 -12.35 25.14 11.23
N GLY A 441 -12.83 25.74 12.31
CA GLY A 441 -13.50 27.03 12.28
C GLY A 441 -12.73 28.15 11.61
N ILE A 442 -11.56 28.48 12.16
CA ILE A 442 -10.74 29.57 11.64
C ILE A 442 -10.41 29.46 10.13
N PRO A 443 -9.82 28.33 9.68
CA PRO A 443 -9.55 28.23 8.23
C PRO A 443 -10.79 28.28 7.35
N ALA A 444 -11.90 27.71 7.80
CA ALA A 444 -13.15 27.74 7.04
C ALA A 444 -13.71 29.17 6.95
N ALA A 445 -13.57 29.93 8.04
CA ALA A 445 -13.98 31.34 8.05
C ALA A 445 -13.08 32.18 7.15
N ILE A 446 -11.77 31.87 7.11
CA ILE A 446 -10.83 32.50 6.19
C ILE A 446 -11.23 32.23 4.74
N GLY A 447 -11.46 30.96 4.42
CA GLY A 447 -11.88 30.56 3.07
C GLY A 447 -13.19 31.21 2.67
N ALA A 448 -14.15 31.21 3.61
CA ALA A 448 -15.48 31.79 3.36
C ALA A 448 -15.42 33.29 3.14
N GLN A 449 -14.69 34.01 4.00
CA GLN A 449 -14.54 35.46 3.87
C GLN A 449 -13.85 35.86 2.56
N MSE A 450 -12.84 35.08 2.16
CA MSE A 450 -12.15 35.35 0.90
C MSE A 450 -13.03 35.07 -0.33
O MSE A 450 -12.94 35.77 -1.35
CB MSE A 450 -10.84 34.57 0.83
CG MSE A 450 -9.78 35.13 1.78
SE MSE A 450 -8.13 34.08 1.83
CE MSE A 450 -7.54 34.35 0.00
N ALA A 451 -13.87 34.04 -0.24
CA ALA A 451 -14.80 33.68 -1.30
C ALA A 451 -15.93 34.71 -1.43
N ARG A 452 -16.28 35.33 -0.31
CA ARG A 452 -17.40 36.26 -0.25
C ARG A 452 -16.93 37.59 0.39
N PRO A 453 -16.04 38.33 -0.30
CA PRO A 453 -15.33 39.44 0.33
C PRO A 453 -16.22 40.56 0.87
N ASP A 454 -17.42 40.71 0.31
CA ASP A 454 -18.31 41.79 0.73
C ASP A 454 -19.51 41.33 1.56
N GLN A 455 -19.42 40.13 2.13
CA GLN A 455 -20.48 39.58 2.97
C GLN A 455 -19.97 39.38 4.39
N PRO A 456 -20.87 39.49 5.40
CA PRO A 456 -20.45 39.22 6.77
C PRO A 456 -20.15 37.74 6.95
N THR A 457 -19.09 37.46 7.72
CA THR A 457 -18.70 36.09 8.05
C THR A 457 -18.59 35.98 9.57
N PHE A 458 -19.44 35.14 10.15
CA PHE A 458 -19.40 34.87 11.58
C PHE A 458 -18.89 33.45 11.78
N LEU A 459 -18.15 33.25 12.86
CA LEU A 459 -17.68 31.93 13.26
C LEU A 459 -18.12 31.64 14.69
N ILE A 460 -18.70 30.47 14.91
CA ILE A 460 -18.86 29.95 16.26
C ILE A 460 -17.94 28.73 16.46
N ALA A 461 -17.24 28.73 17.60
CA ALA A 461 -16.33 27.63 17.97
C ALA A 461 -16.37 27.40 19.47
N GLY A 462 -16.09 26.17 19.89
CA GLY A 462 -16.02 25.83 21.32
C GLY A 462 -14.59 25.99 21.79
N ASP A 463 -14.37 26.04 23.11
CA ASP A 463 -13.03 26.21 23.66
C ASP A 463 -12.04 25.09 23.26
N GLY A 464 -12.51 23.85 23.24
CA GLY A 464 -11.67 22.70 22.86
C GLY A 464 -11.16 22.80 21.44
N GLY A 465 -12.09 22.83 20.49
CA GLY A 465 -11.75 22.93 19.07
C GLY A 465 -11.04 24.24 18.72
N PHE A 466 -11.56 25.36 19.21
CA PHE A 466 -10.96 26.64 18.89
C PHE A 466 -9.48 26.70 19.29
N HIS A 467 -9.18 26.27 20.52
CA HIS A 467 -7.82 26.36 21.01
C HIS A 467 -6.87 25.37 20.34
N SER A 468 -7.42 24.29 19.77
CA SER A 468 -6.61 23.33 19.00
C SER A 468 -5.92 23.98 17.81
N ASN A 469 -6.47 25.10 17.31
CA ASN A 469 -5.98 25.76 16.09
C ASN A 469 -6.08 27.30 16.19
N SER A 470 -5.94 27.82 17.41
CA SER A 470 -6.17 29.23 17.70
C SER A 470 -5.06 30.18 17.24
N SER A 471 -3.89 29.63 16.91
CA SER A 471 -2.74 30.46 16.52
C SER A 471 -2.94 31.18 15.20
N ASP A 472 -3.79 30.62 14.34
CA ASP A 472 -4.11 31.27 13.07
C ASP A 472 -5.05 32.50 13.21
N LEU A 473 -5.33 32.90 14.45
CA LEU A 473 -5.86 34.25 14.71
C LEU A 473 -4.93 35.33 14.14
N GLU A 474 -3.61 35.11 14.25
CA GLU A 474 -2.63 36.05 13.68
C GLU A 474 -2.79 36.16 12.17
N THR A 475 -3.11 35.03 11.51
CA THR A 475 -3.36 35.03 10.07
C THR A 475 -4.60 35.87 9.73
N ILE A 476 -5.66 35.73 10.52
CA ILE A 476 -6.87 36.54 10.34
C ILE A 476 -6.52 38.04 10.43
N ALA A 477 -5.77 38.41 11.45
CA ALA A 477 -5.29 39.78 11.64
C ALA A 477 -4.40 40.27 10.49
N ARG A 478 -3.45 39.42 10.07
CA ARG A 478 -2.50 39.75 9.01
C ARG A 478 -3.19 40.00 7.67
N LEU A 479 -4.15 39.14 7.32
CA LEU A 479 -4.92 39.29 6.09
C LEU A 479 -6.05 40.31 6.23
N ASN A 480 -6.26 40.77 7.48
CA ASN A 480 -7.31 41.73 7.82
C ASN A 480 -8.68 41.31 7.30
N LEU A 481 -9.05 40.06 7.61
CA LEU A 481 -10.37 39.54 7.24
C LEU A 481 -11.34 39.84 8.37
N PRO A 482 -12.41 40.61 8.07
CA PRO A 482 -13.31 41.10 9.11
C PRO A 482 -14.27 40.05 9.69
N ILE A 483 -13.71 38.86 9.99
CA ILE A 483 -14.47 37.76 10.58
C ILE A 483 -14.82 38.08 12.03
N VAL A 484 -16.07 37.81 12.41
CA VAL A 484 -16.49 37.92 13.81
C VAL A 484 -16.59 36.52 14.41
N THR A 485 -15.77 36.27 15.42
CA THR A 485 -15.69 34.97 16.07
C THR A 485 -16.36 34.99 17.44
N VAL A 486 -17.19 33.98 17.69
CA VAL A 486 -17.74 33.73 19.01
C VAL A 486 -17.16 32.41 19.54
N VAL A 487 -16.46 32.47 20.66
CA VAL A 487 -15.96 31.27 21.32
C VAL A 487 -16.87 30.95 22.49
N VAL A 488 -17.57 29.82 22.41
CA VAL A 488 -18.39 29.37 23.52
C VAL A 488 -17.57 28.45 24.44
N ASN A 489 -17.27 28.96 25.63
CA ASN A 489 -16.30 28.32 26.51
C ASN A 489 -16.96 27.64 27.70
N ASN A 490 -16.72 26.33 27.83
CA ASN A 490 -17.11 25.62 29.06
C ASN A 490 -15.96 24.84 29.70
N ASP A 491 -14.72 25.19 29.33
CA ASP A 491 -13.49 24.58 29.88
C ASP A 491 -13.47 23.06 29.75
N THR A 492 -14.07 22.55 28.67
CA THR A 492 -14.26 21.12 28.48
C THR A 492 -14.37 20.79 26.99
N ASN A 493 -13.89 19.61 26.62
CA ASN A 493 -14.33 18.97 25.39
C ASN A 493 -15.72 18.40 25.66
N GLY A 494 -16.73 19.26 25.57
CA GLY A 494 -18.08 18.93 26.04
C GLY A 494 -18.73 17.74 25.37
N LEU A 495 -18.63 17.69 24.04
CA LEU A 495 -19.12 16.55 23.26
C LEU A 495 -18.58 15.22 23.79
N ILE A 496 -17.33 15.23 24.21
CA ILE A 496 -16.68 14.00 24.67
C ILE A 496 -17.16 13.62 26.08
N GLU A 497 -17.40 14.61 26.93
CA GLU A 497 -18.02 14.33 28.23
C GLU A 497 -19.42 13.73 28.04
N LEU A 498 -20.14 14.18 27.02
CA LEU A 498 -21.43 13.58 26.69
C LEU A 498 -21.28 12.09 26.39
N TYR A 499 -20.32 11.75 25.52
CA TYR A 499 -20.09 10.34 25.17
C TYR A 499 -19.65 9.48 26.35
N GLN A 500 -18.86 10.06 27.27
CA GLN A 500 -18.52 9.37 28.51
C GLN A 500 -19.77 8.96 29.26
N ASN A 501 -20.72 9.89 29.39
CA ASN A 501 -21.96 9.65 30.10
C ASN A 501 -22.92 8.70 29.39
N ILE A 502 -22.96 8.79 28.07
CA ILE A 502 -23.72 7.84 27.26
C ILE A 502 -23.20 6.41 27.49
N GLY A 503 -21.89 6.24 27.43
CA GLY A 503 -21.28 4.92 27.54
C GLY A 503 -21.16 4.34 28.94
N HIS A 504 -20.91 5.21 29.92
CA HIS A 504 -20.51 4.79 31.27
C HIS A 504 -21.38 5.34 32.40
N HIS A 505 -22.29 6.26 32.06
CA HIS A 505 -23.15 6.95 33.05
C HIS A 505 -22.39 7.76 34.10
N ARG A 506 -21.21 8.23 33.72
CA ARG A 506 -20.40 9.14 34.54
C ARG A 506 -19.29 9.76 33.68
N SER A 507 -18.68 10.83 34.20
CA SER A 507 -17.58 11.52 33.54
C SER A 507 -16.24 11.07 34.10
N HIS A 508 -15.18 11.33 33.35
CA HIS A 508 -13.81 11.19 33.84
C HIS A 508 -13.03 12.41 33.38
N ASP A 509 -12.88 13.37 34.30
CA ASP A 509 -12.34 14.70 33.99
C ASP A 509 -10.94 14.73 33.33
N PRO A 510 -10.01 13.84 33.73
CA PRO A 510 -8.69 13.84 33.08
C PRO A 510 -8.71 13.68 31.55
N ALA A 511 -9.79 13.11 30.99
CA ALA A 511 -9.90 12.91 29.54
C ALA A 511 -10.62 14.05 28.80
N VAL A 512 -11.26 14.97 29.53
CA VAL A 512 -12.10 16.02 28.91
C VAL A 512 -11.94 17.45 29.44
N LYS A 513 -11.43 17.60 30.66
CA LYS A 513 -11.43 18.93 31.31
C LYS A 513 -10.16 19.73 31.11
N PHE A 514 -10.33 21.03 30.87
CA PHE A 514 -9.22 21.98 30.78
C PHE A 514 -9.24 22.95 31.96
N GLY A 515 -8.13 23.67 32.15
CA GLY A 515 -8.11 24.86 33.00
C GLY A 515 -8.58 26.08 32.21
N GLY A 516 -8.49 27.25 32.84
CA GLY A 516 -8.95 28.49 32.21
C GLY A 516 -8.06 29.01 31.09
N VAL A 517 -8.69 29.36 29.96
CA VAL A 517 -8.04 30.11 28.89
C VAL A 517 -8.85 31.37 28.68
N ASP A 518 -8.16 32.51 28.71
CA ASP A 518 -8.77 33.80 28.44
C ASP A 518 -8.69 34.06 26.94
N PHE A 519 -9.78 33.76 26.23
CA PHE A 519 -9.79 33.87 24.77
C PHE A 519 -9.79 35.31 24.30
N VAL A 520 -10.33 36.22 25.12
CA VAL A 520 -10.25 37.66 24.85
C VAL A 520 -8.79 38.12 24.83
N ALA A 521 -8.04 37.78 25.87
CA ALA A 521 -6.61 38.12 25.94
C ALA A 521 -5.82 37.40 24.86
N LEU A 522 -6.20 36.16 24.57
CA LEU A 522 -5.57 35.38 23.50
C LEU A 522 -5.67 36.09 22.15
N ALA A 523 -6.90 36.50 21.81
CA ALA A 523 -7.16 37.20 20.55
C ALA A 523 -6.36 38.51 20.46
N GLU A 524 -6.32 39.24 21.57
CA GLU A 524 -5.62 40.53 21.61
C GLU A 524 -4.11 40.37 21.47
N ALA A 525 -3.58 39.26 22.00
CA ALA A 525 -2.17 38.91 21.84
C ALA A 525 -1.81 38.70 20.37
N ASN A 526 -2.80 38.25 19.59
CA ASN A 526 -2.66 38.04 18.15
C ASN A 526 -2.98 39.28 17.31
N GLY A 527 -3.37 40.37 17.96
CA GLY A 527 -3.76 41.60 17.27
C GLY A 527 -5.21 41.61 16.80
N VAL A 528 -6.06 40.81 17.44
CA VAL A 528 -7.49 40.81 17.15
C VAL A 528 -8.25 41.39 18.33
N ASP A 529 -8.98 42.49 18.10
CA ASP A 529 -9.83 43.10 19.13
C ASP A 529 -10.86 42.09 19.65
N ALA A 530 -11.11 42.14 20.96
CA ALA A 530 -11.98 41.16 21.58
C ALA A 530 -12.70 41.69 22.82
N THR A 531 -13.78 41.00 23.19
CA THR A 531 -14.55 41.33 24.39
C THR A 531 -15.25 40.09 24.94
N ARG A 532 -15.58 40.13 26.24
CA ARG A 532 -16.34 39.08 26.89
C ARG A 532 -17.82 39.46 26.94
N ALA A 533 -18.71 38.50 26.66
CA ALA A 533 -20.15 38.72 26.74
C ALA A 533 -20.81 37.60 27.54
N THR A 534 -21.65 37.96 28.51
CA THR A 534 -22.20 36.99 29.45
C THR A 534 -23.73 36.90 29.46
N ASN A 535 -24.38 37.74 28.67
CA ASN A 535 -25.84 37.69 28.50
C ASN A 535 -26.26 38.15 27.10
N ARG A 536 -27.54 37.98 26.77
CA ARG A 536 -28.03 38.35 25.44
C ARG A 536 -27.72 39.80 25.09
N GLU A 537 -27.92 40.71 26.05
CA GLU A 537 -27.71 42.14 25.82
C GLU A 537 -26.27 42.43 25.42
N GLU A 538 -25.33 41.90 26.21
CA GLU A 538 -23.90 42.10 25.96
C GLU A 538 -23.47 41.46 24.65
N LEU A 539 -24.00 40.27 24.37
CA LEU A 539 -23.66 39.53 23.16
C LEU A 539 -24.13 40.27 21.90
N LEU A 540 -25.38 40.74 21.89
CA LEU A 540 -25.89 41.50 20.75
C LEU A 540 -25.06 42.75 20.48
N ALA A 541 -24.73 43.49 21.53
CA ALA A 541 -23.87 44.67 21.42
C ALA A 541 -22.48 44.34 20.85
N ALA A 542 -21.89 43.26 21.35
CA ALA A 542 -20.57 42.82 20.90
C ALA A 542 -20.59 42.39 19.43
N LEU A 543 -21.63 41.65 19.05
CA LEU A 543 -21.80 41.20 17.66
C LEU A 543 -22.01 42.37 16.70
N ARG A 544 -22.81 43.34 17.13
CA ARG A 544 -23.06 44.54 16.32
C ARG A 544 -21.81 45.41 16.17
N LYS A 545 -21.03 45.51 17.26
CA LYS A 545 -19.72 46.16 17.23
C LYS A 545 -18.79 45.46 16.24
N GLY A 546 -18.69 44.14 16.37
CA GLY A 546 -17.85 43.33 15.49
C GLY A 546 -18.22 43.46 14.03
N ALA A 547 -19.52 43.34 13.74
CA ALA A 547 -20.01 43.36 12.35
C ALA A 547 -19.72 44.68 11.63
N GLU A 548 -19.64 45.76 12.40
CA GLU A 548 -19.41 47.10 11.86
C GLU A 548 -17.96 47.58 12.00
N LEU A 549 -17.08 46.74 12.53
CA LEU A 549 -15.71 47.15 12.89
C LEU A 549 -14.75 47.35 11.72
N GLY A 550 -14.95 46.60 10.64
CA GLY A 550 -14.06 46.67 9.47
C GLY A 550 -12.71 45.98 9.70
N ARG A 551 -12.66 45.17 10.76
CA ARG A 551 -11.53 44.29 11.04
C ARG A 551 -12.02 43.12 11.89
N PRO A 552 -11.20 42.07 12.04
CA PRO A 552 -11.65 40.92 12.84
C PRO A 552 -11.99 41.28 14.28
N PHE A 553 -12.89 40.51 14.88
CA PHE A 553 -13.32 40.74 16.25
C PHE A 553 -13.62 39.38 16.87
N LEU A 554 -13.27 39.22 18.15
CA LEU A 554 -13.59 37.98 18.86
C LEU A 554 -14.37 38.25 20.14
N ILE A 555 -15.38 37.43 20.37
CA ILE A 555 -16.22 37.49 21.55
C ILE A 555 -16.16 36.15 22.29
N GLU A 556 -15.79 36.18 23.57
CA GLU A 556 -15.85 34.98 24.40
C GLU A 556 -17.14 34.95 25.20
N VAL A 557 -17.84 33.81 25.14
CA VAL A 557 -19.08 33.63 25.90
C VAL A 557 -18.96 32.39 26.78
N PRO A 558 -19.13 32.56 28.11
CA PRO A 558 -19.21 31.39 28.99
C PRO A 558 -20.53 30.65 28.77
N VAL A 559 -20.44 29.33 28.59
CA VAL A 559 -21.63 28.50 28.43
C VAL A 559 -21.55 27.25 29.29
N ASN A 560 -22.69 26.58 29.43
CA ASN A 560 -22.76 25.22 29.95
C ASN A 560 -23.85 24.48 29.20
N TYR A 561 -23.89 23.16 29.33
CA TYR A 561 -24.82 22.35 28.54
C TYR A 561 -25.92 21.67 29.33
N ASP A 562 -25.57 21.12 30.49
CA ASP A 562 -26.49 20.28 31.26
C ASP A 562 -27.19 19.28 30.34
N PHE A 563 -26.42 18.36 29.76
CA PHE A 563 -26.98 17.39 28.83
C PHE A 563 -27.61 16.18 29.52
N GLN A 564 -28.56 15.56 28.82
CA GLN A 564 -29.24 14.37 29.30
C GLN A 564 -28.85 13.19 28.41
N PRO A 565 -27.93 12.34 28.89
CA PRO A 565 -27.35 11.22 28.11
C PRO A 565 -28.40 10.27 27.54
N GLY A 566 -29.53 10.13 28.22
CA GLY A 566 -30.57 9.16 27.85
C GLY A 566 -31.36 9.46 26.59
N GLY A 567 -31.26 10.70 26.09
CA GLY A 567 -32.02 11.10 24.91
C GLY A 567 -31.26 11.02 23.59
N PHE A 568 -30.09 10.38 23.60
CA PHE A 568 -29.20 10.35 22.44
C PHE A 568 -29.07 8.96 21.78
N GLY A 569 -30.13 8.18 21.87
CA GLY A 569 -30.19 6.85 21.26
C GLY A 569 -29.98 6.83 19.75
N ALA A 570 -30.38 7.90 19.07
CA ALA A 570 -30.21 8.01 17.61
C ALA A 570 -28.76 7.93 17.14
N LEU A 571 -27.81 8.25 18.03
CA LEU A 571 -26.38 8.23 17.70
C LEU A 571 -25.81 6.82 17.50
N SER A 572 -26.43 5.83 18.14
CA SER A 572 -25.93 4.46 18.13
C SER A 572 -26.32 3.71 16.85
N ILE A 573 -27.55 3.93 16.40
CA ILE A 573 -28.13 3.17 15.30
C ILE A 573 -27.86 3.76 13.92
N LYS B 11 -18.90 -6.35 33.03
CA LYS B 11 -17.75 -7.19 32.59
C LYS B 11 -16.64 -6.33 31.96
N PRO B 12 -15.37 -6.59 32.34
CA PRO B 12 -14.24 -5.87 31.72
C PRO B 12 -14.22 -6.05 30.20
N THR B 13 -13.94 -4.96 29.49
CA THR B 13 -13.96 -4.95 28.03
C THR B 13 -12.54 -4.90 27.45
N ALA B 14 -12.43 -4.80 26.13
CA ALA B 14 -11.13 -4.63 25.46
C ALA B 14 -10.42 -3.36 25.93
N ALA B 15 -11.19 -2.35 26.35
CA ALA B 15 -10.64 -1.11 26.89
C ALA B 15 -9.82 -1.40 28.14
N HIS B 16 -10.39 -2.19 29.06
CA HIS B 16 -9.67 -2.65 30.25
C HIS B 16 -8.44 -3.50 29.89
N ALA B 17 -8.62 -4.46 28.98
CA ALA B 17 -7.51 -5.32 28.55
C ALA B 17 -6.37 -4.52 27.90
N LEU B 18 -6.73 -3.50 27.12
CA LEU B 18 -5.73 -2.64 26.48
C LEU B 18 -4.91 -1.87 27.51
N LEU B 19 -5.61 -1.23 28.45
CA LEU B 19 -4.93 -0.44 29.47
C LEU B 19 -4.09 -1.33 30.41
N SER B 20 -4.61 -2.51 30.74
CA SER B 20 -3.88 -3.48 31.57
C SER B 20 -2.60 -3.95 30.88
N ARG B 21 -2.68 -4.22 29.58
CA ARG B 21 -1.50 -4.69 28.85
C ARG B 21 -0.45 -3.58 28.71
N LEU B 22 -0.88 -2.34 28.50
CA LEU B 22 0.04 -1.20 28.51
C LEU B 22 0.76 -1.09 29.85
N ARG B 23 0.01 -1.21 30.94
CA ARG B 23 0.60 -1.21 32.29
C ARG B 23 1.58 -2.38 32.51
N ASP B 24 1.23 -3.57 32.02
CA ASP B 24 2.14 -4.72 32.05
C ASP B 24 3.50 -4.39 31.44
N HIS B 25 3.50 -3.59 30.36
CA HIS B 25 4.72 -3.15 29.69
C HIS B 25 5.33 -1.88 30.31
N GLY B 26 4.86 -1.53 31.50
CA GLY B 26 5.45 -0.43 32.28
C GLY B 26 4.92 0.96 31.99
N VAL B 27 3.89 1.05 31.15
CA VAL B 27 3.32 2.35 30.80
C VAL B 27 2.43 2.87 31.93
N GLY B 28 2.69 4.11 32.37
CA GLY B 28 1.90 4.75 33.42
C GLY B 28 1.12 5.97 32.96
N LYS B 29 1.36 6.41 31.73
CA LYS B 29 0.66 7.58 31.16
C LYS B 29 0.23 7.30 29.72
N VAL B 30 -0.94 7.79 29.36
CA VAL B 30 -1.37 7.82 27.95
C VAL B 30 -1.63 9.27 27.57
N PHE B 31 -0.83 9.78 26.64
CA PHE B 31 -0.99 11.16 26.18
C PHE B 31 -1.94 11.19 24.99
N GLY B 32 -2.87 12.14 24.97
CA GLY B 32 -3.69 12.29 23.77
C GLY B 32 -4.87 13.21 23.86
N VAL B 33 -5.78 13.05 22.90
CA VAL B 33 -7.06 13.73 22.86
C VAL B 33 -8.10 12.63 22.59
N VAL B 34 -9.10 12.53 23.47
CA VAL B 34 -10.12 11.50 23.32
C VAL B 34 -11.30 12.06 22.54
N GLY B 35 -11.84 11.24 21.64
CA GLY B 35 -13.07 11.54 20.92
C GLY B 35 -14.24 10.67 21.38
N ARG B 36 -15.17 10.40 20.47
CA ARG B 36 -16.41 9.70 20.81
C ARG B 36 -16.22 8.27 21.31
N GLU B 37 -15.03 7.71 21.07
CA GLU B 37 -14.64 6.42 21.64
C GLU B 37 -14.66 6.44 23.18
N ALA B 38 -14.75 7.63 23.76
CA ALA B 38 -14.97 7.77 25.22
C ALA B 38 -16.19 6.97 25.71
N ALA B 39 -17.14 6.68 24.81
CA ALA B 39 -18.27 5.83 25.13
C ALA B 39 -17.81 4.40 25.46
N SER B 40 -16.67 4.01 24.88
CA SER B 40 -16.09 2.68 25.08
C SER B 40 -14.92 2.65 26.07
N ILE B 41 -14.24 3.79 26.26
CA ILE B 41 -13.08 3.86 27.15
C ILE B 41 -13.07 5.15 27.97
N LEU B 42 -13.11 5.00 29.28
CA LEU B 42 -13.08 6.15 30.20
C LEU B 42 -11.67 6.62 30.56
N PHE B 43 -10.75 5.66 30.67
CA PHE B 43 -9.35 5.85 31.14
C PHE B 43 -9.18 5.82 32.67
N ASP B 44 -10.18 5.30 33.37
CA ASP B 44 -10.06 5.04 34.81
C ASP B 44 -10.12 3.54 35.10
N GLU B 45 -10.15 2.73 34.03
CA GLU B 45 -10.35 1.28 34.14
C GLU B 45 -9.25 0.57 34.92
N VAL B 46 -8.04 1.13 34.86
CA VAL B 46 -6.85 0.44 35.38
C VAL B 46 -6.02 1.33 36.30
N GLU B 47 -5.82 0.87 37.53
CA GLU B 47 -4.99 1.56 38.51
C GLU B 47 -3.56 1.67 38.01
N GLY B 48 -2.97 2.85 38.13
CA GLY B 48 -1.56 3.06 37.80
C GLY B 48 -1.29 3.55 36.39
N ILE B 49 -2.35 3.76 35.61
CA ILE B 49 -2.20 4.36 34.28
C ILE B 49 -3.18 5.53 34.12
N ASP B 50 -2.63 6.72 33.85
CA ASP B 50 -3.39 7.98 33.81
C ASP B 50 -3.44 8.58 32.42
N PHE B 51 -4.54 9.24 32.10
CA PHE B 51 -4.64 9.98 30.83
C PHE B 51 -4.11 11.40 30.96
N VAL B 52 -3.27 11.79 29.99
CA VAL B 52 -2.72 13.15 29.94
C VAL B 52 -3.29 13.89 28.72
N LEU B 53 -4.26 14.77 28.97
CA LEU B 53 -4.98 15.48 27.91
C LEU B 53 -4.20 16.67 27.38
N THR B 54 -4.02 16.69 26.06
CA THR B 54 -3.32 17.79 25.38
C THR B 54 -4.32 18.60 24.55
N ARG B 55 -3.86 19.70 23.98
CA ARG B 55 -4.73 20.57 23.15
C ARG B 55 -4.77 20.15 21.69
N HIS B 56 -3.79 19.34 21.28
CA HIS B 56 -3.64 18.88 19.90
C HIS B 56 -2.90 17.55 19.98
N GLU B 57 -3.22 16.63 19.06
CA GLU B 57 -2.65 15.27 19.08
C GLU B 57 -1.16 15.21 18.78
N PHE B 58 -0.64 16.19 18.04
CA PHE B 58 0.80 16.27 17.77
C PHE B 58 1.60 16.34 19.07
N THR B 59 1.12 17.18 19.99
CA THR B 59 1.72 17.34 21.30
C THR B 59 1.75 16.02 22.08
N ALA B 60 0.66 15.25 21.99
CA ALA B 60 0.56 13.96 22.65
C ALA B 60 1.61 12.96 22.15
N GLY B 61 1.74 12.86 20.82
CA GLY B 61 2.70 11.92 20.21
C GLY B 61 4.15 12.27 20.52
N VAL B 62 4.47 13.55 20.42
CA VAL B 62 5.83 14.04 20.73
C VAL B 62 6.19 13.89 22.21
N ALA B 63 5.25 14.19 23.11
CA ALA B 63 5.48 13.99 24.54
C ALA B 63 5.79 12.52 24.86
N ALA B 64 5.03 11.60 24.25
CA ALA B 64 5.29 10.17 24.39
C ALA B 64 6.67 9.80 23.84
N ASP B 65 6.99 10.32 22.64
CA ASP B 65 8.30 10.14 22.00
C ASP B 65 9.46 10.53 22.94
N VAL B 66 9.37 11.70 23.55
CA VAL B 66 10.44 12.20 24.41
C VAL B 66 10.55 11.45 25.73
N LEU B 67 9.40 11.09 26.32
CA LEU B 67 9.40 10.27 27.53
C LEU B 67 10.05 8.91 27.24
N ALA B 68 9.72 8.32 26.09
CA ALA B 68 10.33 7.07 25.64
C ALA B 68 11.84 7.20 25.39
N ARG B 69 12.27 8.34 24.85
CA ARG B 69 13.70 8.59 24.62
C ARG B 69 14.51 8.63 25.93
N ILE B 70 14.03 9.42 26.89
CA ILE B 70 14.76 9.59 28.15
C ILE B 70 14.67 8.35 29.06
N THR B 71 13.49 7.74 29.17
CA THR B 71 13.33 6.53 29.99
C THR B 71 13.94 5.29 29.34
N GLY B 72 13.97 5.29 28.01
CA GLY B 72 14.37 4.12 27.24
C GLY B 72 13.26 3.06 27.14
N ARG B 73 12.07 3.39 27.64
CA ARG B 73 10.97 2.42 27.70
C ARG B 73 9.80 2.82 26.81
N PRO B 74 9.01 1.84 26.31
CA PRO B 74 7.86 2.13 25.46
C PRO B 74 6.86 3.07 26.15
N GLN B 75 6.34 4.03 25.39
CA GLN B 75 5.33 4.96 25.91
C GLN B 75 4.10 4.95 24.98
N ALA B 76 3.05 5.68 25.36
CA ALA B 76 1.76 5.55 24.64
C ALA B 76 1.06 6.88 24.39
N CYS B 77 0.47 7.00 23.20
CA CYS B 77 -0.34 8.16 22.84
C CYS B 77 -1.65 7.72 22.19
N TRP B 78 -2.63 8.63 22.16
CA TRP B 78 -4.00 8.29 21.82
C TRP B 78 -4.66 9.37 20.95
N ALA B 79 -5.42 8.93 19.96
CA ALA B 79 -6.27 9.84 19.21
C ALA B 79 -7.57 9.18 18.78
N THR B 80 -8.54 10.01 18.39
CA THR B 80 -9.82 9.52 17.89
C THR B 80 -9.67 9.11 16.42
N LEU B 81 -10.77 8.70 15.81
CA LEU B 81 -10.80 8.31 14.41
C LEU B 81 -10.59 9.50 13.45
N GLY B 82 -10.30 9.18 12.19
CA GLY B 82 -10.20 10.17 11.11
C GLY B 82 -9.15 11.22 11.37
N PRO B 83 -9.58 12.48 11.56
CA PRO B 83 -8.65 13.58 11.79
C PRO B 83 -7.86 13.51 13.10
N GLY B 84 -8.38 12.78 14.09
CA GLY B 84 -7.60 12.49 15.30
C GLY B 84 -6.33 11.77 14.92
N MSE B 85 -6.50 10.67 14.18
CA MSE B 85 -5.41 9.84 13.70
C MSE B 85 -4.44 10.63 12.79
O MSE B 85 -3.22 10.53 12.97
CB MSE B 85 -5.99 8.61 12.98
CG MSE B 85 -4.98 7.61 12.42
SE MSE B 85 -4.40 8.06 10.60
CE MSE B 85 -6.13 8.11 9.72
N THR B 86 -4.95 11.43 11.85
CA THR B 86 -4.06 12.20 10.97
C THR B 86 -3.25 13.27 11.73
N ASN B 87 -3.88 13.92 12.71
CA ASN B 87 -3.16 14.83 13.61
C ASN B 87 -2.06 14.11 14.41
N LEU B 88 -2.40 12.93 14.97
CA LEU B 88 -1.42 12.11 15.67
C LEU B 88 -0.25 11.71 14.77
N SER B 89 -0.51 11.55 13.47
CA SER B 89 0.53 11.05 12.54
C SER B 89 1.80 11.91 12.44
N THR B 90 1.72 13.20 12.75
CA THR B 90 2.95 14.01 12.78
C THR B 90 3.81 13.64 14.01
N GLY B 91 3.16 13.25 15.11
CA GLY B 91 3.86 12.68 16.28
C GLY B 91 4.41 11.29 15.97
N ILE B 92 3.66 10.54 15.19
CA ILE B 92 4.11 9.23 14.68
C ILE B 92 5.35 9.38 13.79
N ALA B 93 5.33 10.37 12.89
CA ALA B 93 6.47 10.68 12.03
C ALA B 93 7.69 11.11 12.84
N THR B 94 7.44 11.84 13.93
CA THR B 94 8.51 12.23 14.86
C THR B 94 9.18 10.98 15.44
N SER B 95 8.35 10.04 15.91
CA SER B 95 8.84 8.81 16.50
C SER B 95 9.61 7.94 15.49
N VAL B 96 9.11 7.83 14.25
CA VAL B 96 9.75 6.96 13.27
C VAL B 96 11.12 7.49 12.79
N LEU B 97 11.21 8.81 12.58
CA LEU B 97 12.44 9.44 12.12
C LEU B 97 13.43 9.76 13.25
N ASP B 98 12.91 10.14 14.43
CA ASP B 98 13.78 10.43 15.57
C ASP B 98 14.15 9.18 16.36
N ARG B 99 13.45 8.07 16.08
CA ARG B 99 13.68 6.76 16.70
C ARG B 99 13.29 6.73 18.17
N SER B 100 12.02 6.43 18.45
CA SER B 100 11.56 6.17 19.83
C SER B 100 10.48 5.09 19.83
N PRO B 101 10.47 4.23 20.87
CA PRO B 101 9.46 3.16 20.96
C PRO B 101 8.11 3.68 21.49
N VAL B 102 7.23 4.07 20.57
CA VAL B 102 5.93 4.65 20.95
C VAL B 102 4.81 3.73 20.47
N ILE B 103 3.86 3.44 21.35
CA ILE B 103 2.64 2.75 20.93
C ILE B 103 1.59 3.82 20.63
N ALA B 104 1.23 3.96 19.35
CA ALA B 104 0.23 4.93 18.94
C ALA B 104 -1.11 4.23 18.76
N LEU B 105 -2.13 4.75 19.44
CA LEU B 105 -3.46 4.13 19.43
C LEU B 105 -4.47 5.12 18.90
N ALA B 106 -5.30 4.70 17.95
CA ALA B 106 -6.38 5.55 17.46
C ALA B 106 -7.68 4.78 17.31
N ALA B 107 -8.78 5.44 17.65
CA ALA B 107 -10.11 4.88 17.45
C ALA B 107 -10.40 4.75 15.95
N GLN B 108 -11.40 3.94 15.65
CA GLN B 108 -11.87 3.76 14.28
C GLN B 108 -13.38 3.60 14.34
N SER B 109 -14.05 3.83 13.20
CA SER B 109 -15.46 3.51 13.04
C SER B 109 -15.78 2.10 13.51
N GLU B 110 -17.01 1.91 13.99
CA GLU B 110 -17.53 0.59 14.30
C GLU B 110 -17.17 -0.39 13.18
N SER B 111 -16.74 -1.59 13.56
CA SER B 111 -16.15 -2.56 12.62
C SER B 111 -17.02 -2.84 11.39
N HIS B 112 -18.33 -3.03 11.62
CA HIS B 112 -19.28 -3.30 10.53
C HIS B 112 -19.57 -2.08 9.63
N ASP B 113 -19.07 -0.91 10.04
CA ASP B 113 -19.31 0.37 9.37
C ASP B 113 -18.02 1.02 8.81
N ILE B 114 -16.97 0.21 8.66
CA ILE B 114 -15.70 0.71 8.10
C ILE B 114 -15.75 0.74 6.58
N PHE B 115 -15.99 1.94 6.06
CA PHE B 115 -15.96 2.22 4.64
C PHE B 115 -15.13 3.50 4.49
N PRO B 116 -13.80 3.34 4.34
CA PRO B 116 -12.90 4.49 4.27
C PRO B 116 -13.31 5.49 3.18
N ASN B 117 -13.31 6.77 3.53
CA ASN B 117 -13.69 7.88 2.64
C ASN B 117 -15.19 7.92 2.28
N ASP B 118 -16.00 7.16 3.02
CA ASP B 118 -17.45 7.15 2.83
C ASP B 118 -18.22 7.26 4.14
N THR B 119 -17.88 6.42 5.11
CA THR B 119 -18.41 6.56 6.46
C THR B 119 -17.87 7.86 7.06
N HIS B 120 -18.76 8.59 7.73
CA HIS B 120 -18.40 9.79 8.48
C HIS B 120 -17.14 9.58 9.33
N GLN B 121 -16.14 10.43 9.11
CA GLN B 121 -14.84 10.41 9.83
C GLN B 121 -14.01 9.14 9.64
N CYS B 122 -14.33 8.33 8.65
CA CYS B 122 -13.64 7.06 8.45
C CYS B 122 -12.53 7.17 7.39
N LEU B 123 -11.29 7.00 7.85
CA LEU B 123 -10.13 6.95 6.96
C LEU B 123 -9.49 5.56 7.08
N ASP B 124 -8.71 5.18 6.07
CA ASP B 124 -7.98 3.92 6.11
C ASP B 124 -6.70 4.11 6.92
N SER B 125 -6.87 4.10 8.25
CA SER B 125 -5.79 4.39 9.19
C SER B 125 -4.55 3.51 9.03
N VAL B 126 -4.76 2.19 8.94
CA VAL B 126 -3.62 1.26 8.83
C VAL B 126 -2.83 1.56 7.54
N ALA B 127 -3.52 1.82 6.44
CA ALA B 127 -2.86 2.13 5.16
C ALA B 127 -2.06 3.42 5.21
N ILE B 128 -2.60 4.41 5.91
CA ILE B 128 -1.98 5.71 6.06
C ILE B 128 -0.74 5.68 6.95
N VAL B 129 -0.80 4.91 8.04
CA VAL B 129 0.26 4.87 9.04
C VAL B 129 1.34 3.82 8.76
N ALA B 130 0.99 2.75 8.04
CA ALA B 130 1.95 1.67 7.76
C ALA B 130 3.30 2.14 7.16
N PRO B 131 3.29 3.06 6.19
CA PRO B 131 4.57 3.53 5.61
C PRO B 131 5.49 4.31 6.56
N MSE B 132 4.95 4.75 7.70
CA MSE B 132 5.72 5.57 8.65
C MSE B 132 5.76 4.95 10.05
O MSE B 132 5.82 5.66 11.06
CB MSE B 132 5.12 6.99 8.73
CG MSE B 132 3.69 7.03 9.26
SE MSE B 132 3.09 8.84 9.70
CE MSE B 132 1.86 9.07 8.24
N SER B 133 5.72 3.62 10.12
CA SER B 133 5.69 2.92 11.40
C SER B 133 6.38 1.57 11.32
N LYS B 134 6.68 1.00 12.49
CA LYS B 134 7.31 -0.31 12.59
C LYS B 134 6.29 -1.43 12.44
N TYR B 135 5.02 -1.09 12.65
CA TYR B 135 3.95 -2.06 12.83
C TYR B 135 2.63 -1.27 12.81
N ALA B 136 1.63 -1.81 12.13
CA ALA B 136 0.33 -1.15 12.02
C ALA B 136 -0.74 -2.22 11.79
N VAL B 137 -1.76 -2.21 12.63
CA VAL B 137 -2.80 -3.26 12.65
C VAL B 137 -4.14 -2.69 13.09
N GLU B 138 -5.24 -3.31 12.65
CA GLU B 138 -6.56 -2.98 13.13
C GLU B 138 -7.09 -4.13 13.98
N LEU B 139 -7.56 -3.81 15.18
CA LEU B 139 -8.21 -4.77 16.05
C LEU B 139 -9.45 -5.38 15.37
N GLN B 140 -9.57 -6.71 15.44
CA GLN B 140 -10.68 -7.42 14.81
C GLN B 140 -11.48 -8.30 15.77
N ARG B 141 -10.79 -8.91 16.73
CA ARG B 141 -11.41 -9.76 17.75
C ARG B 141 -10.93 -9.22 19.10
N PRO B 142 -11.87 -8.69 19.93
CA PRO B 142 -11.55 -7.92 21.14
C PRO B 142 -10.45 -8.50 22.03
N HIS B 143 -10.50 -9.80 22.34
CA HIS B 143 -9.52 -10.41 23.25
C HIS B 143 -8.07 -10.40 22.72
N GLU B 144 -7.91 -10.21 21.42
CA GLU B 144 -6.59 -10.22 20.80
C GLU B 144 -5.79 -8.94 21.04
N ILE B 145 -6.43 -7.91 21.62
CA ILE B 145 -5.74 -6.66 21.91
C ILE B 145 -4.46 -6.88 22.74
N THR B 146 -4.50 -7.88 23.62
CA THR B 146 -3.33 -8.21 24.43
C THR B 146 -2.14 -8.59 23.53
N ASP B 147 -2.36 -9.51 22.60
CA ASP B 147 -1.27 -9.92 21.70
C ASP B 147 -0.88 -8.85 20.68
N LEU B 148 -1.82 -7.98 20.33
CA LEU B 148 -1.52 -6.88 19.40
C LEU B 148 -0.59 -5.86 20.05
N VAL B 149 -0.86 -5.53 21.32
CA VAL B 149 0.02 -4.67 22.10
C VAL B 149 1.43 -5.27 22.23
N ASP B 150 1.50 -6.59 22.45
CA ASP B 150 2.80 -7.26 22.57
C ASP B 150 3.59 -7.17 21.27
N SER B 151 2.94 -7.47 20.14
CA SER B 151 3.57 -7.38 18.83
C SER B 151 3.95 -5.93 18.49
N ALA B 152 3.12 -4.98 18.92
CA ALA B 152 3.40 -3.56 18.73
C ALA B 152 4.67 -3.16 19.50
N VAL B 153 4.77 -3.59 20.76
CA VAL B 153 5.95 -3.34 21.58
C VAL B 153 7.19 -4.01 20.97
N ASN B 154 7.05 -5.27 20.55
CA ASN B 154 8.15 -6.00 19.92
C ASN B 154 8.78 -5.24 18.75
N ALA B 155 7.94 -4.72 17.85
CA ALA B 155 8.40 -4.01 16.66
C ALA B 155 8.95 -2.62 16.99
N ALA B 156 8.33 -1.95 17.95
CA ALA B 156 8.77 -0.64 18.42
C ALA B 156 10.16 -0.71 19.04
N MSE B 157 10.44 -1.81 19.74
CA MSE B 157 11.70 -1.97 20.49
C MSE B 157 12.80 -2.69 19.71
O MSE B 157 13.79 -3.13 20.29
CB MSE B 157 11.44 -2.66 21.83
CG MSE B 157 10.72 -1.77 22.83
SE MSE B 157 11.87 -0.38 23.56
CE MSE B 157 13.14 -1.50 24.55
N THR B 158 12.63 -2.81 18.39
CA THR B 158 13.67 -3.36 17.52
C THR B 158 14.27 -2.22 16.72
N GLU B 159 15.60 -2.12 16.71
CA GLU B 159 16.30 -1.07 15.95
C GLU B 159 16.02 -1.16 14.45
N PRO B 160 15.80 -0.01 13.78
CA PRO B 160 15.73 1.33 14.38
C PRO B 160 14.42 1.47 15.13
N VAL B 161 14.48 1.85 16.41
CA VAL B 161 13.28 1.95 17.21
C VAL B 161 12.31 2.96 16.59
N GLY B 162 11.03 2.76 16.83
CA GLY B 162 10.01 3.58 16.20
C GLY B 162 8.63 3.26 16.72
N PRO B 163 7.60 3.91 16.14
CA PRO B 163 6.23 3.74 16.60
C PRO B 163 5.54 2.53 16.01
N SER B 164 4.67 1.92 16.80
CA SER B 164 3.76 0.88 16.34
C SER B 164 2.34 1.38 16.56
N PHE B 165 1.46 1.10 15.61
CA PHE B 165 0.13 1.68 15.56
C PHE B 165 -0.96 0.62 15.65
N ILE B 166 -1.95 0.84 16.51
CA ILE B 166 -3.12 -0.05 16.56
C ILE B 166 -4.41 0.76 16.35
N SER B 167 -5.19 0.36 15.35
CA SER B 167 -6.48 0.99 15.07
C SER B 167 -7.58 0.22 15.81
N LEU B 168 -8.44 0.97 16.50
CA LEU B 168 -9.41 0.40 17.46
C LEU B 168 -10.86 0.74 17.12
N PRO B 169 -11.55 -0.14 16.37
CA PRO B 169 -12.97 0.11 16.12
C PRO B 169 -13.74 0.26 17.44
N VAL B 170 -14.53 1.33 17.53
CA VAL B 170 -15.22 1.72 18.79
C VAL B 170 -16.07 0.61 19.41
N ASP B 171 -16.76 -0.17 18.57
CA ASP B 171 -17.58 -1.29 19.04
C ASP B 171 -16.72 -2.38 19.69
N LEU B 172 -15.58 -2.69 19.08
CA LEU B 172 -14.72 -3.76 19.57
C LEU B 172 -13.99 -3.33 20.85
N LEU B 173 -13.62 -2.06 20.91
CA LEU B 173 -13.01 -1.46 22.10
C LEU B 173 -13.94 -1.55 23.31
N GLY B 174 -15.25 -1.42 23.06
CA GLY B 174 -16.24 -1.51 24.13
C GLY B 174 -16.79 -2.91 24.38
N SER B 175 -16.20 -3.92 23.74
CA SER B 175 -16.71 -5.29 23.84
C SER B 175 -15.98 -6.14 24.87
N SER B 176 -16.73 -6.98 25.58
CA SER B 176 -16.15 -7.96 26.50
C SER B 176 -16.09 -9.36 25.89
N GLU B 177 -16.44 -9.48 24.61
CA GLU B 177 -16.45 -10.77 23.91
C GLU B 177 -15.08 -11.46 23.96
N GLY B 178 -15.06 -12.66 24.55
CA GLY B 178 -13.86 -13.49 24.65
C GLY B 178 -12.85 -13.03 25.68
N ILE B 179 -13.19 -11.98 26.43
CA ILE B 179 -12.31 -11.45 27.46
C ILE B 179 -12.61 -12.08 28.82
N ASP B 180 -11.61 -12.81 29.33
CA ASP B 180 -11.70 -13.51 30.60
C ASP B 180 -10.59 -13.06 31.55
N THR B 181 -10.94 -12.15 32.46
CA THR B 181 -10.00 -11.61 33.44
C THR B 181 -10.10 -12.38 34.77
N PRO B 184 -5.50 -14.32 33.64
CA PRO B 184 -4.18 -13.80 34.02
C PRO B 184 -3.25 -13.65 32.82
N ASN B 185 -2.83 -12.42 32.55
CA ASN B 185 -1.98 -12.13 31.39
C ASN B 185 -0.66 -12.89 31.45
N PRO B 186 -0.19 -13.36 30.28
CA PRO B 186 1.17 -13.90 30.16
C PRO B 186 2.21 -12.82 30.45
N PRO B 187 3.49 -13.20 30.63
CA PRO B 187 4.53 -12.20 30.88
C PRO B 187 4.63 -11.20 29.72
N ALA B 188 4.80 -9.92 30.06
CA ALA B 188 4.91 -8.86 29.05
C ALA B 188 6.15 -9.02 28.18
N ASN B 189 7.27 -9.41 28.80
CA ASN B 189 8.54 -9.64 28.11
C ASN B 189 9.01 -8.48 27.22
N THR B 190 8.82 -7.24 27.68
CA THR B 190 9.40 -6.06 27.02
C THR B 190 10.92 -6.26 26.94
N PRO B 191 11.53 -6.04 25.75
CA PRO B 191 13.00 -6.04 25.68
C PRO B 191 13.64 -5.14 26.73
N ALA B 192 14.78 -5.58 27.27
CA ALA B 192 15.50 -4.85 28.32
C ALA B 192 16.08 -3.54 27.79
N LYS B 193 16.54 -3.57 26.54
CA LYS B 193 16.95 -2.41 25.75
C LYS B 193 16.62 -2.79 24.30
N PRO B 194 16.75 -1.85 23.34
CA PRO B 194 16.36 -2.23 21.98
C PRO B 194 17.07 -3.47 21.40
N VAL B 195 16.28 -4.31 20.75
CA VAL B 195 16.76 -5.46 20.02
C VAL B 195 17.47 -4.93 18.76
N GLY B 196 18.54 -5.60 18.34
CA GLY B 196 19.22 -5.19 17.12
C GLY B 196 19.61 -6.36 16.25
N VAL B 197 20.12 -6.08 15.06
CA VAL B 197 20.67 -7.15 14.24
C VAL B 197 22.19 -7.24 14.36
N VAL B 198 22.71 -8.43 14.14
CA VAL B 198 24.10 -8.73 14.34
C VAL B 198 24.55 -9.57 13.14
N ALA B 199 25.59 -9.11 12.44
CA ALA B 199 26.14 -9.85 11.32
C ALA B 199 27.08 -10.95 11.81
N ASP B 200 27.04 -12.08 11.13
CA ASP B 200 28.06 -13.11 11.32
C ASP B 200 29.40 -12.47 11.00
N GLY B 201 30.38 -12.69 11.85
CA GLY B 201 31.72 -12.16 11.62
C GLY B 201 31.91 -10.69 11.97
N TRP B 202 31.01 -10.14 12.78
CA TRP B 202 31.16 -8.76 13.21
C TRP B 202 32.43 -8.57 14.05
N GLN B 203 32.83 -9.61 14.78
CA GLN B 203 34.05 -9.56 15.60
C GLN B 203 35.29 -9.36 14.73
N LYS B 204 35.34 -10.08 13.60
CA LYS B 204 36.40 -9.91 12.61
C LYS B 204 36.41 -8.49 12.03
N ALA B 205 35.22 -7.98 11.72
CA ALA B 205 35.07 -6.59 11.27
C ALA B 205 35.58 -5.61 12.33
N ALA B 206 35.24 -5.85 13.60
CA ALA B 206 35.73 -5.04 14.72
C ALA B 206 37.26 -5.09 14.87
N ASP B 207 37.85 -6.26 14.63
CA ASP B 207 39.30 -6.43 14.62
C ASP B 207 39.95 -5.64 13.47
N GLN B 208 39.30 -5.64 12.31
CA GLN B 208 39.73 -4.81 11.18
C GLN B 208 39.70 -3.33 11.54
N ALA B 209 38.67 -2.91 12.28
CA ALA B 209 38.57 -1.54 12.79
C ALA B 209 39.73 -1.20 13.72
N ALA B 210 40.09 -2.16 14.60
CA ALA B 210 41.20 -1.98 15.53
C ALA B 210 42.55 -1.86 14.80
N ALA B 211 42.71 -2.61 13.72
CA ALA B 211 43.89 -2.53 12.86
C ALA B 211 44.01 -1.15 12.21
N LEU B 212 42.88 -0.60 11.77
CA LEU B 212 42.87 0.77 11.23
C LEU B 212 43.24 1.79 12.31
N LEU B 213 42.68 1.63 13.51
CA LEU B 213 43.00 2.50 14.64
C LEU B 213 44.48 2.47 15.01
N ALA B 214 45.07 1.26 14.99
CA ALA B 214 46.49 1.08 15.26
C ALA B 214 47.36 2.02 14.43
N GLU B 215 46.99 2.18 13.16
CA GLU B 215 47.75 2.95 12.18
C GLU B 215 47.41 4.44 12.12
N ALA B 216 46.24 4.80 12.64
CA ALA B 216 45.73 6.17 12.54
C ALA B 216 46.49 7.15 13.43
N LYS B 217 46.76 8.33 12.90
CA LYS B 217 47.38 9.41 13.65
C LYS B 217 46.33 10.18 14.44
N HIS B 218 45.21 10.47 13.79
CA HIS B 218 44.17 11.30 14.38
C HIS B 218 42.78 10.71 14.17
N PRO B 219 42.44 9.66 14.95
CA PRO B 219 41.09 9.10 14.86
C PRO B 219 40.07 9.96 15.62
N VAL B 220 38.80 9.86 15.25
CA VAL B 220 37.70 10.46 16.01
C VAL B 220 36.55 9.48 16.19
N LEU B 221 35.81 9.65 17.27
CA LEU B 221 34.54 8.96 17.46
C LEU B 221 33.38 9.91 17.19
N VAL B 222 32.56 9.56 16.21
CA VAL B 222 31.34 10.31 15.91
C VAL B 222 30.17 9.52 16.46
N VAL B 223 29.55 10.05 17.51
CA VAL B 223 28.59 9.30 18.31
C VAL B 223 27.16 9.77 18.06
N GLY B 224 26.28 8.82 17.75
CA GLY B 224 24.86 9.11 17.54
C GLY B 224 24.01 8.57 18.67
N ALA B 225 22.72 8.90 18.65
CA ALA B 225 21.76 8.52 19.70
C ALA B 225 21.64 7.01 19.97
N ALA B 226 21.87 6.19 18.95
CA ALA B 226 21.79 4.73 19.08
C ALA B 226 22.82 4.19 20.09
N ALA B 227 23.95 4.86 20.21
CA ALA B 227 24.95 4.53 21.22
C ALA B 227 24.39 4.73 22.63
N ILE B 228 23.59 5.78 22.81
CA ILE B 228 22.95 6.04 24.10
C ILE B 228 21.89 4.98 24.43
N ARG B 229 21.07 4.62 23.44
CA ARG B 229 20.05 3.59 23.62
C ARG B 229 20.64 2.24 24.00
N SER B 230 21.84 1.97 23.49
CA SER B 230 22.54 0.71 23.74
C SER B 230 23.11 0.64 25.16
N GLY B 231 23.11 1.78 25.86
CA GLY B 231 23.72 1.89 27.19
C GLY B 231 25.24 1.96 27.13
N ALA B 232 25.76 2.52 26.04
CA ALA B 232 27.21 2.51 25.78
C ALA B 232 27.98 3.77 26.20
N VAL B 233 27.31 4.74 26.80
CA VAL B 233 27.95 6.02 27.13
C VAL B 233 29.19 5.89 28.05
N PRO B 234 29.04 5.27 29.25
CA PRO B 234 30.25 5.09 30.08
C PRO B 234 31.38 4.33 29.37
N ALA B 235 31.03 3.29 28.60
CA ALA B 235 32.03 2.49 27.90
C ALA B 235 32.77 3.29 26.83
N ILE B 236 32.03 4.10 26.06
CA ILE B 236 32.63 4.98 25.05
C ILE B 236 33.54 6.01 25.69
N ARG B 237 33.07 6.63 26.78
CA ARG B 237 33.87 7.59 27.53
C ARG B 237 35.19 6.98 28.01
N ALA B 238 35.12 5.77 28.59
CA ALA B 238 36.31 5.08 29.09
C ALA B 238 37.30 4.76 27.96
N LEU B 239 36.76 4.32 26.82
CA LEU B 239 37.58 4.06 25.64
C LEU B 239 38.28 5.32 25.14
N ALA B 240 37.51 6.40 24.98
CA ALA B 240 38.04 7.67 24.48
C ALA B 240 39.10 8.27 25.42
N GLU B 241 38.84 8.22 26.73
CA GLU B 241 39.80 8.71 27.73
C GLU B 241 41.12 7.92 27.73
N ARG B 242 41.03 6.60 27.60
CA ARG B 242 42.24 5.77 27.58
C ARG B 242 43.10 6.04 26.33
N LEU B 243 42.45 6.10 25.18
CA LEU B 243 43.17 6.22 23.91
C LEU B 243 43.34 7.66 23.41
N ASN B 244 42.82 8.62 24.16
CA ASN B 244 42.89 10.05 23.82
C ASN B 244 42.24 10.33 22.45
N ILE B 245 41.06 9.77 22.24
CA ILE B 245 40.30 9.94 21.00
C ILE B 245 39.16 10.95 21.20
N PRO B 246 39.19 12.07 20.45
CA PRO B 246 38.13 13.08 20.51
C PRO B 246 36.73 12.50 20.24
N VAL B 247 35.74 13.02 20.96
CA VAL B 247 34.35 12.63 20.75
C VAL B 247 33.57 13.79 20.13
N ILE B 248 32.99 13.53 18.96
CA ILE B 248 32.16 14.47 18.23
C ILE B 248 30.76 13.85 18.16
N THR B 249 29.71 14.66 18.26
CA THR B 249 28.34 14.13 18.34
C THR B 249 27.37 14.68 17.29
N THR B 250 26.25 13.97 17.12
CA THR B 250 25.04 14.50 16.47
C THR B 250 24.33 15.45 17.46
N TYR B 251 23.20 16.03 17.07
CA TYR B 251 22.46 17.01 17.90
C TYR B 251 22.10 16.49 19.29
N ILE B 252 21.42 15.34 19.36
CA ILE B 252 20.93 14.88 20.66
C ILE B 252 21.90 13.98 21.42
N ALA B 253 23.06 13.71 20.82
CA ALA B 253 24.13 12.99 21.50
C ALA B 253 25.08 13.95 22.24
N LYS B 254 24.81 15.26 22.19
CA LYS B 254 25.49 16.22 23.06
C LYS B 254 25.35 15.76 24.51
N GLY B 255 26.43 15.83 25.27
CA GLY B 255 26.38 15.43 26.67
C GLY B 255 26.84 14.02 26.98
N VAL B 256 27.22 13.26 25.95
CA VAL B 256 27.85 11.95 26.16
C VAL B 256 29.18 12.09 26.92
N LEU B 257 29.80 13.27 26.80
CA LEU B 257 30.87 13.72 27.67
C LEU B 257 30.43 15.02 28.37
N PRO B 258 30.89 15.25 29.62
CA PRO B 258 30.47 16.45 30.33
C PRO B 258 30.98 17.74 29.67
N VAL B 259 30.30 18.85 29.94
CA VAL B 259 30.80 20.17 29.53
C VAL B 259 32.20 20.34 30.12
N GLY B 260 33.14 20.79 29.29
CA GLY B 260 34.50 21.07 29.77
C GLY B 260 35.48 19.92 29.66
N HIS B 261 34.99 18.72 29.34
CA HIS B 261 35.84 17.56 29.10
C HIS B 261 36.76 17.85 27.91
N GLU B 262 38.05 17.55 28.06
CA GLU B 262 39.03 17.81 26.99
C GLU B 262 38.71 17.11 25.66
N LEU B 263 38.02 15.98 25.71
CA LEU B 263 37.68 15.21 24.51
C LEU B 263 36.30 15.52 23.95
N ASN B 264 35.59 16.41 24.63
CA ASN B 264 34.31 16.94 24.15
C ASN B 264 34.55 17.96 23.03
N TYR B 265 34.56 17.47 21.80
CA TYR B 265 34.84 18.32 20.63
C TYR B 265 33.58 18.98 20.07
N GLY B 266 32.43 18.70 20.67
CA GLY B 266 31.18 19.34 20.31
C GLY B 266 30.36 18.62 19.25
N ALA B 267 29.22 19.21 18.93
CA ALA B 267 28.32 18.65 17.92
C ALA B 267 28.58 19.25 16.53
N VAL B 268 28.15 18.52 15.51
CA VAL B 268 28.24 18.96 14.13
C VAL B 268 26.86 19.35 13.65
N THR B 269 26.80 20.47 12.94
CA THR B 269 25.63 20.82 12.15
C THR B 269 26.11 21.35 10.81
N GLY B 270 25.39 21.00 9.74
CA GLY B 270 25.69 21.51 8.40
C GLY B 270 25.69 23.03 8.30
N TYR B 271 25.02 23.68 9.25
CA TYR B 271 24.88 25.13 9.29
C TYR B 271 26.05 25.85 9.99
N MSE B 272 27.01 25.08 10.52
CA MSE B 272 28.01 25.65 11.44
C MSE B 272 29.00 26.64 10.82
O MSE B 272 29.30 27.66 11.43
CB MSE B 272 28.73 24.55 12.24
CG MSE B 272 29.70 23.68 11.45
SE MSE B 272 30.27 22.12 12.52
CE MSE B 272 30.89 23.05 14.12
N ASP B 273 29.50 26.36 9.62
CA ASP B 273 30.42 27.28 8.93
C ASP B 273 29.77 28.65 8.68
N GLY B 274 28.52 28.62 8.21
CA GLY B 274 27.77 29.84 7.89
C GLY B 274 27.31 30.64 9.09
N ILE B 275 26.96 29.96 10.18
CA ILE B 275 26.60 30.64 11.42
C ILE B 275 27.83 31.29 12.08
N LEU B 276 28.95 30.58 12.07
CA LEU B 276 30.16 31.06 12.75
C LEU B 276 31.07 31.95 11.89
N ASN B 277 30.79 32.03 10.58
CA ASN B 277 31.74 32.57 9.59
C ASN B 277 33.16 32.12 9.91
N PHE B 278 33.33 30.81 9.88
CA PHE B 278 34.54 30.16 10.34
C PHE B 278 34.65 28.83 9.58
N PRO B 279 35.89 28.40 9.27
CA PRO B 279 36.05 27.07 8.68
C PRO B 279 35.93 25.98 9.76
N ALA B 280 34.71 25.83 10.30
CA ALA B 280 34.48 24.94 11.44
C ALA B 280 34.60 23.46 11.08
N LEU B 281 33.99 23.06 9.96
CA LEU B 281 34.06 21.67 9.50
C LEU B 281 35.49 21.23 9.16
N GLN B 282 36.23 22.12 8.50
CA GLN B 282 37.65 21.89 8.21
C GLN B 282 38.45 21.72 9.50
N THR B 283 38.23 22.60 10.46
CA THR B 283 38.96 22.54 11.73
C THR B 283 38.67 21.22 12.45
N MSE B 284 37.40 20.81 12.41
CA MSE B 284 36.95 19.59 13.07
CA MSE B 284 36.97 19.58 13.08
C MSE B 284 37.50 18.31 12.42
O MSE B 284 37.90 17.38 13.11
CB MSE B 284 35.41 19.55 13.05
CB MSE B 284 35.44 19.49 13.11
CG MSE B 284 34.80 18.49 13.94
CG MSE B 284 34.79 20.46 14.02
SE MSE B 284 34.93 18.98 15.82
SE MSE B 284 32.94 20.00 14.25
CE MSE B 284 33.42 20.19 15.92
CE MSE B 284 33.11 18.90 15.85
N PHE B 285 37.51 18.28 11.08
CA PHE B 285 37.79 17.04 10.35
C PHE B 285 39.02 16.97 9.46
N ALA B 286 39.58 18.12 9.05
CA ALA B 286 40.68 18.12 8.06
C ALA B 286 41.87 17.17 8.35
N PRO B 287 42.44 17.22 9.57
CA PRO B 287 43.59 16.34 9.85
C PRO B 287 43.24 14.91 10.29
N VAL B 288 41.95 14.62 10.40
CA VAL B 288 41.48 13.30 10.85
C VAL B 288 41.71 12.27 9.76
N ASP B 289 42.25 11.10 10.13
CA ASP B 289 42.47 10.03 9.15
C ASP B 289 41.59 8.80 9.36
N LEU B 290 40.88 8.76 10.49
CA LEU B 290 39.94 7.66 10.77
C LEU B 290 38.68 8.17 11.48
N VAL B 291 37.54 7.91 10.86
CA VAL B 291 36.25 8.32 11.42
C VAL B 291 35.46 7.07 11.83
N LEU B 292 35.26 6.91 13.13
CA LEU B 292 34.41 5.83 13.63
C LEU B 292 33.03 6.37 13.98
N THR B 293 32.05 6.05 13.14
CA THR B 293 30.68 6.50 13.37
C THR B 293 29.98 5.47 14.24
N VAL B 294 29.89 5.78 15.52
CA VAL B 294 29.46 4.85 16.55
C VAL B 294 27.95 5.01 16.78
N GLY B 295 27.19 4.00 16.33
CA GLY B 295 25.73 4.08 16.34
C GLY B 295 25.21 5.01 15.27
N TYR B 296 25.77 4.91 14.06
CA TYR B 296 25.45 5.85 12.98
C TYR B 296 24.00 5.74 12.51
N ASP B 297 23.38 6.90 12.29
CA ASP B 297 22.04 6.98 11.70
C ASP B 297 21.96 8.22 10.81
N TYR B 298 21.81 8.00 9.51
CA TYR B 298 21.69 9.06 8.51
C TYR B 298 20.61 10.08 8.85
N ALA B 299 19.52 9.60 9.47
CA ALA B 299 18.38 10.45 9.85
C ALA B 299 18.76 11.60 10.78
N GLU B 300 19.79 11.39 11.60
CA GLU B 300 20.29 12.43 12.51
C GLU B 300 20.92 13.62 11.78
N ASP B 301 21.17 13.45 10.48
CA ASP B 301 21.63 14.51 9.57
C ASP B 301 23.09 14.96 9.75
N LEU B 302 23.90 14.12 10.40
CA LEU B 302 25.34 14.26 10.30
C LEU B 302 25.74 13.38 9.11
N ARG B 303 26.00 14.03 7.97
CA ARG B 303 26.19 13.33 6.70
CA ARG B 303 26.18 13.35 6.69
C ARG B 303 27.67 13.14 6.37
N PRO B 304 28.00 12.07 5.58
CA PRO B 304 29.40 11.87 5.19
C PRO B 304 30.09 13.10 4.55
N SER B 305 29.36 13.85 3.73
CA SER B 305 29.92 15.07 3.10
C SER B 305 30.47 16.06 4.13
N MSE B 306 29.94 16.03 5.35
CA MSE B 306 30.36 16.95 6.42
C MSE B 306 31.72 16.62 7.05
O MSE B 306 32.41 17.53 7.51
CB MSE B 306 29.29 17.04 7.49
CG MSE B 306 27.99 17.61 6.96
SE MSE B 306 26.57 17.55 8.27
CE MSE B 306 25.08 18.01 7.09
N TRP B 307 32.09 15.34 7.08
CA TRP B 307 33.40 14.96 7.60
C TRP B 307 34.45 14.77 6.50
N GLN B 308 34.01 14.80 5.25
CA GLN B 308 34.91 14.62 4.11
C GLN B 308 35.62 15.93 3.79
N LYS B 309 36.56 16.29 4.67
CA LYS B 309 37.32 17.54 4.62
C LYS B 309 38.78 17.19 4.77
N GLY B 310 39.64 17.91 4.05
CA GLY B 310 41.09 17.76 4.19
C GLY B 310 41.61 16.45 3.65
N ILE B 311 42.40 15.75 4.47
CA ILE B 311 43.03 14.50 4.03
C ILE B 311 42.03 13.37 3.85
N GLU B 312 42.41 12.37 3.06
CA GLU B 312 41.59 11.19 2.86
C GLU B 312 41.48 10.40 4.17
N LYS B 313 40.28 9.87 4.41
CA LYS B 313 39.96 9.19 5.66
C LYS B 313 39.47 7.78 5.41
N LYS B 314 39.71 6.91 6.37
CA LYS B 314 39.01 5.63 6.42
C LYS B 314 37.83 5.78 7.35
N THR B 315 36.79 4.99 7.15
CA THR B 315 35.60 5.06 8.00
C THR B 315 35.23 3.69 8.53
N VAL B 316 34.73 3.67 9.76
CA VAL B 316 34.15 2.49 10.37
C VAL B 316 32.71 2.80 10.80
N ARG B 317 31.76 2.06 10.25
CA ARG B 317 30.36 2.18 10.68
C ARG B 317 30.07 1.10 11.72
N ILE B 318 29.52 1.51 12.87
CA ILE B 318 29.04 0.58 13.87
C ILE B 318 27.57 0.89 14.12
N SER B 319 26.72 -0.11 13.92
CA SER B 319 25.27 0.08 14.05
C SER B 319 24.57 -1.27 14.22
N PRO B 320 23.51 -1.31 15.06
CA PRO B 320 22.66 -2.50 15.21
C PRO B 320 21.67 -2.66 14.05
N THR B 321 22.03 -2.14 12.88
CA THR B 321 21.23 -2.24 11.67
C THR B 321 22.14 -2.42 10.46
N VAL B 322 21.65 -3.11 9.44
CA VAL B 322 22.35 -3.20 8.16
C VAL B 322 22.29 -1.82 7.49
N ASN B 323 23.35 -1.45 6.77
CA ASN B 323 23.45 -0.13 6.15
C ASN B 323 22.32 0.13 5.14
N PRO B 324 21.41 1.08 5.45
CA PRO B 324 20.29 1.34 4.55
C PRO B 324 20.64 2.27 3.39
N ILE B 325 21.82 2.90 3.44
CA ILE B 325 22.17 3.93 2.46
C ILE B 325 23.53 3.76 1.77
N PRO B 326 23.80 2.59 1.17
CA PRO B 326 25.10 2.41 0.49
C PRO B 326 25.38 3.41 -0.65
N ARG B 327 24.33 4.00 -1.23
CA ARG B 327 24.52 5.07 -2.23
C ARG B 327 25.31 6.26 -1.65
N VAL B 328 25.12 6.50 -0.35
CA VAL B 328 25.64 7.69 0.31
C VAL B 328 26.84 7.39 1.21
N TYR B 329 26.77 6.28 1.94
CA TYR B 329 27.81 5.93 2.90
C TYR B 329 28.25 4.50 2.65
N ARG B 330 29.48 4.36 2.17
CA ARG B 330 30.12 3.06 2.00
C ARG B 330 31.31 2.99 2.92
N PRO B 331 31.10 2.57 4.18
CA PRO B 331 32.22 2.52 5.13
C PRO B 331 33.30 1.55 4.68
N ASP B 332 34.55 1.84 5.03
CA ASP B 332 35.64 0.91 4.80
C ASP B 332 35.43 -0.38 5.59
N VAL B 333 35.00 -0.22 6.83
CA VAL B 333 34.63 -1.34 7.70
C VAL B 333 33.22 -1.14 8.24
N ASP B 334 32.35 -2.14 8.07
CA ASP B 334 30.97 -2.07 8.57
C ASP B 334 30.77 -3.13 9.66
N VAL B 335 30.54 -2.67 10.88
CA VAL B 335 30.36 -3.54 12.04
C VAL B 335 28.88 -3.52 12.44
N VAL B 336 28.16 -4.56 12.02
CA VAL B 336 26.73 -4.64 12.31
C VAL B 336 26.55 -5.46 13.58
N THR B 337 26.27 -4.75 14.68
CA THR B 337 26.19 -5.35 16.01
C THR B 337 25.64 -4.33 17.02
N ASP B 338 25.40 -4.78 18.24
CA ASP B 338 25.03 -3.89 19.33
C ASP B 338 26.22 -2.99 19.65
N VAL B 339 25.94 -1.70 19.84
CA VAL B 339 27.00 -0.71 20.07
C VAL B 339 27.83 -1.05 21.31
N LEU B 340 27.17 -1.35 22.43
CA LEU B 340 27.88 -1.75 23.64
C LEU B 340 28.74 -3.01 23.43
N ALA B 341 28.17 -4.02 22.76
CA ALA B 341 28.94 -5.22 22.41
C ALA B 341 30.20 -4.88 21.62
N PHE B 342 30.07 -3.97 20.65
CA PHE B 342 31.22 -3.53 19.88
C PHE B 342 32.29 -2.90 20.76
N VAL B 343 31.89 -1.93 21.59
CA VAL B 343 32.84 -1.21 22.43
C VAL B 343 33.59 -2.17 23.37
N GLU B 344 32.88 -3.13 23.95
CA GLU B 344 33.47 -4.11 24.86
C GLU B 344 34.49 -5.02 24.14
N HIS B 345 34.14 -5.44 22.92
CA HIS B 345 35.05 -6.22 22.09
C HIS B 345 36.26 -5.38 21.64
N PHE B 346 36.00 -4.13 21.25
CA PHE B 346 37.04 -3.18 20.83
C PHE B 346 38.02 -2.88 21.95
N GLU B 347 37.51 -2.79 23.17
CA GLU B 347 38.34 -2.57 24.35
C GLU B 347 39.35 -3.70 24.52
N THR B 348 38.89 -4.94 24.36
CA THR B 348 39.77 -6.12 24.44
C THR B 348 40.79 -6.10 23.31
N ALA B 349 40.31 -5.83 22.09
CA ALA B 349 41.17 -5.80 20.91
C ALA B 349 42.25 -4.71 20.99
N THR B 350 41.95 -3.61 21.65
CA THR B 350 42.87 -2.46 21.72
C THR B 350 43.50 -2.25 23.10
N ALA B 351 43.39 -3.25 23.97
CA ALA B 351 43.93 -3.15 25.34
C ALA B 351 45.42 -2.77 25.38
N SER B 352 46.20 -3.29 24.45
CA SER B 352 47.65 -3.04 24.42
C SER B 352 48.03 -1.68 23.84
N PHE B 353 47.07 -1.02 23.16
CA PHE B 353 47.30 0.26 22.46
C PHE B 353 47.55 1.40 23.44
N GLY B 354 48.46 2.30 23.07
CA GLY B 354 48.67 3.52 23.83
C GLY B 354 47.84 4.66 23.28
N ALA B 355 47.90 5.81 23.94
CA ALA B 355 47.11 6.98 23.56
C ALA B 355 47.66 7.69 22.33
N LYS B 356 46.74 8.11 21.47
CA LYS B 356 47.03 8.92 20.30
C LYS B 356 47.32 10.36 20.71
N GLN B 357 47.94 11.11 19.80
CA GLN B 357 47.97 12.55 19.90
C GLN B 357 46.75 13.11 19.15
N ARG B 358 45.84 13.73 19.89
CA ARG B 358 44.59 14.25 19.31
C ARG B 358 44.84 15.53 18.52
N HIS B 359 44.04 15.74 17.47
CA HIS B 359 44.18 16.95 16.66
C HIS B 359 43.63 18.19 17.37
N ASP B 360 44.12 19.35 16.95
CA ASP B 360 43.89 20.60 17.65
C ASP B 360 42.68 21.34 17.06
N ILE B 361 41.67 21.56 17.89
CA ILE B 361 40.49 22.34 17.47
C ILE B 361 40.29 23.63 18.30
N GLU B 362 41.35 24.05 19.01
CA GLU B 362 41.27 25.27 19.82
C GLU B 362 40.81 26.54 19.08
N PRO B 363 41.22 26.72 17.80
CA PRO B 363 40.70 27.86 17.05
C PRO B 363 39.18 27.85 16.92
N LEU B 364 38.58 26.67 16.75
CA LEU B 364 37.13 26.54 16.70
C LEU B 364 36.50 26.80 18.07
N ARG B 365 37.10 26.24 19.12
CA ARG B 365 36.65 26.49 20.49
C ARG B 365 36.68 27.97 20.84
N ALA B 366 37.73 28.67 20.40
CA ALA B 366 37.86 30.11 20.61
C ALA B 366 36.73 30.89 19.91
N ARG B 367 36.43 30.53 18.66
CA ARG B 367 35.34 31.15 17.91
C ARG B 367 33.97 30.94 18.59
N ILE B 368 33.72 29.72 19.05
CA ILE B 368 32.47 29.40 19.74
C ILE B 368 32.35 30.20 21.05
N ALA B 369 33.44 30.28 21.82
CA ALA B 369 33.47 31.03 23.07
C ALA B 369 33.26 32.53 22.84
N GLU B 370 33.80 33.03 21.73
CA GLU B 370 33.64 34.41 21.32
C GLU B 370 32.17 34.77 21.09
N PHE B 371 31.45 33.92 20.36
CA PHE B 371 30.01 34.09 20.18
C PHE B 371 29.27 34.14 21.52
N LEU B 372 29.51 33.16 22.38
CA LEU B 372 28.85 33.10 23.69
C LEU B 372 29.13 34.34 24.54
N ALA B 373 30.35 34.88 24.46
CA ALA B 373 30.74 36.04 25.26
C ALA B 373 30.37 37.40 24.64
N ASP B 374 29.82 37.39 23.42
CA ASP B 374 29.45 38.61 22.68
C ASP B 374 28.83 39.69 23.59
N PRO B 375 29.57 40.78 23.84
CA PRO B 375 29.13 41.85 24.73
C PRO B 375 28.41 43.01 24.03
N GLU B 376 28.25 42.94 22.71
CA GLU B 376 27.64 44.02 21.93
C GLU B 376 26.15 44.18 22.23
N THR B 377 25.70 45.44 22.26
CA THR B 377 24.28 45.76 22.28
C THR B 377 23.87 46.11 20.85
N TYR B 378 22.86 45.41 20.35
CA TYR B 378 22.39 45.60 18.99
C TYR B 378 21.13 46.45 18.99
N GLU B 379 20.94 47.21 17.91
CA GLU B 379 19.80 48.11 17.77
C GLU B 379 18.51 47.34 17.54
N ASP B 380 18.63 46.19 16.89
CA ASP B 380 17.48 45.41 16.46
C ASP B 380 17.34 44.11 17.26
N GLY B 381 17.21 44.24 18.59
CA GLY B 381 17.02 43.07 19.46
C GLY B 381 18.30 42.36 19.84
N MSE B 382 18.15 41.23 20.54
CA MSE B 382 19.29 40.42 20.94
C MSE B 382 19.74 39.50 19.80
O MSE B 382 19.06 39.37 18.78
CB MSE B 382 18.96 39.59 22.19
CG MSE B 382 18.79 40.42 23.45
SE MSE B 382 18.62 39.35 25.06
CE MSE B 382 20.45 38.68 25.20
N ARG B 383 20.91 38.89 19.98
CA ARG B 383 21.38 37.84 19.08
C ARG B 383 21.20 36.50 19.79
N VAL B 384 20.90 35.46 19.03
CA VAL B 384 20.54 34.15 19.60
C VAL B 384 21.65 33.51 20.45
N HIS B 385 22.91 33.71 20.03
CA HIS B 385 24.05 33.19 20.81
C HIS B 385 24.15 33.82 22.20
N GLN B 386 23.78 35.10 22.30
CA GLN B 386 23.72 35.80 23.58
C GLN B 386 22.60 35.27 24.45
N VAL B 387 21.47 34.95 23.82
CA VAL B 387 20.31 34.36 24.51
C VAL B 387 20.70 32.99 25.09
N ILE B 388 21.33 32.15 24.28
CA ILE B 388 21.73 30.82 24.72
C ILE B 388 22.78 30.88 25.83
N ASP B 389 23.76 31.78 25.71
CA ASP B 389 24.74 31.99 26.78
C ASP B 389 24.06 32.28 28.12
N SER B 390 23.04 33.14 28.09
CA SER B 390 22.30 33.49 29.30
C SER B 390 21.56 32.28 29.88
N MSE B 391 20.92 31.50 29.00
CA MSE B 391 20.28 30.25 29.40
C MSE B 391 21.29 29.25 30.01
O MSE B 391 20.99 28.63 31.02
CB MSE B 391 19.55 29.61 28.21
CG MSE B 391 18.49 30.53 27.59
SE MSE B 391 17.62 29.72 26.04
CE MSE B 391 16.67 28.25 26.94
N ASN B 392 22.47 29.13 29.40
CA ASN B 392 23.53 28.25 29.92
C ASN B 392 23.93 28.61 31.33
N THR B 393 24.14 29.91 31.56
CA THR B 393 24.53 30.44 32.86
C THR B 393 23.52 30.07 33.94
N VAL B 394 22.24 30.31 33.66
CA VAL B 394 21.20 30.06 34.65
C VAL B 394 20.93 28.55 34.82
N MSE B 395 20.98 27.80 33.72
CA MSE B 395 20.87 26.33 33.78
C MSE B 395 21.97 25.76 34.70
O MSE B 395 21.69 24.91 35.55
CB MSE B 395 20.95 25.71 32.39
CG MSE B 395 20.92 24.17 32.36
SE MSE B 395 19.38 23.40 33.29
CE MSE B 395 18.03 23.81 31.94
N GLU B 396 23.21 26.23 34.52
CA GLU B 396 24.34 25.80 35.34
C GLU B 396 24.13 26.10 36.83
N GLU B 397 23.50 27.24 37.11
CA GLU B 397 23.17 27.64 38.48
C GLU B 397 22.06 26.78 39.09
N ALA B 398 21.03 26.51 38.28
CA ALA B 398 19.81 25.85 38.75
C ALA B 398 19.90 24.33 38.88
N ALA B 399 20.67 23.70 38.00
CA ALA B 399 20.79 22.24 37.97
C ALA B 399 21.91 21.72 38.85
N GLU B 400 21.71 20.52 39.40
CA GLU B 400 22.80 19.73 39.98
C GLU B 400 23.77 19.37 38.85
N PRO B 401 25.05 19.14 39.17
CA PRO B 401 25.99 18.69 38.13
C PRO B 401 25.48 17.45 37.40
N GLY B 402 25.65 17.45 36.08
CA GLY B 402 25.21 16.33 35.25
C GLY B 402 23.71 16.26 35.04
N GLU B 403 23.01 17.34 35.39
CA GLU B 403 21.55 17.38 35.28
C GLU B 403 21.04 18.60 34.49
N GLY B 404 19.73 18.63 34.26
CA GLY B 404 19.10 19.70 33.48
C GLY B 404 18.91 19.33 32.03
N THR B 405 17.90 19.94 31.41
CA THR B 405 17.61 19.74 29.98
C THR B 405 17.31 21.07 29.34
N ILE B 406 17.99 21.36 28.24
CA ILE B 406 17.60 22.47 27.37
C ILE B 406 16.95 21.87 26.13
N VAL B 407 15.69 22.25 25.91
CA VAL B 407 14.91 21.76 24.77
C VAL B 407 14.90 22.84 23.70
N SER B 408 15.03 22.43 22.43
CA SER B 408 14.95 23.37 21.32
C SER B 408 13.89 22.94 20.30
N ASP B 409 13.02 23.88 19.94
CA ASP B 409 12.11 23.73 18.81
C ASP B 409 12.94 23.85 17.52
N ILE B 410 12.28 24.01 16.38
CA ILE B 410 12.95 23.96 15.08
C ILE B 410 12.96 25.34 14.41
N GLY B 411 14.07 25.65 13.73
CA GLY B 411 14.26 26.94 13.08
C GLY B 411 15.74 27.23 12.93
N PHE B 412 16.08 28.44 12.50
CA PHE B 412 17.48 28.83 12.36
C PHE B 412 18.17 28.81 13.72
N PHE B 413 17.46 29.29 14.74
CA PHE B 413 17.94 29.36 16.12
C PHE B 413 18.35 27.98 16.68
N ARG B 414 17.72 26.92 16.17
CA ARG B 414 17.99 25.56 16.67
C ARG B 414 19.45 25.17 16.47
N HIS B 415 20.02 25.61 15.35
CA HIS B 415 21.42 25.30 15.04
C HIS B 415 22.41 26.13 15.83
N TYR B 416 21.96 27.30 16.32
CA TYR B 416 22.68 28.00 17.39
C TYR B 416 22.66 27.12 18.65
N GLY B 417 21.50 26.52 18.94
CA GLY B 417 21.38 25.58 20.06
C GLY B 417 22.36 24.43 19.96
N VAL B 418 22.45 23.84 18.78
CA VAL B 418 23.41 22.75 18.51
C VAL B 418 24.84 23.17 18.86
N LEU B 419 25.24 24.36 18.42
CA LEU B 419 26.59 24.87 18.66
C LEU B 419 26.84 25.38 20.08
N PHE B 420 25.82 25.98 20.68
CA PHE B 420 26.02 26.80 21.88
C PHE B 420 25.38 26.30 23.17
N ALA B 421 24.35 25.45 23.07
CA ALA B 421 23.61 25.04 24.27
C ALA B 421 24.38 24.05 25.13
N ARG B 422 24.34 24.30 26.45
CA ARG B 422 24.92 23.43 27.46
C ARG B 422 24.20 22.08 27.50
N ALA B 423 24.98 21.00 27.51
CA ALA B 423 24.45 19.66 27.75
C ALA B 423 25.43 18.91 28.65
N ASP B 424 25.01 18.65 29.88
CA ASP B 424 25.91 18.02 30.86
C ASP B 424 25.57 16.55 31.14
N GLN B 425 24.69 15.99 30.31
CA GLN B 425 24.31 14.58 30.38
C GLN B 425 23.76 14.17 29.01
N PRO B 426 23.69 12.85 28.73
CA PRO B 426 22.99 12.44 27.50
C PRO B 426 21.56 12.98 27.46
N PHE B 427 21.15 13.46 26.29
CA PHE B 427 19.85 14.12 26.08
C PHE B 427 19.68 15.38 26.95
N GLY B 428 20.80 15.98 27.33
CA GLY B 428 20.80 17.26 28.06
C GLY B 428 20.43 18.41 27.14
N PHE B 429 20.70 18.24 25.85
CA PHE B 429 20.16 19.12 24.82
C PHE B 429 19.22 18.30 23.95
N LEU B 430 17.96 18.69 23.94
CA LEU B 430 16.93 17.90 23.29
C LEU B 430 16.29 18.67 22.13
N THR B 431 16.36 18.09 20.94
CA THR B 431 15.69 18.61 19.77
C THR B 431 15.32 17.44 18.84
N SER B 432 14.54 17.71 17.80
CA SER B 432 14.14 16.68 16.85
C SER B 432 15.09 16.66 15.66
N ALA B 433 15.94 15.64 15.59
CA ALA B 433 16.98 15.57 14.56
C ALA B 433 16.55 14.91 13.26
N GLY B 434 15.66 13.92 13.34
CA GLY B 434 15.20 13.19 12.16
C GLY B 434 13.97 13.79 11.51
N CYS B 435 12.97 14.14 12.31
CA CYS B 435 11.71 14.65 11.77
C CYS B 435 11.70 16.19 11.66
N SER B 436 12.13 16.86 12.74
CA SER B 436 12.24 18.32 12.81
C SER B 436 10.94 19.06 12.45
N SER B 437 9.84 18.64 13.07
CA SER B 437 8.59 19.38 12.94
C SER B 437 8.64 20.62 13.82
N PHE B 438 8.29 21.78 13.27
CA PHE B 438 8.12 22.97 14.10
C PHE B 438 6.97 22.73 15.09
N GLY B 439 7.00 23.42 16.22
CA GLY B 439 6.05 23.16 17.30
C GLY B 439 6.48 22.06 18.26
N TYR B 440 7.60 21.41 17.93
CA TYR B 440 8.19 20.30 18.72
C TYR B 440 8.50 20.69 20.18
N GLY B 441 8.83 21.95 20.39
CA GLY B 441 9.36 22.42 21.68
C GLY B 441 8.51 22.13 22.91
N ILE B 442 7.26 22.59 22.91
CA ILE B 442 6.36 22.39 24.06
C ILE B 442 6.16 20.92 24.46
N PRO B 443 5.72 20.04 23.52
CA PRO B 443 5.59 18.62 23.93
C PRO B 443 6.90 17.96 24.37
N ALA B 444 8.03 18.38 23.79
CA ALA B 444 9.32 17.82 24.18
C ALA B 444 9.68 18.25 25.60
N ALA B 445 9.41 19.51 25.93
CA ALA B 445 9.62 20.03 27.27
C ALA B 445 8.70 19.36 28.29
N ILE B 446 7.45 19.11 27.90
CA ILE B 446 6.51 18.34 28.73
C ILE B 446 7.07 16.96 29.02
N GLY B 447 7.45 16.24 27.96
CA GLY B 447 8.05 14.91 28.10
C GLY B 447 9.33 14.89 28.92
N ALA B 448 10.23 15.83 28.64
CA ALA B 448 11.49 15.98 29.39
C ALA B 448 11.27 16.25 30.88
N GLN B 449 10.40 17.22 31.19
CA GLN B 449 10.11 17.56 32.58
C GLN B 449 9.48 16.40 33.35
N MSE B 450 8.59 15.66 32.70
CA MSE B 450 7.98 14.49 33.33
C MSE B 450 8.98 13.35 33.50
O MSE B 450 8.90 12.60 34.48
CB MSE B 450 6.75 14.04 32.53
CG MSE B 450 5.57 15.00 32.64
SE MSE B 450 4.06 14.48 31.55
CE MSE B 450 3.68 12.76 32.39
N ALA B 451 9.91 13.21 32.56
CA ALA B 451 10.95 12.19 32.64
C ALA B 451 11.97 12.51 33.72
N ARG B 452 12.20 13.80 33.95
CA ARG B 452 13.20 14.29 34.90
C ARG B 452 12.52 15.27 35.86
N PRO B 453 11.63 14.76 36.75
CA PRO B 453 10.71 15.61 37.50
C PRO B 453 11.36 16.66 38.41
N ASP B 454 12.59 16.41 38.85
CA ASP B 454 13.26 17.33 39.78
C ASP B 454 14.41 18.11 39.15
N GLN B 455 14.49 18.10 37.82
CA GLN B 455 15.54 18.83 37.09
C GLN B 455 14.97 20.04 36.36
N PRO B 456 15.77 21.13 36.25
CA PRO B 456 15.32 22.26 35.45
C PRO B 456 15.16 21.88 33.98
N THR B 457 14.10 22.39 33.38
CA THR B 457 13.81 22.18 31.96
C THR B 457 13.60 23.55 31.33
N PHE B 458 14.51 23.93 30.43
CA PHE B 458 14.38 25.16 29.68
C PHE B 458 14.02 24.83 28.24
N LEU B 459 13.20 25.68 27.61
CA LEU B 459 12.85 25.54 26.21
C LEU B 459 13.20 26.81 25.44
N ILE B 460 13.89 26.65 24.32
CA ILE B 460 14.02 27.75 23.35
C ILE B 460 13.21 27.44 22.09
N ALA B 461 12.41 28.40 21.65
CA ALA B 461 11.61 28.24 20.45
C ALA B 461 11.56 29.57 19.69
N GLY B 462 11.45 29.49 18.37
CA GLY B 462 11.30 30.68 17.52
C GLY B 462 9.83 31.00 17.42
N ASP B 463 9.51 32.22 16.96
CA ASP B 463 8.12 32.64 16.86
C ASP B 463 7.29 31.80 15.88
N GLY B 464 7.89 31.42 14.75
CA GLY B 464 7.22 30.62 13.73
C GLY B 464 6.80 29.26 14.26
N GLY B 465 7.79 28.50 14.74
CA GLY B 465 7.55 27.17 15.30
C GLY B 465 6.74 27.17 16.58
N PHE B 466 7.06 28.10 17.49
CA PHE B 466 6.34 28.15 18.76
C PHE B 466 4.84 28.37 18.56
N HIS B 467 4.48 29.35 17.73
CA HIS B 467 3.07 29.68 17.54
C HIS B 467 2.31 28.60 16.75
N SER B 468 3.04 27.78 16.00
CA SER B 468 2.44 26.63 15.31
C SER B 468 1.78 25.65 16.29
N ASN B 469 2.21 25.69 17.55
CA ASN B 469 1.73 24.73 18.55
C ASN B 469 1.65 25.35 19.95
N SER B 470 1.33 26.64 20.01
CA SER B 470 1.41 27.41 21.26
C SER B 470 0.24 27.16 22.21
N SER B 471 -0.85 26.59 21.71
CA SER B 471 -2.03 26.36 22.53
C SER B 471 -1.77 25.43 23.70
N ASP B 472 -0.82 24.51 23.55
CA ASP B 472 -0.48 23.59 24.63
C ASP B 472 0.28 24.25 25.78
N LEU B 473 0.42 25.57 25.74
CA LEU B 473 0.78 26.33 26.94
C LEU B 473 -0.22 26.06 28.06
N GLU B 474 -1.50 25.92 27.71
CA GLU B 474 -2.54 25.61 28.70
C GLU B 474 -2.28 24.26 29.37
N THR B 475 -1.80 23.30 28.59
CA THR B 475 -1.43 22.00 29.12
C THR B 475 -0.28 22.09 30.13
N ILE B 476 0.73 22.91 29.81
CA ILE B 476 1.83 23.15 30.75
C ILE B 476 1.33 23.73 32.08
N ALA B 477 0.42 24.68 32.00
CA ALA B 477 -0.19 25.31 33.18
C ALA B 477 -1.03 24.33 33.98
N ARG B 478 -1.84 23.51 33.27
CA ARG B 478 -2.72 22.53 33.89
C ARG B 478 -1.94 21.41 34.60
N LEU B 479 -0.88 20.93 33.96
CA LEU B 479 -0.02 19.92 34.56
C LEU B 479 0.96 20.53 35.59
N ASN B 480 0.97 21.86 35.68
CA ASN B 480 1.91 22.62 36.53
C ASN B 480 3.37 22.16 36.41
N LEU B 481 3.84 22.01 35.17
CA LEU B 481 5.22 21.64 34.91
C LEU B 481 6.06 22.91 34.86
N PRO B 482 7.09 22.99 35.73
CA PRO B 482 7.85 24.24 35.87
C PRO B 482 8.86 24.50 34.75
N ILE B 483 8.42 24.36 33.50
CA ILE B 483 9.23 24.65 32.32
C ILE B 483 9.41 26.16 32.16
N VAL B 484 10.66 26.57 31.88
CA VAL B 484 10.96 27.95 31.52
C VAL B 484 11.16 28.03 30.02
N THR B 485 10.30 28.79 29.36
CA THR B 485 10.31 28.92 27.90
C THR B 485 10.86 30.28 27.48
N VAL B 486 11.81 30.27 26.55
CA VAL B 486 12.28 31.49 25.92
C VAL B 486 11.83 31.47 24.46
N VAL B 487 11.07 32.48 24.07
CA VAL B 487 10.64 32.63 22.68
C VAL B 487 11.46 33.72 22.00
N VAL B 488 12.28 33.31 21.03
CA VAL B 488 13.08 34.25 20.26
C VAL B 488 12.32 34.70 19.01
N ASN B 489 11.90 35.97 19.01
CA ASN B 489 10.94 36.46 18.03
C ASN B 489 11.56 37.45 17.04
N ASN B 490 11.45 37.12 15.75
CA ASN B 490 11.82 38.05 14.67
C ASN B 490 10.70 38.21 13.63
N ASP B 491 9.48 37.81 14.02
CA ASP B 491 8.27 37.94 13.18
C ASP B 491 8.43 37.31 11.80
N THR B 492 9.17 36.21 11.75
CA THR B 492 9.54 35.55 10.49
C THR B 492 9.79 34.06 10.73
N ASN B 493 9.50 33.26 9.70
CA ASN B 493 10.10 31.93 9.59
C ASN B 493 11.50 32.16 9.03
N GLY B 494 12.44 32.48 9.93
CA GLY B 494 13.76 32.97 9.54
C GLY B 494 14.60 31.97 8.76
N LEU B 495 14.55 30.70 9.16
CA LEU B 495 15.24 29.64 8.43
C LEU B 495 14.81 29.60 6.96
N ILE B 496 13.53 29.85 6.72
CA ILE B 496 12.97 29.80 5.36
C ILE B 496 13.39 31.04 4.55
N GLU B 497 13.44 32.20 5.19
CA GLU B 497 14.01 33.40 4.54
C GLU B 497 15.48 33.15 4.14
N LEU B 498 16.22 32.42 4.97
CA LEU B 498 17.59 32.03 4.63
C LEU B 498 17.62 31.21 3.34
N TYR B 499 16.80 30.17 3.27
CA TYR B 499 16.73 29.34 2.07
C TYR B 499 16.29 30.10 0.82
N GLN B 500 15.35 31.05 0.97
CA GLN B 500 14.95 31.93 -0.15
C GLN B 500 16.18 32.63 -0.71
N ASN B 501 16.99 33.20 0.19
CA ASN B 501 18.21 33.90 -0.21
C ASN B 501 19.32 32.99 -0.74
N ILE B 502 19.47 31.81 -0.15
CA ILE B 502 20.40 30.81 -0.69
C ILE B 502 20.07 30.50 -2.15
N GLY B 503 18.79 30.21 -2.44
CA GLY B 503 18.38 29.79 -3.76
C GLY B 503 18.16 30.90 -4.78
N HIS B 504 17.74 32.07 -4.32
CA HIS B 504 17.31 33.14 -5.22
C HIS B 504 18.03 34.48 -5.03
N HIS B 505 18.79 34.60 -3.94
CA HIS B 505 19.53 35.83 -3.60
C HIS B 505 18.61 37.02 -3.31
N ARG B 506 17.38 36.69 -2.88
CA ARG B 506 16.42 37.69 -2.40
C ARG B 506 15.32 36.99 -1.60
N SER B 507 14.58 37.79 -0.83
CA SER B 507 13.47 37.29 -0.02
C SER B 507 12.15 37.47 -0.75
N HIS B 508 11.12 36.77 -0.27
CA HIS B 508 9.75 37.02 -0.68
C HIS B 508 8.89 36.93 0.57
N ASP B 509 8.52 38.10 1.09
CA ASP B 509 7.85 38.22 2.39
C ASP B 509 6.53 37.45 2.56
N PRO B 510 5.65 37.44 1.53
CA PRO B 510 4.39 36.69 1.67
C PRO B 510 4.56 35.22 2.07
N ALA B 511 5.73 34.64 1.80
CA ALA B 511 5.99 33.24 2.13
C ALA B 511 6.65 33.02 3.50
N VAL B 512 7.12 34.09 4.14
CA VAL B 512 7.89 33.95 5.39
C VAL B 512 7.55 34.92 6.54
N LYS B 513 6.94 36.07 6.23
CA LYS B 513 6.74 37.13 7.22
C LYS B 513 5.41 37.10 7.95
N PHE B 514 5.46 37.32 9.27
CA PHE B 514 4.28 37.44 10.11
C PHE B 514 4.06 38.88 10.59
N GLY B 515 2.86 39.15 11.10
CA GLY B 515 2.62 40.34 11.90
C GLY B 515 2.97 40.07 13.36
N GLY B 516 2.67 41.03 14.22
CA GLY B 516 3.06 40.95 15.63
C GLY B 516 2.22 40.01 16.46
N VAL B 517 2.90 39.19 17.27
CA VAL B 517 2.26 38.36 18.27
C VAL B 517 2.93 38.71 19.59
N ASP B 518 2.13 39.07 20.58
CA ASP B 518 2.63 39.35 21.91
C ASP B 518 2.64 38.02 22.69
N PHE B 519 3.78 37.35 22.72
CA PHE B 519 3.90 36.04 23.37
C PHE B 519 3.78 36.11 24.88
N VAL B 520 4.15 37.26 25.45
CA VAL B 520 3.95 37.49 26.89
C VAL B 520 2.44 37.45 27.20
N ALA B 521 1.66 38.25 26.48
CA ALA B 521 0.20 38.25 26.63
C ALA B 521 -0.41 36.88 26.29
N LEU B 522 0.13 36.22 25.26
CA LEU B 522 -0.33 34.88 24.87
C LEU B 522 -0.17 33.88 26.02
N ALA B 523 1.02 33.85 26.63
CA ALA B 523 1.29 32.98 27.77
C ALA B 523 0.33 33.24 28.93
N GLU B 524 0.13 34.52 29.26
CA GLU B 524 -0.74 34.90 30.37
C GLU B 524 -2.20 34.52 30.14
N ALA B 525 -2.64 34.57 28.88
CA ALA B 525 -3.98 34.11 28.50
C ALA B 525 -4.18 32.61 28.81
N ASN B 526 -3.09 31.85 28.74
CA ASN B 526 -3.09 30.42 29.01
C ASN B 526 -2.82 30.11 30.48
N GLY B 527 -2.61 31.14 31.30
CA GLY B 527 -2.35 30.97 32.74
C GLY B 527 -0.89 30.72 33.08
N VAL B 528 0.01 31.11 32.17
CA VAL B 528 1.44 30.99 32.39
C VAL B 528 2.01 32.39 32.56
N ASP B 529 2.61 32.65 33.73
CA ASP B 529 3.28 33.93 33.99
C ASP B 529 4.39 34.18 32.97
N ALA B 530 4.55 35.44 32.55
CA ALA B 530 5.48 35.76 31.48
C ALA B 530 6.06 37.17 31.59
N THR B 531 7.14 37.42 30.83
CA THR B 531 7.81 38.72 30.79
C THR B 531 8.61 38.88 29.49
N ARG B 532 8.87 40.13 29.12
CA ARG B 532 9.70 40.45 27.97
C ARG B 532 11.12 40.77 28.44
N ALA B 533 12.12 40.32 27.70
CA ALA B 533 13.52 40.64 28.01
C ALA B 533 14.25 41.06 26.74
N THR B 534 14.93 42.20 26.80
CA THR B 534 15.51 42.83 25.60
C THR B 534 17.04 42.96 25.64
N ASN B 535 17.64 42.58 26.76
CA ASN B 535 19.11 42.53 26.89
C ASN B 535 19.55 41.43 27.85
N ARG B 536 20.87 41.22 27.95
CA ARG B 536 21.43 40.16 28.80
C ARG B 536 21.01 40.28 30.25
N GLU B 537 21.03 41.50 30.78
CA GLU B 537 20.66 41.76 32.17
C GLU B 537 19.21 41.39 32.48
N GLU B 538 18.28 41.85 31.64
CA GLU B 538 16.85 41.52 31.82
C GLU B 538 16.60 40.02 31.63
N LEU B 539 17.29 39.41 30.67
CA LEU B 539 17.14 37.99 30.37
C LEU B 539 17.65 37.11 31.52
N LEU B 540 18.84 37.42 32.04
CA LEU B 540 19.36 36.69 33.20
C LEU B 540 18.39 36.78 34.37
N ALA B 541 17.87 37.99 34.61
CA ALA B 541 16.89 38.19 35.70
C ALA B 541 15.61 37.37 35.48
N ALA B 542 15.09 37.41 34.26
CA ALA B 542 13.88 36.66 33.92
C ALA B 542 14.07 35.15 34.06
N LEU B 543 15.21 34.65 33.58
CA LEU B 543 15.53 33.21 33.67
C LEU B 543 15.68 32.76 35.12
N ARG B 544 16.36 33.57 35.93
CA ARG B 544 16.52 33.28 37.35
C ARG B 544 15.18 33.30 38.09
N LYS B 545 14.32 34.26 37.75
CA LYS B 545 12.97 34.30 38.28
C LYS B 545 12.20 33.03 37.88
N GLY B 546 12.24 32.70 36.59
CA GLY B 546 11.56 31.51 36.08
C GLY B 546 12.01 30.21 36.72
N ALA B 547 13.32 30.07 36.91
CA ALA B 547 13.92 28.84 37.46
C ALA B 547 13.51 28.59 38.91
N GLU B 548 13.28 29.65 39.67
CA GLU B 548 12.96 29.56 41.08
C GLU B 548 11.46 29.69 41.38
N LEU B 549 10.65 29.90 40.33
CA LEU B 549 9.21 30.20 40.47
C LEU B 549 8.34 29.07 41.00
N GLY B 550 8.70 27.82 40.70
CA GLY B 550 7.88 26.66 41.06
C GLY B 550 6.65 26.50 40.19
N ARG B 551 6.62 27.24 39.07
CA ARG B 551 5.52 27.26 38.11
C ARG B 551 6.13 27.43 36.73
N PRO B 552 5.38 27.12 35.66
CA PRO B 552 5.89 27.48 34.34
C PRO B 552 6.07 29.00 34.17
N PHE B 553 6.96 29.39 33.26
CA PHE B 553 7.27 30.79 33.00
C PHE B 553 7.68 30.96 31.54
N LEU B 554 7.28 32.07 30.93
CA LEU B 554 7.67 32.34 29.55
C LEU B 554 8.35 33.71 29.42
N ILE B 555 9.39 33.75 28.60
CA ILE B 555 10.16 34.95 28.36
C ILE B 555 10.20 35.20 26.85
N GLU B 556 9.71 36.35 26.43
CA GLU B 556 9.81 36.74 25.02
C GLU B 556 11.03 37.64 24.80
N VAL B 557 11.86 37.28 23.81
CA VAL B 557 13.04 38.05 23.46
C VAL B 557 13.01 38.45 21.98
N PRO B 558 13.03 39.76 21.69
CA PRO B 558 13.20 40.20 20.30
C PRO B 558 14.60 39.84 19.81
N VAL B 559 14.69 39.22 18.64
CA VAL B 559 15.97 38.90 18.04
C VAL B 559 16.00 39.25 16.56
N ASN B 560 17.22 39.33 16.01
CA ASN B 560 17.44 39.34 14.57
C ASN B 560 18.67 38.48 14.27
N TYR B 561 18.84 38.10 13.00
CA TYR B 561 19.92 37.19 12.64
C TYR B 561 21.08 37.81 11.88
N ASP B 562 20.78 38.65 10.90
CA ASP B 562 21.81 39.21 10.00
C ASP B 562 22.67 38.09 9.40
N PHE B 563 22.01 37.13 8.74
CA PHE B 563 22.72 35.98 8.19
C PHE B 563 23.42 36.28 6.86
N GLN B 564 24.36 35.40 6.50
CA GLN B 564 25.11 35.54 5.26
C GLN B 564 24.84 34.33 4.37
N PRO B 565 23.86 34.44 3.45
CA PRO B 565 23.37 33.32 2.63
C PRO B 565 24.43 32.66 1.77
N GLY B 566 25.54 33.36 1.52
CA GLY B 566 26.63 32.82 0.72
C GLY B 566 27.48 31.77 1.44
N GLY B 567 27.38 31.71 2.76
CA GLY B 567 28.26 30.84 3.56
C GLY B 567 27.73 29.45 3.91
N PHE B 568 26.63 29.03 3.27
CA PHE B 568 25.95 27.79 3.65
C PHE B 568 26.06 26.67 2.60
N GLY B 569 27.17 26.64 1.88
CA GLY B 569 27.45 25.61 0.87
C GLY B 569 27.42 24.19 1.40
N ALA B 570 27.78 24.00 2.68
CA ALA B 570 27.74 22.68 3.32
C ALA B 570 26.36 22.02 3.32
N LEU B 571 25.31 22.82 3.23
CA LEU B 571 23.93 22.33 3.24
C LEU B 571 23.53 21.57 1.98
N SER B 572 24.28 21.77 0.89
CA SER B 572 23.92 21.22 -0.42
C SER B 572 24.06 19.70 -0.51
N ILE B 573 23.03 19.06 -1.08
CA ILE B 573 22.88 17.60 -1.10
C ILE B 573 22.87 17.05 -2.53
N LYS C 11 -27.46 -26.03 8.28
CA LYS C 11 -27.64 -24.56 8.09
C LYS C 11 -26.72 -24.02 6.99
N PRO C 12 -27.27 -23.20 6.07
CA PRO C 12 -26.48 -22.60 4.98
C PRO C 12 -25.41 -21.64 5.49
N THR C 13 -24.22 -21.73 4.88
CA THR C 13 -23.07 -20.94 5.33
C THR C 13 -22.77 -19.83 4.34
N ALA C 14 -21.69 -19.08 4.60
CA ALA C 14 -21.24 -18.02 3.69
C ALA C 14 -20.93 -18.58 2.30
N ALA C 15 -20.52 -19.85 2.25
CA ALA C 15 -20.26 -20.52 0.97
C ALA C 15 -21.53 -20.54 0.12
N HIS C 16 -22.65 -20.91 0.75
CA HIS C 16 -23.94 -20.91 0.06
C HIS C 16 -24.37 -19.49 -0.34
N ALA C 17 -24.23 -18.54 0.58
CA ALA C 17 -24.60 -17.15 0.35
C ALA C 17 -23.76 -16.53 -0.78
N LEU C 18 -22.48 -16.88 -0.83
CA LEU C 18 -21.58 -16.45 -1.91
C LEU C 18 -22.05 -16.96 -3.27
N LEU C 19 -22.21 -18.27 -3.39
CA LEU C 19 -22.63 -18.87 -4.66
C LEU C 19 -24.03 -18.39 -5.08
N SER C 20 -24.92 -18.24 -4.11
CA SER C 20 -26.26 -17.72 -4.35
CA SER C 20 -26.26 -17.72 -4.34
C SER C 20 -26.25 -16.32 -4.93
N ARG C 21 -25.39 -15.45 -4.39
CA ARG C 21 -25.32 -14.06 -4.86
C ARG C 21 -24.67 -13.96 -6.25
N LEU C 22 -23.70 -14.83 -6.52
CA LEU C 22 -23.14 -14.93 -7.87
C LEU C 22 -24.23 -15.33 -8.87
N ARG C 23 -25.02 -16.34 -8.50
CA ARG C 23 -26.14 -16.78 -9.33
CA ARG C 23 -26.15 -16.79 -9.32
C ARG C 23 -27.15 -15.65 -9.58
N ASP C 24 -27.46 -14.89 -8.52
CA ASP C 24 -28.33 -13.70 -8.64
C ASP C 24 -27.84 -12.71 -9.71
N HIS C 25 -26.51 -12.60 -9.83
CA HIS C 25 -25.87 -11.74 -10.83
C HIS C 25 -25.67 -12.43 -12.18
N GLY C 26 -26.29 -13.59 -12.35
CA GLY C 26 -26.29 -14.29 -13.64
C GLY C 26 -25.17 -15.28 -13.87
N VAL C 27 -24.32 -15.47 -12.86
CA VAL C 27 -23.17 -16.37 -12.99
C VAL C 27 -23.60 -17.83 -12.95
N GLY C 28 -23.16 -18.60 -13.94
CA GLY C 28 -23.47 -20.02 -14.01
C GLY C 28 -22.26 -20.94 -13.90
N LYS C 29 -21.06 -20.37 -13.98
CA LYS C 29 -19.80 -21.12 -13.91
C LYS C 29 -18.79 -20.42 -13.01
N VAL C 30 -18.05 -21.20 -12.22
CA VAL C 30 -16.88 -20.69 -11.49
C VAL C 30 -15.65 -21.45 -11.97
N PHE C 31 -14.71 -20.76 -12.61
CA PHE C 31 -13.48 -21.37 -13.10
C PHE C 31 -12.41 -21.30 -12.01
N GLY C 32 -11.67 -22.38 -11.79
CA GLY C 32 -10.58 -22.32 -10.83
C GLY C 32 -9.93 -23.62 -10.44
N VAL C 33 -9.13 -23.54 -9.37
CA VAL C 33 -8.50 -24.69 -8.73
C VAL C 33 -8.84 -24.56 -7.25
N VAL C 34 -9.44 -25.59 -6.67
CA VAL C 34 -9.84 -25.57 -5.26
C VAL C 34 -8.74 -26.12 -4.37
N GLY C 35 -8.50 -25.44 -3.24
CA GLY C 35 -7.53 -25.89 -2.24
C GLY C 35 -8.24 -26.45 -1.02
N ARG C 36 -7.58 -26.36 0.13
CA ARG C 36 -8.10 -26.91 1.40
C ARG C 36 -9.39 -26.26 1.88
N GLU C 37 -9.74 -25.10 1.32
CA GLU C 37 -11.03 -24.46 1.58
C GLU C 37 -12.20 -25.31 1.10
N ALA C 38 -11.90 -26.41 0.42
CA ALA C 38 -12.91 -27.41 0.05
C ALA C 38 -13.65 -27.95 1.27
N ALA C 39 -12.99 -27.89 2.43
CA ALA C 39 -13.63 -28.20 3.72
C ALA C 39 -14.78 -27.25 4.03
N SER C 40 -14.74 -26.04 3.45
CA SER C 40 -15.77 -25.03 3.67
C SER C 40 -16.72 -24.85 2.48
N ILE C 41 -16.28 -25.22 1.29
CA ILE C 41 -17.09 -25.04 0.08
C ILE C 41 -16.97 -26.23 -0.88
N LEU C 42 -18.09 -26.87 -1.18
CA LEU C 42 -18.10 -28.02 -2.10
C LEU C 42 -18.27 -27.62 -3.55
N PHE C 43 -19.08 -26.59 -3.77
CA PHE C 43 -19.48 -26.08 -5.10
C PHE C 43 -20.69 -26.81 -5.69
N ASP C 44 -21.38 -27.56 -4.83
CA ASP C 44 -22.70 -28.11 -5.17
C ASP C 44 -23.83 -27.44 -4.35
N GLU C 45 -23.49 -26.40 -3.60
CA GLU C 45 -24.45 -25.75 -2.70
C GLU C 45 -25.63 -25.09 -3.43
N VAL C 46 -25.40 -24.63 -4.65
CA VAL C 46 -26.39 -23.84 -5.36
C VAL C 46 -26.64 -24.42 -6.76
N GLU C 47 -27.89 -24.77 -7.04
CA GLU C 47 -28.29 -25.25 -8.36
C GLU C 47 -28.07 -24.16 -9.39
N GLY C 48 -27.54 -24.54 -10.55
CA GLY C 48 -27.36 -23.58 -11.65
C GLY C 48 -25.98 -22.94 -11.69
N ILE C 49 -25.12 -23.30 -10.75
CA ILE C 49 -23.74 -22.83 -10.79
C ILE C 49 -22.78 -24.02 -10.66
N ASP C 50 -21.96 -24.22 -11.69
CA ASP C 50 -21.05 -25.37 -11.81
C ASP C 50 -19.60 -24.94 -11.69
N PHE C 51 -18.78 -25.75 -11.02
CA PHE C 51 -17.35 -25.48 -10.96
C PHE C 51 -16.63 -26.02 -12.21
N VAL C 52 -15.72 -25.22 -12.74
CA VAL C 52 -14.90 -25.62 -13.89
C VAL C 52 -13.45 -25.71 -13.46
N LEU C 53 -12.98 -26.94 -13.29
CA LEU C 53 -11.62 -27.20 -12.81
C LEU C 53 -10.58 -27.10 -13.92
N THR C 54 -9.58 -26.25 -13.69
CA THR C 54 -8.46 -26.08 -14.62
C THR C 54 -7.19 -26.70 -14.02
N ARG C 55 -6.12 -26.77 -14.81
CA ARG C 55 -4.85 -27.31 -14.36
C ARG C 55 -3.98 -26.25 -13.67
N HIS C 56 -4.27 -24.98 -13.96
CA HIS C 56 -3.56 -23.83 -13.41
C HIS C 56 -4.55 -22.69 -13.23
N GLU C 57 -4.36 -21.88 -12.19
CA GLU C 57 -5.26 -20.75 -11.90
C GLU C 57 -5.30 -19.68 -12.99
N PHE C 58 -4.16 -19.45 -13.65
CA PHE C 58 -4.09 -18.47 -14.75
C PHE C 58 -5.17 -18.75 -15.80
N THR C 59 -5.28 -20.02 -16.18
CA THR C 59 -6.30 -20.49 -17.12
C THR C 59 -7.71 -20.12 -16.67
N ALA C 60 -7.99 -20.32 -15.39
CA ALA C 60 -9.30 -20.01 -14.81
C ALA C 60 -9.65 -18.52 -14.93
N GLY C 61 -8.71 -17.67 -14.53
CA GLY C 61 -8.88 -16.21 -14.62
C GLY C 61 -9.12 -15.71 -16.03
N VAL C 62 -8.34 -16.24 -16.99
CA VAL C 62 -8.47 -15.80 -18.39
C VAL C 62 -9.75 -16.31 -19.05
N ALA C 63 -10.15 -17.53 -18.72
CA ALA C 63 -11.41 -18.08 -19.24
C ALA C 63 -12.57 -17.22 -18.77
N ALA C 64 -12.54 -16.82 -17.50
CA ALA C 64 -13.57 -15.93 -16.94
C ALA C 64 -13.57 -14.57 -17.63
N ASP C 65 -12.37 -14.01 -17.83
CA ASP C 65 -12.18 -12.75 -18.55
C ASP C 65 -12.83 -12.78 -19.95
N VAL C 66 -12.56 -13.83 -20.71
CA VAL C 66 -13.05 -13.96 -22.08
C VAL C 66 -14.55 -14.22 -22.13
N LEU C 67 -15.03 -15.09 -21.25
CA LEU C 67 -16.47 -15.31 -21.11
C LEU C 67 -17.19 -14.00 -20.77
N ALA C 68 -16.59 -13.20 -19.90
CA ALA C 68 -17.14 -11.90 -19.50
C ALA C 68 -17.17 -10.90 -20.66
N ARG C 69 -16.10 -10.88 -21.47
CA ARG C 69 -16.01 -10.02 -22.65
C ARG C 69 -17.12 -10.31 -23.65
N ILE C 70 -17.29 -11.58 -23.99
CA ILE C 70 -18.25 -11.96 -25.03
C ILE C 70 -19.71 -11.83 -24.55
N THR C 71 -20.00 -12.31 -23.35
CA THR C 71 -21.36 -12.23 -22.78
C THR C 71 -21.74 -10.82 -22.37
N GLY C 72 -20.76 -10.03 -21.95
CA GLY C 72 -20.99 -8.70 -21.40
C GLY C 72 -21.58 -8.74 -20.00
N ARG C 73 -21.42 -9.88 -19.33
CA ARG C 73 -21.94 -10.10 -17.98
C ARG C 73 -20.78 -10.50 -17.06
N PRO C 74 -20.87 -10.15 -15.76
CA PRO C 74 -19.81 -10.53 -14.82
C PRO C 74 -19.60 -12.04 -14.74
N GLN C 75 -18.35 -12.46 -14.67
CA GLN C 75 -17.99 -13.87 -14.54
C GLN C 75 -17.10 -14.07 -13.31
N ALA C 76 -16.78 -15.31 -12.97
CA ALA C 76 -16.13 -15.62 -11.69
C ALA C 76 -15.02 -16.66 -11.77
N CYS C 77 -13.97 -16.44 -10.99
CA CYS C 77 -12.87 -17.39 -10.90
C CYS C 77 -12.45 -17.58 -9.45
N TRP C 78 -11.71 -18.67 -9.19
CA TRP C 78 -11.46 -19.12 -7.83
C TRP C 78 -10.07 -19.67 -7.65
N ALA C 79 -9.42 -19.30 -6.55
CA ALA C 79 -8.16 -19.92 -6.17
C ALA C 79 -8.07 -20.13 -4.67
N THR C 80 -7.11 -20.95 -4.24
CA THR C 80 -6.85 -21.14 -2.82
C THR C 80 -5.98 -20.01 -2.27
N LEU C 81 -5.60 -20.11 -1.00
CA LEU C 81 -4.77 -19.09 -0.35
C LEU C 81 -3.33 -19.09 -0.88
N GLY C 82 -2.57 -18.05 -0.53
CA GLY C 82 -1.15 -17.99 -0.86
C GLY C 82 -0.84 -18.11 -2.34
N PRO C 83 -0.15 -19.20 -2.75
CA PRO C 83 0.25 -19.37 -4.14
C PRO C 83 -0.91 -19.60 -5.10
N GLY C 84 -2.05 -20.07 -4.58
CA GLY C 84 -3.29 -20.11 -5.39
C GLY C 84 -3.63 -18.73 -5.89
N MSE C 85 -3.67 -17.78 -4.96
CA MSE C 85 -4.00 -16.38 -5.23
C MSE C 85 -2.95 -15.69 -6.13
O MSE C 85 -3.31 -14.95 -7.03
CB MSE C 85 -4.20 -15.65 -3.88
CG MSE C 85 -4.46 -14.14 -3.94
SE MSE C 85 -2.83 -13.04 -4.09
CE MSE C 85 -1.89 -13.65 -2.47
N THR C 86 -1.66 -15.95 -5.89
CA THR C 86 -0.62 -15.35 -6.74
C THR C 86 -0.65 -15.91 -8.18
N ASN C 87 -0.96 -17.20 -8.31
CA ASN C 87 -1.20 -17.78 -9.65
C ASN C 87 -2.41 -17.16 -10.34
N LEU C 88 -3.50 -17.00 -9.59
CA LEU C 88 -4.69 -16.32 -10.13
C LEU C 88 -4.41 -14.87 -10.54
N SER C 89 -3.42 -14.24 -9.89
CA SER C 89 -3.14 -12.80 -10.10
C SER C 89 -2.75 -12.45 -11.54
N THR C 90 -2.15 -13.38 -12.28
CA THR C 90 -1.87 -13.14 -13.69
C THR C 90 -3.16 -13.11 -14.53
N GLY C 91 -4.15 -13.90 -14.14
CA GLY C 91 -5.50 -13.81 -14.71
C GLY C 91 -6.19 -12.52 -14.30
N ILE C 92 -6.00 -12.10 -13.05
CA ILE C 92 -6.49 -10.79 -12.58
C ILE C 92 -5.85 -9.63 -13.39
N ALA C 93 -4.54 -9.73 -13.62
CA ALA C 93 -3.82 -8.74 -14.44
C ALA C 93 -4.36 -8.66 -15.86
N THR C 94 -4.72 -9.83 -16.42
CA THR C 94 -5.34 -9.89 -17.73
C THR C 94 -6.65 -9.11 -17.72
N SER C 95 -7.48 -9.35 -16.71
CA SER C 95 -8.76 -8.67 -16.59
C SER C 95 -8.62 -7.15 -16.41
N VAL C 96 -7.66 -6.71 -15.60
CA VAL C 96 -7.52 -5.27 -15.32
C VAL C 96 -7.00 -4.50 -16.55
N LEU C 97 -6.07 -5.10 -17.28
CA LEU C 97 -5.48 -4.43 -18.46
C LEU C 97 -6.31 -4.62 -19.73
N ASP C 98 -6.91 -5.80 -19.90
CA ASP C 98 -7.74 -6.10 -21.09
C ASP C 98 -9.19 -5.62 -20.94
N ARG C 99 -9.57 -5.26 -19.70
CA ARG C 99 -10.88 -4.71 -19.37
C ARG C 99 -12.00 -5.76 -19.47
N SER C 100 -12.20 -6.51 -18.39
CA SER C 100 -13.35 -7.41 -18.29
C SER C 100 -13.84 -7.45 -16.85
N PRO C 101 -15.17 -7.49 -16.66
CA PRO C 101 -15.75 -7.54 -15.31
C PRO C 101 -15.67 -8.93 -14.70
N VAL C 102 -14.60 -9.19 -13.95
CA VAL C 102 -14.39 -10.51 -13.36
C VAL C 102 -14.46 -10.41 -11.84
N ILE C 103 -15.16 -11.35 -11.22
CA ILE C 103 -15.12 -11.46 -9.76
C ILE C 103 -14.11 -12.55 -9.41
N ALA C 104 -12.97 -12.12 -8.88
CA ALA C 104 -11.88 -13.02 -8.49
C ALA C 104 -12.01 -13.34 -7.01
N LEU C 105 -12.03 -14.62 -6.70
CA LEU C 105 -12.23 -15.10 -5.33
C LEU C 105 -11.07 -15.98 -4.90
N ALA C 106 -10.49 -15.69 -3.74
CA ALA C 106 -9.45 -16.57 -3.18
C ALA C 106 -9.62 -16.82 -1.70
N ALA C 107 -9.39 -18.07 -1.30
CA ALA C 107 -9.38 -18.44 0.10
C ALA C 107 -8.22 -17.73 0.82
N GLN C 108 -8.32 -17.73 2.14
CA GLN C 108 -7.28 -17.15 2.99
C GLN C 108 -7.22 -18.00 4.24
N SER C 109 -6.10 -17.90 4.98
CA SER C 109 -5.96 -18.50 6.30
C SER C 109 -7.14 -18.15 7.19
N GLU C 110 -7.46 -19.03 8.12
CA GLU C 110 -8.45 -18.77 9.15
C GLU C 110 -8.26 -17.38 9.73
N SER C 111 -9.37 -16.67 9.94
CA SER C 111 -9.35 -15.25 10.29
C SER C 111 -8.43 -14.91 11.47
N HIS C 112 -8.48 -15.73 12.52
CA HIS C 112 -7.68 -15.52 13.73
C HIS C 112 -6.20 -15.91 13.54
N ASP C 113 -5.88 -16.52 12.41
CA ASP C 113 -4.54 -17.01 12.12
C ASP C 113 -3.90 -16.26 10.95
N ILE C 114 -4.41 -15.09 10.62
CA ILE C 114 -3.86 -14.33 9.49
C ILE C 114 -2.62 -13.55 9.95
N PHE C 115 -1.46 -14.09 9.61
CA PHE C 115 -0.16 -13.47 9.86
C PHE C 115 0.62 -13.59 8.55
N PRO C 116 0.51 -12.60 7.66
CA PRO C 116 1.15 -12.69 6.34
C PRO C 116 2.66 -12.89 6.42
N ASN C 117 3.15 -13.84 5.63
CA ASN C 117 4.57 -14.20 5.58
C ASN C 117 5.07 -14.91 6.85
N ASP C 118 4.14 -15.33 7.71
CA ASP C 118 4.47 -16.13 8.90
C ASP C 118 3.62 -17.39 9.03
N THR C 119 2.30 -17.24 8.93
CA THR C 119 1.42 -18.39 8.90
C THR C 119 1.66 -19.16 7.59
N HIS C 120 1.71 -20.48 7.70
CA HIS C 120 1.82 -21.37 6.53
C HIS C 120 0.85 -20.93 5.42
N GLN C 121 1.40 -20.68 4.23
CA GLN C 121 0.63 -20.30 3.03
C GLN C 121 -0.11 -18.96 3.11
N CYS C 122 0.22 -18.14 4.10
CA CYS C 122 -0.48 -16.88 4.31
C CYS C 122 0.25 -15.71 3.66
N LEU C 123 -0.39 -15.11 2.67
CA LEU C 123 0.07 -13.85 2.09
C LEU C 123 -0.96 -12.74 2.29
N ASP C 124 -0.51 -11.50 2.20
CA ASP C 124 -1.39 -10.36 2.33
C ASP C 124 -2.10 -10.12 0.99
N SER C 125 -3.12 -10.94 0.73
CA SER C 125 -3.79 -11.00 -0.58
C SER C 125 -4.34 -9.66 -1.05
N VAL C 126 -5.05 -8.97 -0.15
CA VAL C 126 -5.67 -7.69 -0.51
C VAL C 126 -4.61 -6.67 -0.90
N ALA C 127 -3.53 -6.59 -0.13
CA ALA C 127 -2.43 -5.67 -0.45
C ALA C 127 -1.79 -6.00 -1.80
N ILE C 128 -1.66 -7.27 -2.11
CA ILE C 128 -1.06 -7.74 -3.36
C ILE C 128 -1.96 -7.46 -4.58
N VAL C 129 -3.26 -7.67 -4.42
CA VAL C 129 -4.21 -7.57 -5.53
C VAL C 129 -4.79 -6.14 -5.71
N ALA C 130 -4.87 -5.37 -4.62
CA ALA C 130 -5.43 -4.00 -4.68
C ALA C 130 -4.90 -3.11 -5.83
N PRO C 131 -3.56 -3.11 -6.06
CA PRO C 131 -3.03 -2.26 -7.12
C PRO C 131 -3.42 -2.68 -8.54
N MSE C 132 -3.94 -3.90 -8.70
CA MSE C 132 -4.28 -4.43 -10.03
C MSE C 132 -5.76 -4.80 -10.17
O MSE C 132 -6.12 -5.68 -10.94
CB MSE C 132 -3.39 -5.63 -10.37
CG MSE C 132 -3.60 -6.84 -9.45
SE MSE C 132 -2.78 -8.50 -10.11
CE MSE C 132 -1.20 -8.49 -9.02
N SER C 133 -6.61 -4.10 -9.41
CA SER C 133 -8.04 -4.42 -9.40
C SER C 133 -8.90 -3.17 -9.18
N LYS C 134 -10.20 -3.31 -9.46
CA LYS C 134 -11.18 -2.25 -9.26
C LYS C 134 -11.61 -2.13 -7.80
N TYR C 135 -11.38 -3.20 -7.03
CA TYR C 135 -11.97 -3.40 -5.72
C TYR C 135 -11.31 -4.64 -5.12
N ALA C 136 -10.93 -4.56 -3.85
CA ALA C 136 -10.30 -5.67 -3.14
C ALA C 136 -10.61 -5.58 -1.66
N VAL C 137 -11.15 -6.67 -1.11
CA VAL C 137 -11.62 -6.72 0.27
C VAL C 137 -11.45 -8.12 0.85
N GLU C 138 -11.31 -8.20 2.17
CA GLU C 138 -11.30 -9.48 2.89
C GLU C 138 -12.59 -9.60 3.68
N LEU C 139 -13.28 -10.74 3.53
CA LEU C 139 -14.47 -11.04 4.33
C LEU C 139 -14.15 -11.08 5.83
N GLN C 140 -14.98 -10.41 6.63
CA GLN C 140 -14.78 -10.33 8.09
C GLN C 140 -15.97 -10.84 8.92
N ARG C 141 -17.17 -10.62 8.41
CA ARG C 141 -18.42 -11.07 9.03
C ARG C 141 -19.21 -11.83 7.96
N PRO C 142 -19.40 -13.15 8.17
CA PRO C 142 -19.95 -14.06 7.16
C PRO C 142 -21.17 -13.56 6.36
N HIS C 143 -22.16 -12.95 7.04
CA HIS C 143 -23.39 -12.54 6.35
C HIS C 143 -23.17 -11.41 5.34
N GLU C 144 -22.08 -10.66 5.52
CA GLU C 144 -21.76 -9.52 4.66
C GLU C 144 -21.28 -9.91 3.25
N ILE C 145 -21.02 -11.19 3.02
CA ILE C 145 -20.56 -11.66 1.71
C ILE C 145 -21.50 -11.22 0.57
N THR C 146 -22.79 -11.16 0.86
CA THR C 146 -23.79 -10.74 -0.12
C THR C 146 -23.55 -9.30 -0.56
N ASP C 147 -23.33 -8.40 0.41
CA ASP C 147 -23.03 -7.00 0.06
C ASP C 147 -21.64 -6.83 -0.57
N LEU C 148 -20.69 -7.70 -0.20
CA LEU C 148 -19.34 -7.65 -0.78
C LEU C 148 -19.34 -8.06 -2.24
N VAL C 149 -20.12 -9.09 -2.59
CA VAL C 149 -20.33 -9.48 -4.00
C VAL C 149 -20.97 -8.33 -4.78
N ASP C 150 -21.99 -7.69 -4.20
CA ASP C 150 -22.66 -6.55 -4.86
C ASP C 150 -21.70 -5.40 -5.14
N SER C 151 -20.87 -5.07 -4.15
CA SER C 151 -19.88 -4.01 -4.31
C SER C 151 -18.79 -4.37 -5.32
N ALA C 152 -18.39 -5.65 -5.32
CA ALA C 152 -17.44 -6.16 -6.31
C ALA C 152 -17.99 -6.04 -7.73
N VAL C 153 -19.24 -6.45 -7.93
CA VAL C 153 -19.88 -6.31 -9.25
C VAL C 153 -20.00 -4.83 -9.64
N ASN C 154 -20.43 -4.00 -8.71
CA ASN C 154 -20.57 -2.55 -8.93
C ASN C 154 -19.27 -1.94 -9.49
N ALA C 155 -18.15 -2.24 -8.83
CA ALA C 155 -16.84 -1.74 -9.24
C ALA C 155 -16.32 -2.39 -10.52
N ALA C 156 -16.59 -3.68 -10.69
CA ALA C 156 -16.17 -4.41 -11.88
C ALA C 156 -16.85 -3.87 -13.14
N MSE C 157 -18.09 -3.41 -12.98
CA MSE C 157 -18.93 -2.96 -14.10
C MSE C 157 -18.94 -1.45 -14.30
O MSE C 157 -19.86 -0.91 -14.93
CB MSE C 157 -20.35 -3.50 -13.93
CG MSE C 157 -20.50 -4.99 -14.20
SE MSE C 157 -20.24 -5.47 -16.09
CE MSE C 157 -21.81 -4.59 -16.87
N THR C 158 -17.94 -0.76 -13.76
CA THR C 158 -17.72 0.67 -14.02
C THR C 158 -16.50 0.80 -14.91
N GLU C 159 -16.59 1.62 -15.96
CA GLU C 159 -15.45 1.83 -16.87
C GLU C 159 -14.29 2.52 -16.15
N PRO C 160 -13.04 2.08 -16.42
CA PRO C 160 -12.70 0.94 -17.27
C PRO C 160 -13.06 -0.35 -16.54
N VAL C 161 -13.85 -1.21 -17.18
CA VAL C 161 -14.27 -2.45 -16.53
C VAL C 161 -13.04 -3.28 -16.16
N GLY C 162 -13.15 -4.02 -15.06
CA GLY C 162 -12.02 -4.77 -14.55
C GLY C 162 -12.43 -5.75 -13.47
N PRO C 163 -11.44 -6.39 -12.85
CA PRO C 163 -11.68 -7.42 -11.84
C PRO C 163 -11.87 -6.84 -10.44
N SER C 164 -12.74 -7.49 -9.68
CA SER C 164 -12.89 -7.20 -8.25
C SER C 164 -12.54 -8.44 -7.46
N PHE C 165 -11.86 -8.24 -6.34
CA PHE C 165 -11.27 -9.34 -5.57
C PHE C 165 -11.87 -9.46 -4.18
N ILE C 166 -12.24 -10.68 -3.79
CA ILE C 166 -12.66 -10.96 -2.41
C ILE C 166 -11.83 -12.10 -1.80
N SER C 167 -11.14 -11.80 -0.69
CA SER C 167 -10.35 -12.77 0.07
C SER C 167 -11.25 -13.43 1.13
N LEU C 168 -11.21 -14.76 1.19
CA LEU C 168 -12.18 -15.53 1.98
C LEU C 168 -11.54 -16.43 3.04
N PRO C 169 -11.36 -15.91 4.27
CA PRO C 169 -10.81 -16.76 5.34
C PRO C 169 -11.63 -18.04 5.46
N VAL C 170 -10.96 -19.19 5.52
CA VAL C 170 -11.61 -20.51 5.46
C VAL C 170 -12.68 -20.71 6.53
N ASP C 171 -12.40 -20.22 7.73
CA ASP C 171 -13.33 -20.35 8.85
C ASP C 171 -14.62 -19.57 8.58
N LEU C 172 -14.49 -18.36 8.04
CA LEU C 172 -15.64 -17.51 7.77
C LEU C 172 -16.46 -18.03 6.60
N LEU C 173 -15.77 -18.57 5.59
CA LEU C 173 -16.43 -19.17 4.43
C LEU C 173 -17.34 -20.33 4.84
N GLY C 174 -16.91 -21.10 5.84
CA GLY C 174 -17.70 -22.22 6.34
C GLY C 174 -18.61 -21.90 7.51
N SER C 175 -18.85 -20.62 7.76
CA SER C 175 -19.64 -20.20 8.92
C SER C 175 -21.07 -19.78 8.54
N SER C 176 -22.02 -20.12 9.41
CA SER C 176 -23.41 -19.71 9.21
C SER C 176 -23.79 -18.56 10.14
N GLU C 177 -22.83 -18.06 10.91
CA GLU C 177 -23.06 -16.95 11.84
C GLU C 177 -23.66 -15.72 11.14
N GLY C 178 -24.88 -15.37 11.55
CA GLY C 178 -25.57 -14.20 11.00
C GLY C 178 -26.30 -14.40 9.68
N ILE C 179 -26.28 -15.63 9.17
CA ILE C 179 -26.94 -15.95 7.89
C ILE C 179 -28.32 -16.55 8.14
N ASP C 180 -29.35 -15.96 7.51
CA ASP C 180 -30.73 -16.43 7.63
C ASP C 180 -31.38 -16.63 6.27
N ASN C 185 -32.87 -12.71 -0.65
CA ASN C 185 -31.92 -11.67 -1.08
C ASN C 185 -32.65 -10.46 -1.68
N PRO C 186 -32.14 -9.24 -1.41
CA PRO C 186 -32.59 -8.05 -2.15
C PRO C 186 -32.24 -8.19 -3.64
N PRO C 187 -32.85 -7.36 -4.51
CA PRO C 187 -32.56 -7.53 -5.94
C PRO C 187 -31.09 -7.25 -6.25
N ALA C 188 -30.54 -8.03 -7.18
CA ALA C 188 -29.14 -7.88 -7.57
C ALA C 188 -28.91 -6.60 -8.38
N ASN C 189 -29.82 -6.32 -9.32
CA ASN C 189 -29.74 -5.14 -10.19
C ASN C 189 -28.39 -5.02 -10.95
N THR C 190 -27.96 -6.12 -11.55
CA THR C 190 -26.73 -6.16 -12.34
C THR C 190 -26.85 -5.18 -13.52
N PRO C 191 -25.87 -4.28 -13.68
CA PRO C 191 -25.90 -3.38 -14.83
C PRO C 191 -25.87 -4.19 -16.13
N ALA C 192 -26.75 -3.84 -17.07
CA ALA C 192 -26.85 -4.52 -18.35
C ALA C 192 -25.67 -4.15 -19.25
N LYS C 193 -25.16 -2.93 -19.06
CA LYS C 193 -23.91 -2.53 -19.68
C LYS C 193 -23.12 -1.68 -18.69
N PRO C 194 -21.80 -1.48 -18.94
CA PRO C 194 -20.99 -0.78 -17.95
C PRO C 194 -21.47 0.62 -17.60
N VAL C 195 -21.35 0.96 -16.33
CA VAL C 195 -21.48 2.34 -15.85
C VAL C 195 -20.24 3.11 -16.32
N GLY C 196 -20.42 4.38 -16.68
CA GLY C 196 -19.29 5.20 -17.15
C GLY C 196 -19.33 6.60 -16.59
N VAL C 197 -18.33 7.42 -16.88
CA VAL C 197 -18.40 8.83 -16.49
C VAL C 197 -18.84 9.68 -17.67
N VAL C 198 -19.44 10.82 -17.35
CA VAL C 198 -19.97 11.75 -18.33
C VAL C 198 -19.60 13.14 -17.83
N ALA C 199 -18.93 13.91 -18.69
CA ALA C 199 -18.53 15.27 -18.35
C ALA C 199 -19.65 16.23 -18.68
N ASP C 200 -19.84 17.21 -17.82
CA ASP C 200 -20.72 18.33 -18.13
C ASP C 200 -20.23 19.01 -19.39
N GLY C 201 -21.15 19.21 -20.33
CA GLY C 201 -20.83 19.89 -21.57
C GLY C 201 -20.22 19.00 -22.64
N TRP C 202 -20.40 17.68 -22.51
CA TRP C 202 -19.89 16.76 -23.54
C TRP C 202 -20.58 16.99 -24.88
N GLN C 203 -21.85 17.42 -24.83
CA GLN C 203 -22.63 17.72 -26.02
C GLN C 203 -21.98 18.85 -26.83
N LYS C 204 -21.57 19.91 -26.13
CA LYS C 204 -20.82 21.01 -26.75
C LYS C 204 -19.48 20.53 -27.33
N ALA C 205 -18.80 19.62 -26.62
CA ALA C 205 -17.58 18.99 -27.15
C ALA C 205 -17.87 18.18 -28.42
N ALA C 206 -18.95 17.40 -28.41
CA ALA C 206 -19.36 16.62 -29.58
C ALA C 206 -19.70 17.48 -30.79
N ASP C 207 -20.27 18.67 -30.52
CA ASP C 207 -20.54 19.67 -31.55
C ASP C 207 -19.25 20.24 -32.13
N GLN C 208 -18.25 20.45 -31.28
CA GLN C 208 -16.91 20.87 -31.73
C GLN C 208 -16.27 19.80 -32.63
N ALA C 209 -16.46 18.53 -32.27
CA ALA C 209 -16.00 17.41 -33.09
C ALA C 209 -16.68 17.41 -34.46
N ALA C 210 -17.97 17.72 -34.48
CA ALA C 210 -18.77 17.79 -35.71
C ALA C 210 -18.28 18.90 -36.63
N ALA C 211 -17.95 20.05 -36.04
CA ALA C 211 -17.37 21.16 -36.79
C ALA C 211 -16.01 20.79 -37.40
N LEU C 212 -15.20 20.03 -36.65
CA LEU C 212 -13.94 19.49 -37.17
C LEU C 212 -14.17 18.53 -38.33
N LEU C 213 -15.18 17.67 -38.19
CA LEU C 213 -15.55 16.75 -39.24
C LEU C 213 -15.98 17.46 -40.52
N ALA C 214 -16.76 18.54 -40.38
CA ALA C 214 -17.18 19.34 -41.53
C ALA C 214 -16.00 19.85 -42.35
N GLU C 215 -14.94 20.26 -41.65
CA GLU C 215 -13.75 20.83 -42.28
C GLU C 215 -12.77 19.79 -42.82
N ALA C 216 -12.84 18.57 -42.29
CA ALA C 216 -11.92 17.48 -42.67
C ALA C 216 -12.21 16.91 -44.05
N LYS C 217 -11.14 16.66 -44.80
CA LYS C 217 -11.25 15.99 -46.11
C LYS C 217 -11.14 14.48 -45.98
N HIS C 218 -10.26 14.03 -45.08
CA HIS C 218 -10.04 12.60 -44.91
C HIS C 218 -10.06 12.16 -43.44
N PRO C 219 -11.25 12.14 -42.81
CA PRO C 219 -11.35 11.68 -41.43
C PRO C 219 -11.27 10.16 -41.34
N VAL C 220 -10.90 9.64 -40.18
CA VAL C 220 -11.02 8.20 -39.92
C VAL C 220 -11.63 7.97 -38.55
N LEU C 221 -12.32 6.84 -38.42
CA LEU C 221 -12.78 6.35 -37.13
C LEU C 221 -11.85 5.25 -36.66
N VAL C 222 -11.20 5.48 -35.52
CA VAL C 222 -10.37 4.46 -34.90
C VAL C 222 -11.17 3.90 -33.72
N VAL C 223 -11.59 2.65 -33.86
CA VAL C 223 -12.55 2.04 -32.95
C VAL C 223 -11.88 1.05 -31.99
N GLY C 224 -12.12 1.23 -30.70
CA GLY C 224 -11.61 0.34 -29.66
C GLY C 224 -12.74 -0.46 -29.03
N ALA C 225 -12.39 -1.43 -28.19
CA ALA C 225 -13.35 -2.37 -27.60
C ALA C 225 -14.47 -1.74 -26.76
N ALA C 226 -14.18 -0.62 -26.10
CA ALA C 226 -15.19 0.07 -25.29
C ALA C 226 -16.42 0.47 -26.11
N ALA C 227 -16.23 0.71 -27.41
CA ALA C 227 -17.34 1.01 -28.31
C ALA C 227 -18.26 -0.19 -28.46
N ILE C 228 -17.68 -1.38 -28.45
CA ILE C 228 -18.46 -2.63 -28.48
C ILE C 228 -19.24 -2.82 -27.17
N ARG C 229 -18.60 -2.51 -26.03
CA ARG C 229 -19.25 -2.64 -24.72
C ARG C 229 -20.44 -1.71 -24.55
N SER C 230 -20.35 -0.55 -25.21
CA SER C 230 -21.41 0.46 -25.16
C SER C 230 -22.62 0.05 -26.01
N GLY C 231 -22.45 -0.95 -26.86
CA GLY C 231 -23.49 -1.37 -27.81
C GLY C 231 -23.58 -0.45 -29.02
N ALA C 232 -22.44 0.11 -29.42
CA ALA C 232 -22.43 1.14 -30.47
C ALA C 232 -22.02 0.65 -31.87
N VAL C 233 -21.83 -0.65 -32.04
CA VAL C 233 -21.35 -1.18 -33.34
C VAL C 233 -22.29 -0.85 -34.53
N PRO C 234 -23.59 -1.24 -34.45
CA PRO C 234 -24.51 -0.83 -35.51
C PRO C 234 -24.55 0.67 -35.78
N ALA C 235 -24.57 1.48 -34.73
CA ALA C 235 -24.59 2.94 -34.87
C ALA C 235 -23.33 3.49 -35.55
N ILE C 236 -22.17 2.97 -35.17
CA ILE C 236 -20.91 3.39 -35.77
C ILE C 236 -20.87 3.03 -37.26
N ARG C 237 -21.32 1.82 -37.58
CA ARG C 237 -21.40 1.36 -38.96
C ARG C 237 -22.28 2.27 -39.83
N ALA C 238 -23.49 2.59 -39.36
CA ALA C 238 -24.40 3.45 -40.12
C ALA C 238 -23.84 4.86 -40.32
N LEU C 239 -23.17 5.41 -39.30
CA LEU C 239 -22.49 6.71 -39.40
C LEU C 239 -21.38 6.68 -40.45
N ALA C 240 -20.51 5.67 -40.36
CA ALA C 240 -19.40 5.50 -41.30
C ALA C 240 -19.88 5.34 -42.74
N GLU C 241 -20.88 4.50 -42.95
CA GLU C 241 -21.42 4.25 -44.29
C GLU C 241 -22.03 5.51 -44.91
N ARG C 242 -22.82 6.25 -44.11
CA ARG C 242 -23.46 7.48 -44.59
C ARG C 242 -22.45 8.53 -45.03
N LEU C 243 -21.40 8.72 -44.23
CA LEU C 243 -20.43 9.78 -44.53
C LEU C 243 -19.16 9.31 -45.22
N ASN C 244 -19.10 8.02 -45.55
CA ASN C 244 -17.96 7.42 -46.25
C ASN C 244 -16.65 7.62 -45.44
N ILE C 245 -16.71 7.25 -44.16
CA ILE C 245 -15.57 7.38 -43.26
C ILE C 245 -14.96 6.00 -43.00
N PRO C 246 -13.68 5.82 -43.37
CA PRO C 246 -12.99 4.56 -43.11
C PRO C 246 -12.96 4.20 -41.62
N VAL C 247 -13.03 2.91 -41.33
CA VAL C 247 -12.97 2.40 -39.96
C VAL C 247 -11.70 1.57 -39.77
N ILE C 248 -10.86 2.01 -38.84
CA ILE C 248 -9.64 1.33 -38.45
C ILE C 248 -9.85 0.86 -37.01
N THR C 249 -9.37 -0.34 -36.68
CA THR C 249 -9.60 -0.92 -35.36
C THR C 249 -8.33 -1.25 -34.57
N THR C 250 -8.50 -1.38 -33.25
CA THR C 250 -7.53 -2.03 -32.39
C THR C 250 -7.55 -3.55 -32.64
N TYR C 251 -6.70 -4.31 -31.95
CA TYR C 251 -6.63 -5.77 -32.12
C TYR C 251 -7.97 -6.46 -31.93
N ILE C 252 -8.67 -6.16 -30.83
CA ILE C 252 -9.88 -6.93 -30.56
C ILE C 252 -11.18 -6.32 -31.08
N ALA C 253 -11.09 -5.12 -31.66
CA ALA C 253 -12.24 -4.51 -32.31
C ALA C 253 -12.34 -4.89 -33.80
N LYS C 254 -11.51 -5.83 -34.25
CA LYS C 254 -11.69 -6.44 -35.57
C LYS C 254 -13.07 -7.08 -35.64
N GLY C 255 -13.77 -6.88 -36.75
CA GLY C 255 -15.09 -7.46 -36.92
C GLY C 255 -16.26 -6.52 -36.65
N VAL C 256 -15.98 -5.28 -36.25
CA VAL C 256 -17.04 -4.26 -36.12
C VAL C 256 -17.64 -3.89 -37.49
N LEU C 257 -16.87 -4.16 -38.55
CA LEU C 257 -17.38 -4.22 -39.92
C LEU C 257 -17.15 -5.62 -40.47
N PRO C 258 -18.09 -6.12 -41.30
CA PRO C 258 -17.90 -7.43 -41.92
C PRO C 258 -16.64 -7.53 -42.79
N VAL C 259 -16.14 -8.74 -42.96
CA VAL C 259 -15.05 -9.02 -43.90
C VAL C 259 -15.50 -8.58 -45.30
N GLY C 260 -14.67 -7.77 -45.97
CA GLY C 260 -14.97 -7.35 -47.33
C GLY C 260 -15.65 -5.99 -47.45
N HIS C 261 -16.11 -5.43 -46.33
CA HIS C 261 -16.73 -4.11 -46.32
C HIS C 261 -15.72 -3.07 -46.80
N GLU C 262 -16.17 -2.15 -47.67
CA GLU C 262 -15.30 -1.15 -48.29
C GLU C 262 -14.65 -0.18 -47.30
N LEU C 263 -15.26 -0.02 -46.12
CA LEU C 263 -14.71 0.90 -45.12
C LEU C 263 -13.93 0.18 -44.03
N ASN C 264 -13.81 -1.15 -44.17
CA ASN C 264 -13.02 -1.98 -43.27
C ASN C 264 -11.54 -1.81 -43.64
N TYR C 265 -10.90 -0.80 -43.08
CA TYR C 265 -9.50 -0.50 -43.40
C TYR C 265 -8.50 -1.33 -42.58
N GLY C 266 -9.03 -2.20 -41.72
CA GLY C 266 -8.22 -3.18 -41.00
C GLY C 266 -7.78 -2.74 -39.61
N ALA C 267 -7.08 -3.65 -38.93
CA ALA C 267 -6.47 -3.38 -37.64
C ALA C 267 -5.03 -2.91 -37.84
N VAL C 268 -4.54 -2.11 -36.89
CA VAL C 268 -3.15 -1.69 -36.90
C VAL C 268 -2.32 -2.37 -35.82
N THR C 269 -1.08 -2.67 -36.17
CA THR C 269 -0.10 -3.10 -35.18
C THR C 269 1.20 -2.40 -35.50
N GLY C 270 1.97 -2.07 -34.46
CA GLY C 270 3.26 -1.39 -34.63
C GLY C 270 4.22 -2.24 -35.41
N TYR C 271 3.94 -3.54 -35.47
CA TYR C 271 4.76 -4.51 -36.18
C TYR C 271 4.48 -4.59 -37.70
N MSE C 272 3.46 -3.88 -38.19
CA MSE C 272 2.94 -4.11 -39.56
C MSE C 272 3.86 -3.73 -40.72
O MSE C 272 3.89 -4.43 -41.74
CB MSE C 272 1.56 -3.46 -39.77
CG MSE C 272 1.51 -1.95 -39.68
SE MSE C 272 -0.35 -1.33 -39.66
CE MSE C 272 -0.94 -2.29 -41.28
N ASP C 273 4.58 -2.61 -40.58
CA ASP C 273 5.55 -2.21 -41.60
C ASP C 273 6.67 -3.25 -41.69
N GLY C 274 7.17 -3.67 -40.53
CA GLY C 274 8.21 -4.70 -40.44
C GLY C 274 7.81 -6.06 -41.01
N ILE C 275 6.57 -6.48 -40.75
CA ILE C 275 6.05 -7.75 -41.27
C ILE C 275 5.78 -7.71 -42.76
N LEU C 276 5.18 -6.64 -43.24
CA LEU C 276 4.79 -6.54 -44.66
C LEU C 276 5.91 -6.05 -45.61
N ASN C 277 7.02 -5.57 -45.06
CA ASN C 277 8.06 -4.89 -45.85
C ASN C 277 7.41 -3.86 -46.79
N PHE C 278 6.63 -2.97 -46.19
CA PHE C 278 5.76 -2.06 -46.92
C PHE C 278 5.45 -0.90 -45.98
N PRO C 279 5.36 0.33 -46.52
CA PRO C 279 5.01 1.47 -45.66
C PRO C 279 3.51 1.48 -45.33
N ALA C 280 3.07 0.48 -44.56
CA ALA C 280 1.66 0.26 -44.28
C ALA C 280 1.04 1.39 -43.46
N LEU C 281 1.72 1.81 -42.40
CA LEU C 281 1.21 2.84 -41.49
C LEU C 281 1.09 4.20 -42.17
N GLN C 282 2.07 4.54 -43.01
CA GLN C 282 2.01 5.76 -43.80
C GLN C 282 0.86 5.73 -44.82
N THR C 283 0.67 4.60 -45.49
CA THR C 283 -0.44 4.43 -46.44
C THR C 283 -1.80 4.61 -45.75
N MSE C 284 -1.90 4.06 -44.54
CA MSE C 284 -3.13 4.13 -43.73
CA MSE C 284 -3.15 4.15 -43.77
C MSE C 284 -3.43 5.54 -43.23
O MSE C 284 -4.57 6.00 -43.30
CB MSE C 284 -2.96 3.18 -42.54
CB MSE C 284 -3.14 3.17 -42.61
CG MSE C 284 -4.22 2.97 -41.73
CG MSE C 284 -3.21 1.74 -43.03
SE MSE C 284 -5.43 1.76 -42.64
SE MSE C 284 -3.12 0.64 -41.46
CE MSE C 284 -4.43 0.10 -42.38
CE MSE C 284 -5.01 0.72 -40.97
N PHE C 285 -2.40 6.20 -42.70
CA PHE C 285 -2.58 7.44 -41.96
C PHE C 285 -2.04 8.73 -42.59
N ALA C 286 -1.08 8.63 -43.50
CA ALA C 286 -0.42 9.86 -44.02
C ALA C 286 -1.35 11.01 -44.48
N PRO C 287 -2.37 10.71 -45.32
CA PRO C 287 -3.26 11.78 -45.81
C PRO C 287 -4.45 12.14 -44.89
N VAL C 288 -4.57 11.43 -43.76
CA VAL C 288 -5.68 11.63 -42.83
C VAL C 288 -5.52 12.97 -42.12
N ASP C 289 -6.60 13.74 -42.01
CA ASP C 289 -6.54 15.03 -41.31
C ASP C 289 -7.34 15.12 -40.01
N LEU C 290 -8.14 14.10 -39.72
CA LEU C 290 -8.92 14.04 -38.49
C LEU C 290 -9.04 12.59 -38.03
N VAL C 291 -8.59 12.33 -36.80
CA VAL C 291 -8.68 11.01 -36.20
C VAL C 291 -9.69 11.07 -35.07
N LEU C 292 -10.77 10.30 -35.21
CA LEU C 292 -11.74 10.16 -34.12
C LEU C 292 -11.49 8.82 -33.45
N THR C 293 -10.92 8.87 -32.25
CA THR C 293 -10.65 7.65 -31.48
C THR C 293 -11.89 7.31 -30.64
N VAL C 294 -12.71 6.42 -31.18
CA VAL C 294 -14.00 6.08 -30.64
C VAL C 294 -13.87 4.94 -29.63
N GLY C 295 -14.07 5.26 -28.35
CA GLY C 295 -13.88 4.27 -27.28
C GLY C 295 -12.39 4.03 -27.02
N TYR C 296 -11.61 5.12 -27.02
CA TYR C 296 -10.16 5.02 -26.91
C TYR C 296 -9.69 4.49 -25.57
N ASP C 297 -8.71 3.58 -25.64
CA ASP C 297 -8.04 3.04 -24.47
C ASP C 297 -6.58 2.75 -24.81
N TYR C 298 -5.68 3.50 -24.18
CA TYR C 298 -4.23 3.35 -24.35
C TYR C 298 -3.74 1.91 -24.15
N ALA C 299 -4.41 1.16 -23.26
CA ALA C 299 -4.05 -0.22 -22.94
C ALA C 299 -4.20 -1.17 -24.13
N GLU C 300 -5.07 -0.85 -25.09
CA GLU C 300 -5.19 -1.65 -26.32
C GLU C 300 -3.96 -1.56 -27.23
N ASP C 301 -3.04 -0.64 -26.90
CA ASP C 301 -1.75 -0.49 -27.56
C ASP C 301 -1.81 0.06 -28.99
N LEU C 302 -2.91 0.70 -29.34
CA LEU C 302 -2.92 1.57 -30.52
C LEU C 302 -2.58 2.96 -29.98
N ARG C 303 -1.30 3.31 -30.10
CA ARG C 303 -0.76 4.53 -29.50
CA ARG C 303 -0.75 4.53 -29.50
C ARG C 303 -0.83 5.70 -30.48
N PRO C 304 -0.91 6.95 -29.96
CA PRO C 304 -0.90 8.12 -30.85
C PRO C 304 0.24 8.15 -31.87
N SER C 305 1.43 7.71 -31.48
CA SER C 305 2.57 7.65 -32.42
C SER C 305 2.27 6.82 -33.67
N MSE C 306 1.30 5.92 -33.58
CA MSE C 306 0.96 5.07 -34.71
CA MSE C 306 0.85 5.03 -34.66
C MSE C 306 0.13 5.77 -35.80
O MSE C 306 0.29 5.44 -36.98
CB MSE C 306 0.32 3.76 -34.26
CB MSE C 306 -0.10 3.98 -34.09
CG MSE C 306 1.34 2.77 -33.73
CG MSE C 306 -0.85 3.13 -35.12
SE MSE C 306 0.57 1.38 -32.64
SE MSE C 306 0.27 1.68 -35.76
CE MSE C 306 -0.57 0.52 -33.96
CE MSE C 306 0.59 0.83 -34.02
N TRP C 307 -0.70 6.74 -35.41
CA TRP C 307 -1.46 7.50 -36.40
C TRP C 307 -0.78 8.83 -36.77
N GLN C 308 0.25 9.20 -36.03
CA GLN C 308 0.98 10.43 -36.29
C GLN C 308 2.00 10.24 -37.43
N LYS C 309 1.43 10.13 -38.64
CA LYS C 309 2.14 9.88 -39.89
C LYS C 309 1.73 10.95 -40.90
N GLY C 310 2.67 11.41 -41.72
CA GLY C 310 2.37 12.38 -42.78
C GLY C 310 1.98 13.74 -42.24
N ILE C 311 0.83 14.24 -42.68
CA ILE C 311 0.36 15.57 -42.28
C ILE C 311 -0.11 15.61 -40.82
N GLU C 312 -0.15 16.82 -40.27
CA GLU C 312 -0.70 17.05 -38.94
C GLU C 312 -2.19 16.73 -38.94
N LYS C 313 -2.64 16.16 -37.84
CA LYS C 313 -4.03 15.72 -37.70
C LYS C 313 -4.67 16.38 -36.49
N LYS C 314 -5.96 16.69 -36.61
CA LYS C 314 -6.78 17.02 -35.43
C LYS C 314 -7.25 15.69 -34.84
N THR C 315 -7.47 15.65 -33.52
CA THR C 315 -7.93 14.42 -32.88
C THR C 315 -9.16 14.65 -32.01
N VAL C 316 -10.06 13.68 -32.01
CA VAL C 316 -11.20 13.68 -31.11
C VAL C 316 -11.16 12.39 -30.31
N ARG C 317 -11.12 12.52 -28.98
CA ARG C 317 -11.19 11.38 -28.07
C ARG C 317 -12.61 11.24 -27.56
N ILE C 318 -13.18 10.04 -27.69
CA ILE C 318 -14.48 9.72 -27.10
C ILE C 318 -14.32 8.49 -26.19
N SER C 319 -14.64 8.68 -24.91
CA SER C 319 -14.46 7.64 -23.89
C SER C 319 -15.36 7.88 -22.67
N PRO C 320 -15.92 6.80 -22.09
CA PRO C 320 -16.65 6.93 -20.82
C PRO C 320 -15.70 7.03 -19.62
N THR C 321 -14.52 7.59 -19.84
CA THR C 321 -13.51 7.82 -18.81
C THR C 321 -12.80 9.13 -19.07
N VAL C 322 -12.37 9.78 -17.98
CA VAL C 322 -11.48 10.93 -18.04
C VAL C 322 -10.11 10.45 -18.56
N ASN C 323 -9.46 11.27 -19.41
CA ASN C 323 -8.17 10.94 -20.00
C ASN C 323 -7.10 10.66 -18.91
N PRO C 324 -6.62 9.41 -18.82
CA PRO C 324 -5.58 9.06 -17.84
C PRO C 324 -4.16 9.42 -18.27
N ILE C 325 -3.97 9.72 -19.56
CA ILE C 325 -2.62 9.88 -20.12
C ILE C 325 -2.42 11.19 -20.92
N PRO C 326 -2.71 12.36 -20.28
CA PRO C 326 -2.46 13.62 -21.02
C PRO C 326 -1.00 13.85 -21.43
N ARG C 327 -0.04 13.19 -20.78
CA ARG C 327 1.37 13.28 -21.19
C ARG C 327 1.55 12.78 -22.62
N VAL C 328 0.75 11.78 -22.99
CA VAL C 328 0.90 11.03 -24.24
C VAL C 328 -0.15 11.43 -25.28
N TYR C 329 -1.38 11.64 -24.83
CA TYR C 329 -2.50 11.95 -25.72
C TYR C 329 -3.24 13.18 -25.22
N ARG C 330 -3.12 14.28 -25.97
CA ARG C 330 -3.87 15.49 -25.69
C ARG C 330 -4.77 15.79 -26.87
N PRO C 331 -5.97 15.20 -26.88
CA PRO C 331 -6.85 15.38 -28.04
C PRO C 331 -7.28 16.85 -28.20
N ASP C 332 -7.55 17.25 -29.43
CA ASP C 332 -8.04 18.61 -29.69
C ASP C 332 -9.43 18.80 -29.07
N VAL C 333 -10.22 17.74 -29.12
CA VAL C 333 -11.55 17.70 -28.51
C VAL C 333 -11.67 16.41 -27.69
N ASP C 334 -11.98 16.55 -26.40
CA ASP C 334 -12.16 15.39 -25.52
C ASP C 334 -13.65 15.27 -25.15
N VAL C 335 -14.27 14.18 -25.61
CA VAL C 335 -15.68 13.93 -25.37
C VAL C 335 -15.83 12.81 -24.36
N VAL C 336 -16.07 13.18 -23.10
CA VAL C 336 -16.20 12.21 -22.02
C VAL C 336 -17.67 11.88 -21.78
N THR C 337 -18.09 10.72 -22.29
CA THR C 337 -19.47 10.30 -22.29
C THR C 337 -19.58 8.84 -22.75
N ASP C 338 -20.79 8.30 -22.70
CA ASP C 338 -21.06 6.96 -23.23
C ASP C 338 -20.88 6.97 -24.76
N VAL C 339 -20.20 5.94 -25.28
CA VAL C 339 -19.89 5.90 -26.70
C VAL C 339 -21.14 5.94 -27.59
N LEU C 340 -22.16 5.16 -27.23
CA LEU C 340 -23.41 5.15 -27.99
C LEU C 340 -24.13 6.51 -27.91
N ALA C 341 -24.19 7.08 -26.71
CA ALA C 341 -24.74 8.43 -26.54
C ALA C 341 -24.03 9.44 -27.46
N PHE C 342 -22.70 9.39 -27.51
CA PHE C 342 -21.96 10.26 -28.43
C PHE C 342 -22.39 10.07 -29.89
N VAL C 343 -22.41 8.82 -30.35
CA VAL C 343 -22.71 8.53 -31.75
C VAL C 343 -24.11 9.06 -32.14
N GLU C 344 -25.08 8.87 -31.25
CA GLU C 344 -26.45 9.31 -31.49
C GLU C 344 -26.54 10.85 -31.57
N HIS C 345 -25.86 11.53 -30.66
CA HIS C 345 -25.78 13.00 -30.72
C HIS C 345 -25.02 13.47 -31.97
N PHE C 346 -23.94 12.76 -32.29
CA PHE C 346 -23.11 13.05 -33.46
C PHE C 346 -23.88 12.88 -34.77
N GLU C 347 -24.74 11.87 -34.83
CA GLU C 347 -25.63 11.64 -35.98
C GLU C 347 -26.52 12.84 -36.27
N THR C 348 -27.14 13.38 -35.23
CA THR C 348 -27.96 14.59 -35.35
C THR C 348 -27.14 15.79 -35.81
N ALA C 349 -25.99 16.00 -35.18
CA ALA C 349 -25.14 17.15 -35.48
C ALA C 349 -24.61 17.13 -36.92
N THR C 350 -24.42 15.93 -37.48
CA THR C 350 -23.83 15.76 -38.81
C THR C 350 -24.85 15.29 -39.84
N ALA C 351 -26.13 15.38 -39.51
CA ALA C 351 -27.23 14.86 -40.35
C ALA C 351 -27.22 15.39 -41.79
N SER C 352 -26.88 16.66 -41.95
CA SER C 352 -26.91 17.30 -43.26
C SER C 352 -25.55 17.36 -43.98
N PHE C 353 -24.53 16.71 -43.40
CA PHE C 353 -23.18 16.70 -43.97
C PHE C 353 -23.10 15.87 -45.26
N GLY C 354 -22.32 16.35 -46.22
CA GLY C 354 -22.02 15.58 -47.41
C GLY C 354 -21.01 14.49 -47.10
N ALA C 355 -21.15 13.34 -47.77
CA ALA C 355 -20.20 12.24 -47.65
C ALA C 355 -18.81 12.66 -48.13
N LYS C 356 -17.78 12.13 -47.48
CA LYS C 356 -16.40 12.44 -47.79
C LYS C 356 -15.88 11.57 -48.92
N GLN C 357 -14.77 12.01 -49.52
CA GLN C 357 -13.95 11.16 -50.37
C GLN C 357 -12.96 10.46 -49.47
N ARG C 358 -12.90 9.14 -49.52
CA ARG C 358 -11.98 8.39 -48.68
C ARG C 358 -10.63 8.19 -49.36
N HIS C 359 -9.57 8.16 -48.58
CA HIS C 359 -8.22 8.04 -49.12
C HIS C 359 -7.93 6.62 -49.62
N ASP C 360 -7.08 6.53 -50.64
CA ASP C 360 -6.78 5.28 -51.33
C ASP C 360 -5.79 4.44 -50.54
N ILE C 361 -6.18 3.21 -50.19
CA ILE C 361 -5.25 2.26 -49.54
C ILE C 361 -5.07 0.96 -50.33
N GLU C 362 -5.50 0.97 -51.59
CA GLU C 362 -5.43 -0.22 -52.45
C GLU C 362 -4.07 -0.92 -52.54
N PRO C 363 -2.96 -0.15 -52.62
CA PRO C 363 -1.62 -0.78 -52.60
C PRO C 363 -1.31 -1.55 -51.32
N LEU C 364 -1.84 -1.09 -50.18
CA LEU C 364 -1.73 -1.83 -48.94
C LEU C 364 -2.60 -3.10 -48.99
N ARG C 365 -3.82 -2.96 -49.49
CA ARG C 365 -4.74 -4.10 -49.64
C ARG C 365 -4.15 -5.14 -50.57
N ALA C 366 -3.47 -4.69 -51.62
CA ALA C 366 -2.78 -5.58 -52.55
C ALA C 366 -1.62 -6.31 -51.88
N ARG C 367 -0.78 -5.58 -51.14
CA ARG C 367 0.34 -6.20 -50.42
C ARG C 367 -0.12 -7.25 -49.41
N ILE C 368 -1.21 -6.98 -48.68
CA ILE C 368 -1.81 -7.93 -47.74
C ILE C 368 -2.34 -9.18 -48.45
N ALA C 369 -3.04 -8.98 -49.56
CA ALA C 369 -3.59 -10.09 -50.34
C ALA C 369 -2.48 -10.97 -50.94
N GLU C 370 -1.35 -10.34 -51.25
CA GLU C 370 -0.15 -11.02 -51.75
C GLU C 370 0.46 -11.97 -50.72
N PHE C 371 0.66 -11.49 -49.50
CA PHE C 371 1.14 -12.33 -48.40
C PHE C 371 0.23 -13.54 -48.20
N LEU C 372 -1.07 -13.28 -48.13
CA LEU C 372 -2.04 -14.34 -47.86
C LEU C 372 -2.02 -15.43 -48.94
N ALA C 373 -1.88 -15.01 -50.20
CA ALA C 373 -1.87 -15.94 -51.33
C ALA C 373 -0.52 -16.61 -51.61
N ASP C 374 0.53 -16.18 -50.90
CA ASP C 374 1.91 -16.69 -51.07
C ASP C 374 1.95 -18.19 -51.40
N PRO C 375 2.29 -18.54 -52.65
CA PRO C 375 2.31 -19.92 -53.11
C PRO C 375 3.64 -20.66 -52.92
N GLU C 376 4.64 -19.98 -52.34
CA GLU C 376 5.98 -20.56 -52.22
C GLU C 376 6.05 -21.70 -51.20
N THR C 377 6.81 -22.72 -51.57
CA THR C 377 7.19 -23.79 -50.66
C THR C 377 8.58 -23.46 -50.12
N TYR C 378 8.66 -23.31 -48.80
CA TYR C 378 9.91 -22.96 -48.15
C TYR C 378 10.60 -24.22 -47.63
N GLU C 379 11.92 -24.19 -47.58
CA GLU C 379 12.70 -25.34 -47.13
C GLU C 379 12.46 -25.58 -45.64
N ASP C 380 12.55 -24.51 -44.87
CA ASP C 380 12.47 -24.56 -43.42
C ASP C 380 11.06 -24.19 -42.91
N GLY C 381 10.12 -25.10 -43.09
CA GLY C 381 8.76 -24.93 -42.57
C GLY C 381 7.90 -23.94 -43.33
N MSE C 382 6.66 -23.77 -42.86
CA MSE C 382 5.73 -22.82 -43.46
C MSE C 382 6.00 -21.40 -42.97
O MSE C 382 6.75 -21.21 -42.01
CB MSE C 382 4.28 -23.21 -43.14
CG MSE C 382 3.83 -24.53 -43.75
SE MSE C 382 1.94 -24.87 -43.47
CE MSE C 382 1.17 -23.55 -44.68
N ARG C 383 5.39 -20.42 -43.62
CA ARG C 383 5.39 -19.06 -43.09
C ARG C 383 4.02 -18.78 -42.47
N VAL C 384 4.00 -17.93 -41.45
CA VAL C 384 2.79 -17.70 -40.64
C VAL C 384 1.62 -17.09 -41.44
N HIS C 385 1.92 -16.26 -42.43
CA HIS C 385 0.86 -15.70 -43.28
C HIS C 385 0.12 -16.79 -44.07
N GLN C 386 0.85 -17.84 -44.45
CA GLN C 386 0.26 -19.00 -45.14
C GLN C 386 -0.61 -19.82 -44.19
N VAL C 387 -0.15 -19.96 -42.95
CA VAL C 387 -0.90 -20.66 -41.90
C VAL C 387 -2.24 -19.95 -41.64
N ILE C 388 -2.20 -18.63 -41.47
CA ILE C 388 -3.40 -17.85 -41.21
C ILE C 388 -4.36 -17.83 -42.41
N ASP C 389 -3.81 -17.76 -43.61
CA ASP C 389 -4.61 -17.84 -44.83
C ASP C 389 -5.40 -19.15 -44.86
N SER C 390 -4.73 -20.25 -44.47
CA SER C 390 -5.36 -21.56 -44.41
C SER C 390 -6.48 -21.63 -43.37
N MSE C 391 -6.24 -21.03 -42.21
CA MSE C 391 -7.24 -20.97 -41.14
C MSE C 391 -8.46 -20.14 -41.56
O MSE C 391 -9.59 -20.55 -41.29
CB MSE C 391 -6.63 -20.42 -39.84
CG MSE C 391 -5.54 -21.29 -39.23
SE MSE C 391 -4.58 -20.45 -37.73
CE MSE C 391 -5.97 -20.66 -36.37
N ASN C 392 -8.22 -19.01 -42.21
CA ASN C 392 -9.31 -18.17 -42.73
C ASN C 392 -10.21 -18.97 -43.68
N THR C 393 -9.59 -19.68 -44.62
CA THR C 393 -10.34 -20.48 -45.59
C THR C 393 -11.27 -21.48 -44.91
N VAL C 394 -10.76 -22.26 -43.97
CA VAL C 394 -11.56 -23.28 -43.30
C VAL C 394 -12.60 -22.67 -42.34
N MSE C 395 -12.22 -21.59 -41.67
CA MSE C 395 -13.17 -20.86 -40.81
C MSE C 395 -14.38 -20.38 -41.61
O MSE C 395 -15.52 -20.60 -41.19
CB MSE C 395 -12.48 -19.69 -40.10
CG MSE C 395 -13.39 -18.83 -39.23
SE MSE C 395 -14.36 -19.84 -37.86
CE MSE C 395 -12.90 -20.15 -36.60
N GLU C 396 -14.14 -19.77 -42.76
CA GLU C 396 -15.22 -19.30 -43.65
C GLU C 396 -16.13 -20.45 -44.09
N GLU C 397 -15.56 -21.62 -44.34
CA GLU C 397 -16.31 -22.83 -44.66
C GLU C 397 -17.13 -23.35 -43.48
N ALA C 398 -16.50 -23.43 -42.31
CA ALA C 398 -17.09 -24.07 -41.13
C ALA C 398 -18.14 -23.22 -40.40
N ALA C 399 -17.96 -21.91 -40.43
CA ALA C 399 -18.84 -21.00 -39.71
C ALA C 399 -20.00 -20.48 -40.55
N GLU C 400 -21.14 -20.27 -39.89
CA GLU C 400 -22.25 -19.53 -40.47
C GLU C 400 -21.82 -18.07 -40.70
N PRO C 401 -22.48 -17.37 -41.65
CA PRO C 401 -22.13 -15.97 -41.83
C PRO C 401 -22.22 -15.19 -40.51
N GLY C 402 -21.25 -14.31 -40.27
CA GLY C 402 -21.18 -13.52 -39.04
C GLY C 402 -20.84 -14.29 -37.78
N GLU C 403 -20.34 -15.51 -37.92
CA GLU C 403 -20.02 -16.34 -36.76
C GLU C 403 -18.59 -16.88 -36.77
N GLY C 404 -18.21 -17.55 -35.69
CA GLY C 404 -16.87 -18.12 -35.54
C GLY C 404 -15.90 -17.21 -34.80
N THR C 405 -14.90 -17.82 -34.17
CA THR C 405 -13.88 -17.10 -33.43
C THR C 405 -12.49 -17.64 -33.75
N ILE C 406 -11.57 -16.75 -34.10
CA ILE C 406 -10.15 -17.08 -34.13
C ILE C 406 -9.46 -16.45 -32.92
N VAL C 407 -8.77 -17.29 -32.15
CA VAL C 407 -8.05 -16.87 -30.96
C VAL C 407 -6.54 -16.89 -31.22
N SER C 408 -5.84 -15.87 -30.75
CA SER C 408 -4.39 -15.85 -30.84
C SER C 408 -3.76 -15.71 -29.46
N ASP C 409 -2.81 -16.59 -29.17
CA ASP C 409 -1.89 -16.45 -28.04
C ASP C 409 -0.92 -15.33 -28.40
N ILE C 410 0.14 -15.16 -27.61
CA ILE C 410 1.05 -14.03 -27.75
C ILE C 410 2.40 -14.46 -28.32
N GLY C 411 2.94 -13.62 -29.21
CA GLY C 411 4.24 -13.85 -29.84
C GLY C 411 4.35 -13.01 -31.10
N PHE C 412 5.40 -13.25 -31.89
CA PHE C 412 5.55 -12.57 -33.18
C PHE C 412 4.39 -12.92 -34.13
N PHE C 413 4.02 -14.20 -34.13
CA PHE C 413 2.92 -14.72 -34.96
C PHE C 413 1.59 -14.02 -34.67
N ARG C 414 1.42 -13.49 -33.45
CA ARG C 414 0.18 -12.85 -33.05
C ARG C 414 -0.13 -11.65 -33.93
N HIS C 415 0.93 -10.94 -34.32
CA HIS C 415 0.77 -9.75 -35.15
C HIS C 415 0.41 -10.08 -36.58
N TYR C 416 0.74 -11.30 -37.01
CA TYR C 416 0.20 -11.84 -38.25
C TYR C 416 -1.32 -12.08 -38.11
N GLY C 417 -1.74 -12.57 -36.94
CA GLY C 417 -3.17 -12.75 -36.65
C GLY C 417 -3.92 -11.42 -36.70
N VAL C 418 -3.34 -10.39 -36.09
CA VAL C 418 -3.92 -9.04 -36.10
C VAL C 418 -4.11 -8.53 -37.54
N LEU C 419 -3.08 -8.68 -38.37
CA LEU C 419 -3.10 -8.21 -39.76
C LEU C 419 -3.96 -9.05 -40.71
N PHE C 420 -3.95 -10.36 -40.52
CA PHE C 420 -4.47 -11.28 -41.53
C PHE C 420 -5.70 -12.11 -41.13
N ALA C 421 -5.95 -12.28 -39.83
CA ALA C 421 -7.03 -13.19 -39.40
C ALA C 421 -8.43 -12.67 -39.71
N ARG C 422 -9.28 -13.58 -40.16
CA ARG C 422 -10.68 -13.31 -40.45
C ARG C 422 -11.45 -13.00 -39.16
N ALA C 423 -12.22 -11.92 -39.19
CA ALA C 423 -13.14 -11.58 -38.11
C ALA C 423 -14.43 -11.06 -38.74
N ASP C 424 -15.49 -11.87 -38.67
CA ASP C 424 -16.76 -11.50 -39.29
C ASP C 424 -17.82 -11.05 -38.28
N GLN C 425 -17.38 -10.80 -37.04
CA GLN C 425 -18.25 -10.31 -35.98
C GLN C 425 -17.39 -9.60 -34.93
N PRO C 426 -18.00 -8.71 -34.10
CA PRO C 426 -17.29 -8.20 -32.94
C PRO C 426 -16.75 -9.34 -32.06
N PHE C 427 -15.49 -9.23 -31.65
CA PHE C 427 -14.79 -10.28 -30.89
C PHE C 427 -14.67 -11.59 -31.68
N GLY C 428 -14.63 -11.47 -33.01
CA GLY C 428 -14.42 -12.61 -33.90
C GLY C 428 -12.95 -12.98 -33.99
N PHE C 429 -12.09 -12.04 -33.63
CA PHE C 429 -10.68 -12.32 -33.43
C PHE C 429 -10.35 -11.92 -32.00
N LEU C 430 -9.89 -12.88 -31.21
CA LEU C 430 -9.56 -12.62 -29.80
C LEU C 430 -8.09 -12.77 -29.52
N THR C 431 -7.54 -11.76 -28.86
CA THR C 431 -6.19 -11.82 -28.32
C THR C 431 -6.13 -10.88 -27.11
N SER C 432 -5.03 -10.96 -26.36
CA SER C 432 -4.84 -10.12 -25.19
C SER C 432 -4.04 -8.89 -25.59
N ALA C 433 -4.70 -7.74 -25.67
CA ALA C 433 -4.05 -6.50 -26.12
C ALA C 433 -3.42 -5.69 -24.99
N GLY C 434 -4.03 -5.74 -23.80
CA GLY C 434 -3.54 -4.97 -22.67
C GLY C 434 -2.48 -5.69 -21.86
N CYS C 435 -2.75 -6.94 -21.50
CA CYS C 435 -1.84 -7.70 -20.65
C CYS C 435 -0.83 -8.51 -21.47
N SER C 436 -1.33 -9.20 -22.49
CA SER C 436 -0.49 -9.99 -23.40
C SER C 436 0.42 -10.98 -22.66
N SER C 437 -0.17 -11.75 -21.76
CA SER C 437 0.54 -12.87 -21.14
C SER C 437 0.62 -14.01 -22.15
N PHE C 438 1.81 -14.57 -22.34
CA PHE C 438 1.88 -15.82 -23.10
C PHE C 438 1.09 -16.94 -22.39
N GLY C 439 0.62 -17.93 -23.15
CA GLY C 439 -0.26 -18.96 -22.58
C GLY C 439 -1.73 -18.57 -22.56
N TYR C 440 -2.02 -17.36 -23.02
CA TYR C 440 -3.38 -16.80 -23.10
C TYR C 440 -4.33 -17.63 -23.98
N GLY C 441 -3.77 -18.26 -25.01
CA GLY C 441 -4.56 -18.92 -26.04
C GLY C 441 -5.56 -19.97 -25.56
N ILE C 442 -5.08 -20.96 -24.81
CA ILE C 442 -5.97 -22.05 -24.37
C ILE C 442 -7.17 -21.56 -23.54
N PRO C 443 -6.93 -20.81 -22.45
CA PRO C 443 -8.09 -20.32 -21.68
C PRO C 443 -9.04 -19.42 -22.47
N ALA C 444 -8.50 -18.58 -23.36
CA ALA C 444 -9.33 -17.71 -24.18
C ALA C 444 -10.20 -18.50 -25.17
N ALA C 445 -9.64 -19.59 -25.70
CA ALA C 445 -10.39 -20.50 -26.58
C ALA C 445 -11.48 -21.26 -25.79
N ILE C 446 -11.16 -21.65 -24.56
CA ILE C 446 -12.15 -22.26 -23.66
C ILE C 446 -13.33 -21.30 -23.41
N GLY C 447 -13.01 -20.08 -23.00
CA GLY C 447 -14.00 -19.04 -22.77
C GLY C 447 -14.84 -18.75 -24.02
N ALA C 448 -14.17 -18.62 -25.16
CA ALA C 448 -14.85 -18.33 -26.42
C ALA C 448 -15.79 -19.45 -26.84
N GLN C 449 -15.32 -20.70 -26.74
CA GLN C 449 -16.14 -21.85 -27.15
C GLN C 449 -17.36 -22.02 -26.26
N MSE C 450 -17.19 -21.74 -24.97
CA MSE C 450 -18.31 -21.79 -24.02
C MSE C 450 -19.31 -20.66 -24.26
O MSE C 450 -20.51 -20.86 -24.12
CB MSE C 450 -17.80 -21.79 -22.58
CG MSE C 450 -17.19 -23.13 -22.20
SE MSE C 450 -16.34 -23.15 -20.45
CE MSE C 450 -17.91 -22.92 -19.34
N ALA C 451 -18.80 -19.49 -24.64
CA ALA C 451 -19.65 -18.33 -24.93
C ALA C 451 -20.43 -18.54 -26.23
N ARG C 452 -19.82 -19.27 -27.17
CA ARG C 452 -20.40 -19.53 -28.49
C ARG C 452 -20.41 -21.04 -28.79
N PRO C 453 -21.23 -21.82 -28.06
CA PRO C 453 -21.13 -23.28 -28.12
C PRO C 453 -21.37 -23.90 -29.50
N ASP C 454 -22.10 -23.21 -30.39
CA ASP C 454 -22.40 -23.76 -31.71
C ASP C 454 -21.63 -23.08 -32.85
N GLN C 455 -20.51 -22.43 -32.50
CA GLN C 455 -19.65 -21.76 -33.48
C GLN C 455 -18.26 -22.38 -33.44
N PRO C 456 -17.57 -22.43 -34.61
CA PRO C 456 -16.20 -22.94 -34.65
C PRO C 456 -15.25 -21.99 -33.89
N THR C 457 -14.30 -22.58 -33.17
CA THR C 457 -13.29 -21.82 -32.41
C THR C 457 -11.93 -22.37 -32.79
N PHE C 458 -11.11 -21.52 -33.42
CA PHE C 458 -9.76 -21.89 -33.82
C PHE C 458 -8.81 -21.11 -32.91
N LEU C 459 -7.71 -21.76 -32.53
CA LEU C 459 -6.65 -21.14 -31.76
C LEU C 459 -5.34 -21.24 -32.53
N ILE C 460 -4.62 -20.12 -32.61
CA ILE C 460 -3.23 -20.16 -33.04
C ILE C 460 -2.31 -19.74 -31.87
N ALA C 461 -1.26 -20.52 -31.65
CA ALA C 461 -0.28 -20.24 -30.60
C ALA C 461 1.11 -20.60 -31.10
N GLY C 462 2.12 -19.91 -30.56
CA GLY C 462 3.53 -20.25 -30.84
C GLY C 462 4.01 -21.25 -29.82
N ASP C 463 5.11 -21.92 -30.10
CA ASP C 463 5.65 -22.95 -29.22
C ASP C 463 6.02 -22.43 -27.82
N GLY C 464 6.60 -21.23 -27.75
CA GLY C 464 7.00 -20.63 -26.47
C GLY C 464 5.81 -20.36 -25.57
N GLY C 465 4.84 -19.63 -26.10
CA GLY C 465 3.63 -19.28 -25.34
C GLY C 465 2.71 -20.46 -25.09
N PHE C 466 2.47 -21.27 -26.12
CA PHE C 466 1.61 -22.44 -25.96
C PHE C 466 2.12 -23.37 -24.87
N HIS C 467 3.42 -23.67 -24.89
CA HIS C 467 3.99 -24.58 -23.90
C HIS C 467 4.00 -24.00 -22.48
N SER C 468 4.02 -22.68 -22.35
CA SER C 468 3.95 -22.04 -21.02
C SER C 468 2.69 -22.42 -20.25
N ASN C 469 1.66 -22.86 -20.97
CA ASN C 469 0.35 -23.16 -20.37
C ASN C 469 -0.37 -24.33 -21.06
N SER C 470 0.42 -25.28 -21.58
CA SER C 470 -0.12 -26.36 -22.42
C SER C 470 -0.84 -27.46 -21.65
N SER C 471 -0.63 -27.53 -20.33
CA SER C 471 -1.23 -28.59 -19.50
C SER C 471 -2.77 -28.55 -19.51
N ASP C 472 -3.31 -27.35 -19.75
CA ASP C 472 -4.77 -27.21 -19.85
C ASP C 472 -5.37 -27.79 -21.13
N LEU C 473 -4.55 -28.43 -21.96
CA LEU C 473 -5.04 -29.33 -23.00
C LEU C 473 -5.96 -30.40 -22.40
N GLU C 474 -5.61 -30.87 -21.20
CA GLU C 474 -6.42 -31.86 -20.50
C GLU C 474 -7.83 -31.30 -20.20
N THR C 475 -7.88 -30.02 -19.83
CA THR C 475 -9.16 -29.37 -19.52
C THR C 475 -10.05 -29.30 -20.78
N ILE C 476 -9.44 -28.93 -21.91
CA ILE C 476 -10.13 -28.93 -23.20
C ILE C 476 -10.73 -30.32 -23.50
N ALA C 477 -9.94 -31.36 -23.31
CA ALA C 477 -10.40 -32.74 -23.51
C ALA C 477 -11.52 -33.12 -22.53
N ARG C 478 -11.36 -32.75 -21.26
CA ARG C 478 -12.33 -33.06 -20.21
C ARG C 478 -13.68 -32.37 -20.43
N LEU C 479 -13.63 -31.10 -20.81
CA LEU C 479 -14.85 -30.36 -21.13
C LEU C 479 -15.37 -30.67 -22.54
N ASN C 480 -14.62 -31.46 -23.30
CA ASN C 480 -14.93 -31.79 -24.69
C ASN C 480 -15.33 -30.58 -25.53
N LEU C 481 -14.49 -29.55 -25.47
CA LEU C 481 -14.71 -28.35 -26.27
C LEU C 481 -14.01 -28.54 -27.61
N PRO C 482 -14.78 -28.48 -28.71
CA PRO C 482 -14.26 -28.82 -30.03
C PRO C 482 -13.38 -27.71 -30.62
N ILE C 483 -12.40 -27.27 -29.84
CA ILE C 483 -11.45 -26.25 -30.27
C ILE C 483 -10.39 -26.86 -31.19
N VAL C 484 -10.12 -26.18 -32.30
CA VAL C 484 -9.04 -26.58 -33.21
C VAL C 484 -7.85 -25.65 -32.98
N THR C 485 -6.75 -26.24 -32.53
CA THR C 485 -5.55 -25.50 -32.17
C THR C 485 -4.45 -25.73 -33.19
N VAL C 486 -3.83 -24.65 -33.64
CA VAL C 486 -2.65 -24.70 -34.50
C VAL C 486 -1.47 -24.16 -33.68
N VAL C 487 -0.46 -25.00 -33.49
CA VAL C 487 0.78 -24.56 -32.85
C VAL C 487 1.84 -24.34 -33.92
N VAL C 488 2.25 -23.08 -34.10
CA VAL C 488 3.35 -22.75 -35.00
C VAL C 488 4.68 -22.77 -34.23
N ASN C 489 5.53 -23.74 -34.58
CA ASN C 489 6.72 -24.07 -33.80
C ASN C 489 8.02 -23.70 -34.52
N ASN C 490 8.82 -22.85 -33.89
CA ASN C 490 10.17 -22.59 -34.38
C ASN C 490 11.25 -22.78 -33.30
N ASP C 491 10.87 -23.49 -32.23
CA ASP C 491 11.76 -23.83 -31.11
C ASP C 491 12.44 -22.60 -30.50
N THR C 492 11.69 -21.51 -30.43
CA THR C 492 12.24 -20.21 -30.01
C THR C 492 11.12 -19.34 -29.44
N ASN C 493 11.46 -18.51 -28.46
CA ASN C 493 10.70 -17.30 -28.17
C ASN C 493 11.06 -16.28 -29.25
N GLY C 494 10.40 -16.41 -30.40
CA GLY C 494 10.78 -15.68 -31.61
C GLY C 494 10.71 -14.17 -31.51
N LEU C 495 9.62 -13.68 -30.92
CA LEU C 495 9.44 -12.24 -30.67
C LEU C 495 10.63 -11.67 -29.90
N ILE C 496 11.15 -12.45 -28.97
CA ILE C 496 12.23 -12.00 -28.09
C ILE C 496 13.58 -11.98 -28.83
N GLU C 497 13.77 -12.95 -29.72
CA GLU C 497 14.94 -12.96 -30.60
C GLU C 497 14.92 -11.72 -31.51
N LEU C 498 13.74 -11.35 -31.99
CA LEU C 498 13.60 -10.10 -32.74
C LEU C 498 14.04 -8.88 -31.92
N TYR C 499 13.56 -8.79 -30.69
CA TYR C 499 13.99 -7.70 -29.80
C TYR C 499 15.49 -7.68 -29.51
N GLN C 500 16.09 -8.87 -29.34
CA GLN C 500 17.55 -8.98 -29.21
C GLN C 500 18.24 -8.32 -30.41
N ASN C 501 17.78 -8.65 -31.60
CA ASN C 501 18.33 -8.10 -32.84
C ASN C 501 18.08 -6.60 -33.03
N ILE C 502 16.89 -6.13 -32.68
CA ILE C 502 16.59 -4.69 -32.69
C ILE C 502 17.57 -3.91 -31.80
N GLY C 503 17.76 -4.39 -30.58
CA GLY C 503 18.60 -3.69 -29.60
C GLY C 503 20.10 -3.87 -29.77
N HIS C 504 20.52 -5.05 -30.22
CA HIS C 504 21.94 -5.42 -30.18
C HIS C 504 22.53 -5.84 -31.52
N HIS C 505 21.67 -6.01 -32.54
CA HIS C 505 22.07 -6.47 -33.89
C HIS C 505 22.66 -7.89 -33.91
N ARG C 506 22.30 -8.68 -32.91
CA ARG C 506 22.63 -10.10 -32.85
C ARG C 506 21.71 -10.82 -31.88
N SER C 507 21.74 -12.16 -31.93
CA SER C 507 20.96 -13.00 -31.03
C SER C 507 21.82 -13.49 -29.87
N HIS C 508 21.15 -13.92 -28.80
CA HIS C 508 21.81 -14.65 -27.73
C HIS C 508 20.91 -15.82 -27.35
N ASP C 509 21.27 -16.99 -27.88
CA ASP C 509 20.44 -18.19 -27.80
C ASP C 509 20.01 -18.67 -26.41
N PRO C 510 20.90 -18.59 -25.39
CA PRO C 510 20.47 -19.04 -24.07
C PRO C 510 19.24 -18.32 -23.49
N ALA C 511 18.94 -17.13 -23.99
CA ALA C 511 17.78 -16.36 -23.50
C ALA C 511 16.50 -16.58 -24.31
N VAL C 512 16.58 -17.27 -25.45
CA VAL C 512 15.44 -17.41 -26.37
C VAL C 512 15.17 -18.80 -26.96
N LYS C 513 16.17 -19.69 -26.93
CA LYS C 513 16.08 -20.96 -27.68
C LYS C 513 15.69 -22.17 -26.85
N PHE C 514 14.82 -22.99 -27.43
CA PHE C 514 14.41 -24.26 -26.85
C PHE C 514 14.95 -25.45 -27.64
N GLY C 515 14.89 -26.63 -27.03
CA GLY C 515 15.03 -27.89 -27.74
C GLY C 515 13.67 -28.30 -28.29
N GLY C 516 13.60 -29.47 -28.91
CA GLY C 516 12.38 -29.94 -29.54
C GLY C 516 11.28 -30.37 -28.58
N VAL C 517 10.06 -29.88 -28.85
CA VAL C 517 8.85 -30.39 -28.22
C VAL C 517 7.95 -30.92 -29.33
N ASP C 518 7.49 -32.14 -29.15
CA ASP C 518 6.57 -32.78 -30.08
C ASP C 518 5.15 -32.48 -29.58
N PHE C 519 4.53 -31.44 -30.14
CA PHE C 519 3.22 -30.98 -29.67
C PHE C 519 2.07 -31.91 -30.07
N VAL C 520 2.28 -32.67 -31.14
CA VAL C 520 1.35 -33.74 -31.52
C VAL C 520 1.29 -34.81 -30.42
N ALA C 521 2.45 -35.34 -30.04
CA ALA C 521 2.53 -36.31 -28.96
C ALA C 521 2.05 -35.71 -27.64
N LEU C 522 2.35 -34.43 -27.43
CA LEU C 522 1.91 -33.74 -26.21
C LEU C 522 0.38 -33.69 -26.10
N ALA C 523 -0.29 -33.29 -27.20
CA ALA C 523 -1.75 -33.23 -27.23
C ALA C 523 -2.37 -34.60 -26.98
N GLU C 524 -1.83 -35.62 -27.64
CA GLU C 524 -2.35 -36.99 -27.50
C GLU C 524 -2.18 -37.53 -26.07
N ALA C 525 -1.08 -37.14 -25.43
CA ALA C 525 -0.87 -37.46 -24.01
C ALA C 525 -1.98 -36.90 -23.11
N ASN C 526 -2.58 -35.77 -23.54
CA ASN C 526 -3.67 -35.12 -22.82
C ASN C 526 -5.06 -35.58 -23.29
N GLY C 527 -5.09 -36.51 -24.26
CA GLY C 527 -6.35 -37.03 -24.79
C GLY C 527 -6.94 -36.19 -25.91
N VAL C 528 -6.10 -35.40 -26.56
CA VAL C 528 -6.50 -34.57 -27.69
C VAL C 528 -5.86 -35.12 -28.96
N ASP C 529 -6.69 -35.52 -29.93
CA ASP C 529 -6.22 -35.98 -31.23
C ASP C 529 -5.43 -34.88 -31.92
N ALA C 530 -4.36 -35.27 -32.61
CA ALA C 530 -3.44 -34.30 -33.19
C ALA C 530 -2.75 -34.81 -34.43
N THR C 531 -2.21 -33.88 -35.22
CA THR C 531 -1.43 -34.22 -36.40
C THR C 531 -0.43 -33.11 -36.74
N ARG C 532 0.59 -33.47 -37.53
CA ARG C 532 1.57 -32.51 -38.02
C ARG C 532 1.20 -32.12 -39.45
N ALA C 533 1.34 -30.83 -39.76
CA ALA C 533 1.11 -30.33 -41.12
C ALA C 533 2.26 -29.46 -41.55
N THR C 534 2.82 -29.73 -42.73
CA THR C 534 4.07 -29.08 -43.17
C THR C 534 3.93 -28.23 -44.44
N ASN C 535 2.73 -28.20 -45.02
CA ASN C 535 2.44 -27.36 -46.19
C ASN C 535 0.96 -26.98 -46.23
N ARG C 536 0.58 -26.13 -47.19
CA ARG C 536 -0.81 -25.68 -47.31
C ARG C 536 -1.80 -26.83 -47.47
N GLU C 537 -1.44 -27.81 -48.29
CA GLU C 537 -2.30 -28.95 -48.55
C GLU C 537 -2.59 -29.76 -47.28
N GLU C 538 -1.53 -30.08 -46.54
CA GLU C 538 -1.68 -30.84 -45.29
C GLU C 538 -2.42 -30.03 -44.22
N LEU C 539 -2.17 -28.73 -44.20
CA LEU C 539 -2.78 -27.85 -43.20
C LEU C 539 -4.30 -27.70 -43.42
N LEU C 540 -4.70 -27.45 -44.66
CA LEU C 540 -6.11 -27.35 -45.01
C LEU C 540 -6.84 -28.64 -44.66
N ALA C 541 -6.25 -29.79 -45.00
CA ALA C 541 -6.81 -31.10 -44.65
C ALA C 541 -6.96 -31.29 -43.14
N ALA C 542 -5.91 -30.95 -42.39
CA ALA C 542 -5.92 -31.09 -40.94
C ALA C 542 -6.98 -30.17 -40.30
N LEU C 543 -7.07 -28.94 -40.79
CA LEU C 543 -8.05 -27.96 -40.32
C LEU C 543 -9.48 -28.40 -40.60
N ARG C 544 -9.72 -28.89 -41.82
CA ARG C 544 -11.03 -29.40 -42.20
C ARG C 544 -11.42 -30.62 -41.37
N LYS C 545 -10.46 -31.51 -41.12
CA LYS C 545 -10.69 -32.66 -40.22
C LYS C 545 -11.05 -32.20 -38.81
N GLY C 546 -10.26 -31.30 -38.24
CA GLY C 546 -10.53 -30.77 -36.90
C GLY C 546 -11.88 -30.10 -36.76
N ALA C 547 -12.24 -29.30 -37.76
CA ALA C 547 -13.50 -28.55 -37.75
C ALA C 547 -14.74 -29.45 -37.76
N GLU C 548 -14.60 -30.66 -38.33
CA GLU C 548 -15.71 -31.62 -38.45
C GLU C 548 -15.65 -32.74 -37.41
N LEU C 549 -14.62 -32.74 -36.57
CA LEU C 549 -14.36 -33.86 -35.66
C LEU C 549 -15.37 -34.01 -34.52
N GLY C 550 -15.94 -32.90 -34.05
CA GLY C 550 -16.84 -32.92 -32.89
C GLY C 550 -16.09 -33.16 -31.58
N ARG C 551 -14.77 -33.01 -31.65
CA ARG C 551 -13.86 -33.15 -30.52
C ARG C 551 -12.75 -32.12 -30.70
N PRO C 552 -12.00 -31.80 -29.62
CA PRO C 552 -10.80 -30.97 -29.82
C PRO C 552 -9.79 -31.62 -30.76
N PHE C 553 -9.01 -30.79 -31.45
CA PHE C 553 -7.99 -31.26 -32.37
C PHE C 553 -6.80 -30.29 -32.31
N LEU C 554 -5.59 -30.83 -32.42
CA LEU C 554 -4.39 -29.99 -32.46
C LEU C 554 -3.52 -30.26 -33.68
N ILE C 555 -2.99 -29.20 -34.26
CA ILE C 555 -2.15 -29.29 -35.44
C ILE C 555 -0.84 -28.56 -35.19
N GLU C 556 0.28 -29.29 -35.25
CA GLU C 556 1.60 -28.68 -35.18
C GLU C 556 2.12 -28.34 -36.58
N VAL C 557 2.49 -27.08 -36.75
CA VAL C 557 3.09 -26.60 -37.99
C VAL C 557 4.50 -26.06 -37.71
N PRO C 558 5.53 -26.65 -38.36
CA PRO C 558 6.86 -26.05 -38.31
C PRO C 558 6.90 -24.73 -39.10
N VAL C 559 7.43 -23.69 -38.48
CA VAL C 559 7.54 -22.38 -39.13
C VAL C 559 8.92 -21.79 -38.91
N ASN C 560 9.27 -20.80 -39.73
CA ASN C 560 10.42 -19.94 -39.51
C ASN C 560 10.02 -18.52 -39.88
N TYR C 561 10.72 -17.54 -39.32
CA TYR C 561 10.33 -16.15 -39.53
C TYR C 561 11.21 -15.37 -40.50
N ASP C 562 12.53 -15.57 -40.39
CA ASP C 562 13.50 -14.81 -41.18
C ASP C 562 13.14 -13.32 -41.17
N PHE C 563 13.25 -12.71 -39.99
CA PHE C 563 12.87 -11.30 -39.84
C PHE C 563 14.07 -10.34 -39.97
N GLN C 564 13.77 -9.09 -40.32
CA GLN C 564 14.79 -8.03 -40.35
C GLN C 564 14.43 -6.96 -39.31
N PRO C 565 15.30 -6.78 -38.30
CA PRO C 565 15.10 -5.83 -37.19
C PRO C 565 15.03 -4.37 -37.62
N GLY C 566 15.60 -4.07 -38.80
CA GLY C 566 15.66 -2.70 -39.31
C GLY C 566 14.31 -2.08 -39.63
N GLY C 567 13.30 -2.90 -39.91
CA GLY C 567 11.98 -2.41 -40.30
C GLY C 567 10.97 -2.20 -39.18
N PHE C 568 11.44 -2.22 -37.93
CA PHE C 568 10.55 -2.20 -36.77
C PHE C 568 10.67 -0.94 -35.89
N GLY C 569 10.93 0.20 -36.52
CA GLY C 569 11.08 1.48 -35.82
C GLY C 569 9.81 1.97 -35.13
N ALA C 570 8.65 1.56 -35.66
CA ALA C 570 7.35 1.96 -35.11
C ALA C 570 7.10 1.49 -33.67
N LEU C 571 7.89 0.51 -33.23
CA LEU C 571 7.76 -0.04 -31.87
C LEU C 571 8.37 0.85 -30.78
N SER C 572 9.21 1.80 -31.20
CA SER C 572 9.97 2.64 -30.26
C SER C 572 9.07 3.56 -29.43
N ILE C 573 9.31 3.56 -28.12
CA ILE C 573 8.48 4.29 -27.14
C ILE C 573 9.30 5.35 -26.39
N LYS D 11 29.39 1.82 -25.13
CA LYS D 11 29.51 2.07 -23.65
C LYS D 11 28.62 1.11 -22.84
N PRO D 12 29.19 0.49 -21.78
CA PRO D 12 28.43 -0.37 -20.87
C PRO D 12 27.24 0.34 -20.23
N THR D 13 26.12 -0.37 -20.14
CA THR D 13 24.86 0.19 -19.67
C THR D 13 24.50 -0.36 -18.30
N ALA D 14 23.35 0.06 -17.76
CA ALA D 14 22.84 -0.47 -16.50
C ALA D 14 22.67 -1.99 -16.54
N ALA D 15 22.42 -2.54 -17.73
CA ALA D 15 22.37 -3.99 -17.94
C ALA D 15 23.69 -4.65 -17.56
N HIS D 16 24.80 -4.08 -18.06
CA HIS D 16 26.14 -4.54 -17.67
C HIS D 16 26.40 -4.34 -16.18
N ALA D 17 26.09 -3.15 -15.67
CA ALA D 17 26.30 -2.85 -14.25
C ALA D 17 25.53 -3.80 -13.34
N LEU D 18 24.30 -4.13 -13.74
CA LEU D 18 23.45 -5.06 -13.00
C LEU D 18 24.09 -6.46 -12.94
N LEU D 19 24.38 -7.03 -14.11
CA LEU D 19 24.96 -8.37 -14.16
C LEU D 19 26.33 -8.45 -13.47
N SER D 20 27.11 -7.38 -13.60
CA SER D 20 28.42 -7.29 -12.94
C SER D 20 28.30 -7.30 -11.42
N ARG D 21 27.34 -6.56 -10.88
CA ARG D 21 27.12 -6.53 -9.43
C ARG D 21 26.59 -7.86 -8.90
N LEU D 22 25.71 -8.52 -9.65
CA LEU D 22 25.26 -9.87 -9.29
C LEU D 22 26.47 -10.82 -9.23
N ARG D 23 27.36 -10.72 -10.23
CA ARG D 23 28.58 -11.53 -10.26
CA ARG D 23 28.59 -11.52 -10.27
C ARG D 23 29.48 -11.22 -9.06
N ASP D 24 29.56 -9.94 -8.69
CA ASP D 24 30.31 -9.52 -7.50
C ASP D 24 29.80 -10.22 -6.25
N HIS D 25 28.49 -10.48 -6.19
CA HIS D 25 27.86 -11.16 -5.06
C HIS D 25 27.82 -12.69 -5.23
N GLY D 26 28.52 -13.19 -6.24
CA GLY D 26 28.75 -14.63 -6.37
C GLY D 26 27.78 -15.34 -7.31
N VAL D 27 26.88 -14.58 -7.92
CA VAL D 27 25.85 -15.16 -8.79
C VAL D 27 26.49 -15.59 -10.11
N GLY D 28 26.19 -16.82 -10.53
CA GLY D 28 26.70 -17.34 -11.80
C GLY D 28 25.58 -17.72 -12.76
N LYS D 29 24.35 -17.71 -12.25
CA LYS D 29 23.18 -18.08 -13.05
C LYS D 29 22.05 -17.08 -12.81
N VAL D 30 21.34 -16.73 -13.88
CA VAL D 30 20.07 -16.02 -13.78
C VAL D 30 18.97 -16.88 -14.43
N PHE D 31 18.03 -17.34 -13.61
CA PHE D 31 16.90 -18.12 -14.08
C PHE D 31 15.76 -17.20 -14.51
N GLY D 32 15.15 -17.47 -15.66
CA GLY D 32 13.96 -16.71 -16.04
C GLY D 32 13.42 -16.88 -17.44
N VAL D 33 12.49 -15.99 -17.78
CA VAL D 33 12.00 -15.83 -19.14
C VAL D 33 12.20 -14.36 -19.51
N VAL D 34 12.83 -14.10 -20.65
CA VAL D 34 13.10 -12.73 -21.10
C VAL D 34 12.01 -12.26 -22.06
N GLY D 35 11.53 -11.04 -21.84
CA GLY D 35 10.57 -10.39 -22.74
C GLY D 35 11.23 -9.34 -23.61
N ARG D 36 10.47 -8.30 -23.96
CA ARG D 36 10.96 -7.28 -24.90
C ARG D 36 12.13 -6.45 -24.37
N GLU D 37 12.39 -6.57 -23.06
CA GLU D 37 13.58 -5.95 -22.46
C GLU D 37 14.89 -6.55 -23.00
N ALA D 38 14.78 -7.65 -23.75
CA ALA D 38 15.92 -8.21 -24.49
C ALA D 38 16.63 -7.16 -25.35
N ALA D 39 15.87 -6.16 -25.81
CA ALA D 39 16.45 -5.02 -26.53
C ALA D 39 17.47 -4.24 -25.69
N SER D 40 17.33 -4.31 -24.37
CA SER D 40 18.23 -3.63 -23.43
C SER D 40 19.26 -4.54 -22.75
N ILE D 41 18.96 -5.83 -22.67
CA ILE D 41 19.85 -6.78 -22.02
C ILE D 41 19.90 -8.10 -22.79
N LEU D 42 21.10 -8.49 -23.23
CA LEU D 42 21.30 -9.75 -23.96
C LEU D 42 21.54 -10.95 -23.05
N PHE D 43 22.23 -10.69 -21.93
CA PHE D 43 22.70 -11.69 -20.96
C PHE D 43 24.05 -12.34 -21.30
N ASP D 44 24.78 -11.70 -22.21
CA ASP D 44 26.17 -12.07 -22.49
C ASP D 44 27.13 -10.94 -22.10
N GLU D 45 26.60 -9.92 -21.40
CA GLU D 45 27.37 -8.72 -21.04
C GLU D 45 28.53 -9.04 -20.10
N VAL D 46 28.35 -10.04 -19.25
CA VAL D 46 29.30 -10.36 -18.18
C VAL D 46 29.71 -11.82 -18.25
N GLU D 47 31.01 -12.06 -18.42
CA GLU D 47 31.56 -13.40 -18.35
C GLU D 47 31.38 -13.96 -16.93
N GLY D 48 30.90 -15.19 -16.84
CA GLY D 48 30.71 -15.83 -15.55
C GLY D 48 29.26 -15.88 -15.08
N ILE D 49 28.37 -15.22 -15.81
CA ILE D 49 26.93 -15.32 -15.57
C ILE D 49 26.22 -15.87 -16.81
N ASP D 50 25.48 -16.96 -16.62
CA ASP D 50 24.72 -17.60 -17.69
C ASP D 50 23.23 -17.45 -17.43
N PHE D 51 22.47 -17.20 -18.49
CA PHE D 51 21.01 -17.21 -18.38
C PHE D 51 20.48 -18.64 -18.49
N VAL D 52 19.51 -18.96 -17.63
CA VAL D 52 18.86 -20.27 -17.62
C VAL D 52 17.38 -20.08 -17.96
N LEU D 53 17.04 -20.36 -19.21
CA LEU D 53 15.69 -20.13 -19.73
C LEU D 53 14.74 -21.26 -19.31
N THR D 54 13.63 -20.86 -18.69
CA THR D 54 12.56 -21.78 -18.29
C THR D 54 11.33 -21.59 -19.20
N ARG D 55 10.35 -22.48 -19.06
CA ARG D 55 9.10 -22.38 -19.82
C ARG D 55 8.06 -21.49 -19.13
N HIS D 56 8.25 -21.26 -17.83
CA HIS D 56 7.35 -20.42 -17.02
C HIS D 56 8.19 -19.75 -15.93
N GLU D 57 7.83 -18.51 -15.58
CA GLU D 57 8.58 -17.72 -14.58
C GLU D 57 8.57 -18.33 -13.18
N PHE D 58 7.50 -19.05 -12.83
CA PHE D 58 7.41 -19.71 -11.52
C PHE D 58 8.58 -20.68 -11.33
N THR D 59 8.87 -21.45 -12.38
CA THR D 59 9.99 -22.37 -12.38
C THR D 59 11.32 -21.66 -12.12
N ALA D 60 11.50 -20.50 -12.73
CA ALA D 60 12.71 -19.70 -12.55
C ALA D 60 12.89 -19.25 -11.10
N GLY D 61 11.82 -18.72 -10.51
CA GLY D 61 11.85 -18.24 -9.12
C GLY D 61 12.15 -19.34 -8.12
N VAL D 62 11.53 -20.50 -8.30
CA VAL D 62 11.72 -21.63 -7.38
C VAL D 62 13.10 -22.28 -7.52
N ALA D 63 13.59 -22.40 -8.76
CA ALA D 63 14.95 -22.90 -8.99
C ALA D 63 15.99 -22.03 -8.25
N ALA D 64 15.82 -20.71 -8.34
CA ALA D 64 16.71 -19.77 -7.64
C ALA D 64 16.61 -19.92 -6.13
N ASP D 65 15.37 -20.09 -5.64
CA ASP D 65 15.09 -20.30 -4.21
C ASP D 65 15.83 -21.53 -3.66
N VAL D 66 15.74 -22.64 -4.38
CA VAL D 66 16.33 -23.91 -3.94
C VAL D 66 17.85 -23.88 -4.06
N LEU D 67 18.36 -23.29 -5.14
CA LEU D 67 19.80 -23.10 -5.29
C LEU D 67 20.36 -22.22 -4.16
N ALA D 68 19.62 -21.17 -3.80
CA ALA D 68 20.00 -20.29 -2.68
C ALA D 68 19.97 -21.02 -1.33
N ARG D 69 18.96 -21.87 -1.13
CA ARG D 69 18.86 -22.66 0.10
C ARG D 69 20.07 -23.58 0.28
N ILE D 70 20.40 -24.36 -0.76
CA ILE D 70 21.48 -25.34 -0.67
C ILE D 70 22.88 -24.70 -0.62
N THR D 71 23.10 -23.70 -1.47
CA THR D 71 24.39 -23.00 -1.51
C THR D 71 24.57 -22.07 -0.31
N GLY D 72 23.46 -21.55 0.22
CA GLY D 72 23.51 -20.52 1.25
C GLY D 72 23.99 -19.17 0.71
N ARG D 73 23.91 -18.99 -0.60
CA ARG D 73 24.32 -17.76 -1.27
C ARG D 73 23.14 -17.14 -2.02
N PRO D 74 23.10 -15.79 -2.13
CA PRO D 74 22.02 -15.14 -2.90
C PRO D 74 21.96 -15.64 -4.33
N GLN D 75 20.75 -15.86 -4.85
CA GLN D 75 20.56 -16.26 -6.24
C GLN D 75 19.62 -15.28 -6.97
N ALA D 76 19.47 -15.44 -8.29
CA ALA D 76 18.74 -14.44 -9.08
C ALA D 76 17.75 -15.05 -10.07
N CYS D 77 16.60 -14.41 -10.17
CA CYS D 77 15.62 -14.75 -11.20
C CYS D 77 15.16 -13.51 -11.96
N TRP D 78 14.52 -13.73 -13.11
CA TRP D 78 14.25 -12.68 -14.07
C TRP D 78 12.89 -12.88 -14.76
N ALA D 79 12.12 -11.79 -14.89
CA ALA D 79 10.90 -11.80 -15.69
C ALA D 79 10.70 -10.49 -16.42
N THR D 80 9.81 -10.51 -17.42
CA THR D 80 9.44 -9.29 -18.15
C THR D 80 8.41 -8.49 -17.36
N LEU D 81 7.98 -7.36 -17.92
CA LEU D 81 6.98 -6.50 -17.26
C LEU D 81 5.61 -7.18 -17.18
N GLY D 82 4.71 -6.59 -16.39
CA GLY D 82 3.32 -7.04 -16.32
C GLY D 82 3.13 -8.50 -15.94
N PRO D 83 2.62 -9.32 -16.88
CA PRO D 83 2.36 -10.73 -16.59
C PRO D 83 3.62 -11.56 -16.30
N GLY D 84 4.78 -11.12 -16.77
CA GLY D 84 6.03 -11.78 -16.43
C GLY D 84 6.27 -11.68 -14.94
N MSE D 85 6.12 -10.46 -14.43
CA MSE D 85 6.26 -10.15 -13.02
C MSE D 85 5.21 -10.87 -12.15
O MSE D 85 5.55 -11.43 -11.12
CB MSE D 85 6.26 -8.63 -12.82
CG MSE D 85 6.39 -8.13 -11.38
SE MSE D 85 4.67 -8.06 -10.45
CE MSE D 85 3.68 -6.95 -11.71
N THR D 86 3.94 -10.87 -12.58
CA THR D 86 2.90 -11.60 -11.81
C THR D 86 3.15 -13.11 -11.81
N ASN D 87 3.62 -13.66 -12.92
CA ASN D 87 4.02 -15.07 -12.96
C ASN D 87 5.19 -15.37 -12.03
N LEU D 88 6.21 -14.51 -12.07
CA LEU D 88 7.34 -14.62 -11.15
C LEU D 88 6.94 -14.52 -9.66
N SER D 89 5.88 -13.76 -9.37
CA SER D 89 5.46 -13.53 -7.98
C SER D 89 5.11 -14.78 -7.17
N THR D 90 4.69 -15.87 -7.84
CA THR D 90 4.49 -17.14 -7.13
C THR D 90 5.83 -17.74 -6.67
N GLY D 91 6.88 -17.51 -7.45
CA GLY D 91 8.24 -17.86 -7.05
C GLY D 91 8.75 -16.94 -5.95
N ILE D 92 8.37 -15.67 -6.01
CA ILE D 92 8.71 -14.71 -4.95
C ILE D 92 8.03 -15.10 -3.62
N ALA D 93 6.79 -15.56 -3.72
CA ALA D 93 6.02 -16.02 -2.55
C ALA D 93 6.63 -17.28 -1.94
N THR D 94 7.15 -18.15 -2.79
CA THR D 94 7.86 -19.34 -2.36
C THR D 94 9.06 -18.93 -1.50
N SER D 95 9.86 -18.02 -2.04
CA SER D 95 11.03 -17.48 -1.36
C SER D 95 10.68 -16.79 -0.04
N VAL D 96 9.62 -15.97 -0.01
CA VAL D 96 9.30 -15.22 1.22
C VAL D 96 8.85 -16.14 2.36
N LEU D 97 8.03 -17.14 2.04
CA LEU D 97 7.50 -18.06 3.05
C LEU D 97 8.45 -19.21 3.38
N ASP D 98 9.21 -19.68 2.39
CA ASP D 98 10.14 -20.78 2.59
C ASP D 98 11.50 -20.30 3.08
N ARG D 99 11.70 -18.98 3.02
CA ARG D 99 12.93 -18.30 3.50
C ARG D 99 14.17 -18.60 2.66
N SER D 100 14.35 -17.85 1.58
CA SER D 100 15.58 -17.94 0.79
C SER D 100 15.96 -16.58 0.21
N PRO D 101 17.28 -16.28 0.15
CA PRO D 101 17.78 -15.01 -0.36
C PRO D 101 17.80 -14.93 -1.88
N VAL D 102 16.66 -14.55 -2.46
CA VAL D 102 16.53 -14.47 -3.91
C VAL D 102 16.45 -13.02 -4.33
N ILE D 103 17.19 -12.65 -5.36
CA ILE D 103 17.06 -11.34 -5.98
C ILE D 103 16.15 -11.50 -7.20
N ALA D 104 14.94 -10.97 -7.11
CA ALA D 104 13.96 -11.06 -8.19
C ALA D 104 14.00 -9.79 -9.02
N LEU D 105 14.17 -9.96 -10.32
CA LEU D 105 14.34 -8.83 -11.22
C LEU D 105 13.25 -8.90 -12.28
N ALA D 106 12.57 -7.79 -12.51
CA ALA D 106 11.56 -7.73 -13.55
C ALA D 106 11.61 -6.43 -14.33
N ALA D 107 11.42 -6.52 -15.64
CA ALA D 107 11.34 -5.34 -16.49
C ALA D 107 10.08 -4.54 -16.18
N GLN D 108 10.09 -3.28 -16.60
CA GLN D 108 8.95 -2.39 -16.45
C GLN D 108 8.89 -1.52 -17.70
N SER D 109 7.71 -0.94 -17.95
CA SER D 109 7.54 0.02 -19.04
C SER D 109 8.59 1.12 -18.95
N GLU D 110 8.91 1.72 -20.10
CA GLU D 110 9.78 2.89 -20.15
C GLU D 110 9.37 3.91 -19.08
N SER D 111 10.36 4.47 -18.40
CA SER D 111 10.15 5.30 -17.22
C SER D 111 9.13 6.44 -17.40
N HIS D 112 9.19 7.13 -18.53
CA HIS D 112 8.28 8.25 -18.82
C HIS D 112 6.88 7.77 -19.25
N ASP D 113 6.71 6.46 -19.43
CA ASP D 113 5.46 5.86 -19.91
C ASP D 113 4.83 4.94 -18.85
N ILE D 114 5.25 5.08 -17.59
CA ILE D 114 4.71 4.24 -16.53
C ILE D 114 3.36 4.77 -16.06
N PHE D 115 2.30 4.14 -16.55
CA PHE D 115 0.93 4.44 -16.13
C PHE D 115 0.27 3.09 -15.82
N PRO D 116 0.36 2.65 -14.54
CA PRO D 116 -0.15 1.32 -14.17
C PRO D 116 -1.62 1.16 -14.52
N ASN D 117 -1.94 0.03 -15.14
CA ASN D 117 -3.30 -0.31 -15.57
C ASN D 117 -3.81 0.51 -16.77
N ASP D 118 -2.91 1.26 -17.40
CA ASP D 118 -3.26 2.03 -18.60
C ASP D 118 -2.28 1.79 -19.75
N THR D 119 -0.98 1.92 -19.48
CA THR D 119 0.04 1.59 -20.47
C THR D 119 0.01 0.07 -20.70
N HIS D 120 0.07 -0.33 -21.96
CA HIS D 120 0.20 -1.74 -22.34
C HIS D 120 1.21 -2.49 -21.44
N GLN D 121 0.73 -3.57 -20.79
CA GLN D 121 1.53 -4.44 -19.90
C GLN D 121 2.10 -3.77 -18.65
N CYS D 122 1.60 -2.58 -18.32
CA CYS D 122 2.12 -1.84 -17.19
C CYS D 122 1.30 -2.09 -15.93
N LEU D 123 1.94 -2.71 -14.94
CA LEU D 123 1.34 -2.92 -13.63
C LEU D 123 2.24 -2.26 -12.59
N ASP D 124 1.66 -1.91 -11.44
CA ASP D 124 2.43 -1.30 -10.38
C ASP D 124 3.18 -2.39 -9.60
N SER D 125 4.30 -2.83 -10.19
CA SER D 125 5.07 -4.00 -9.72
C SER D 125 5.54 -3.88 -8.28
N VAL D 126 6.04 -2.69 -7.91
CA VAL D 126 6.55 -2.47 -6.56
C VAL D 126 5.41 -2.58 -5.53
N ALA D 127 4.25 -2.02 -5.85
CA ALA D 127 3.09 -2.11 -4.95
C ALA D 127 2.60 -3.55 -4.78
N ILE D 128 2.64 -4.30 -5.88
CA ILE D 128 2.21 -5.71 -5.90
C ILE D 128 3.15 -6.63 -5.12
N VAL D 129 4.45 -6.36 -5.22
CA VAL D 129 5.49 -7.25 -4.68
C VAL D 129 5.96 -6.86 -3.27
N ALA D 130 5.83 -5.58 -2.92
CA ALA D 130 6.23 -5.11 -1.59
C ALA D 130 5.68 -5.97 -0.41
N PRO D 131 4.38 -6.32 -0.43
CA PRO D 131 3.82 -7.09 0.70
C PRO D 131 4.35 -8.52 0.85
N MSE D 132 5.09 -9.01 -0.14
CA MSE D 132 5.59 -10.38 -0.14
C MSE D 132 7.10 -10.43 -0.35
O MSE D 132 7.63 -11.40 -0.91
CB MSE D 132 4.85 -11.22 -1.20
CG MSE D 132 4.98 -10.69 -2.63
SE MSE D 132 4.52 -12.04 -4.01
CE MSE D 132 2.85 -11.31 -4.66
N SER D 133 7.80 -9.39 0.09
CA SER D 133 9.24 -9.32 -0.11
C SER D 133 9.95 -8.59 1.02
N LYS D 134 11.26 -8.74 1.06
CA LYS D 134 12.10 -8.07 2.04
C LYS D 134 12.39 -6.63 1.66
N TYR D 135 12.25 -6.33 0.36
CA TYR D 135 12.74 -5.10 -0.26
C TYR D 135 12.18 -5.06 -1.68
N ALA D 136 11.71 -3.87 -2.08
CA ALA D 136 11.10 -3.70 -3.41
C ALA D 136 11.28 -2.24 -3.87
N VAL D 137 11.90 -2.07 -5.03
CA VAL D 137 12.30 -0.76 -5.52
C VAL D 137 12.20 -0.71 -7.05
N GLU D 138 12.01 0.48 -7.59
CA GLU D 138 12.09 0.69 -9.03
C GLU D 138 13.31 1.56 -9.35
N LEU D 139 14.13 1.07 -10.28
CA LEU D 139 15.28 1.83 -10.80
C LEU D 139 14.82 3.16 -11.42
N GLN D 140 15.52 4.23 -11.04
CA GLN D 140 15.19 5.58 -11.51
C GLN D 140 16.35 6.32 -12.17
N ARG D 141 17.56 6.07 -11.69
CA ARG D 141 18.79 6.63 -12.27
C ARG D 141 19.75 5.45 -12.53
N PRO D 142 20.07 5.20 -13.82
CA PRO D 142 20.80 3.98 -14.24
C PRO D 142 22.00 3.56 -13.36
N HIS D 143 22.86 4.50 -13.00
CA HIS D 143 24.08 4.17 -12.25
C HIS D 143 23.81 3.65 -10.83
N GLU D 144 22.63 3.93 -10.29
CA GLU D 144 22.24 3.49 -8.95
C GLU D 144 21.94 1.99 -8.85
N ILE D 145 21.83 1.31 -10.00
CA ILE D 145 21.55 -0.13 -10.01
C ILE D 145 22.52 -0.90 -9.13
N THR D 146 23.77 -0.43 -9.05
CA THR D 146 24.77 -1.07 -8.19
C THR D 146 24.37 -1.02 -6.71
N ASP D 147 23.97 0.16 -6.23
CA ASP D 147 23.56 0.25 -4.83
C ASP D 147 22.21 -0.44 -4.55
N LEU D 148 21.32 -0.48 -5.55
CA LEU D 148 20.04 -1.16 -5.41
C LEU D 148 20.24 -2.66 -5.26
N VAL D 149 21.13 -3.24 -6.08
CA VAL D 149 21.52 -4.64 -5.92
C VAL D 149 22.08 -4.89 -4.51
N ASP D 150 22.99 -4.03 -4.06
CA ASP D 150 23.57 -4.15 -2.73
C ASP D 150 22.50 -4.11 -1.62
N SER D 151 21.58 -3.15 -1.71
CA SER D 151 20.49 -3.05 -0.73
C SER D 151 19.56 -4.26 -0.81
N ALA D 152 19.33 -4.76 -2.02
CA ALA D 152 18.54 -5.97 -2.23
C ALA D 152 19.19 -7.19 -1.55
N VAL D 153 20.49 -7.36 -1.75
CA VAL D 153 21.23 -8.44 -1.07
C VAL D 153 21.18 -8.29 0.46
N ASN D 154 21.41 -7.06 0.93
CA ASN D 154 21.38 -6.76 2.37
C ASN D 154 20.08 -7.21 3.04
N ALA D 155 18.94 -6.87 2.43
CA ALA D 155 17.63 -7.19 2.98
C ALA D 155 17.27 -8.66 2.83
N ALA D 156 17.70 -9.26 1.71
CA ALA D 156 17.48 -10.68 1.43
C ALA D 156 18.20 -11.55 2.45
N MSE D 157 19.40 -11.14 2.84
CA MSE D 157 20.26 -11.92 3.73
C MSE D 157 20.11 -11.53 5.21
O MSE D 157 21.00 -11.79 6.02
CB MSE D 157 21.71 -11.81 3.28
CG MSE D 157 21.99 -12.55 1.96
SE MSE D 157 21.97 -14.50 2.26
CE MSE D 157 23.54 -14.60 3.43
N THR D 158 18.99 -10.89 5.57
CA THR D 158 18.66 -10.64 6.97
C THR D 158 17.50 -11.55 7.36
N GLU D 159 17.59 -12.19 8.52
CA GLU D 159 16.52 -13.08 9.00
C GLU D 159 15.23 -12.31 9.34
N PRO D 160 14.06 -12.83 8.92
CA PRO D 160 13.94 -14.07 8.14
C PRO D 160 14.32 -13.83 6.69
N VAL D 161 15.23 -14.67 6.17
CA VAL D 161 15.71 -14.46 4.81
C VAL D 161 14.56 -14.56 3.82
N GLY D 162 14.66 -13.81 2.73
CA GLY D 162 13.58 -13.74 1.77
C GLY D 162 14.02 -13.01 0.52
N PRO D 163 13.08 -12.82 -0.41
CA PRO D 163 13.40 -12.25 -1.71
C PRO D 163 13.37 -10.73 -1.69
N SER D 164 14.21 -10.14 -2.52
CA SER D 164 14.24 -8.69 -2.72
C SER D 164 13.97 -8.44 -4.19
N PHE D 165 13.23 -7.37 -4.49
CA PHE D 165 12.72 -7.16 -5.83
C PHE D 165 13.16 -5.82 -6.41
N ILE D 166 13.69 -5.83 -7.63
CA ILE D 166 14.02 -4.60 -8.35
C ILE D 166 13.25 -4.56 -9.67
N SER D 167 12.46 -3.50 -9.86
CA SER D 167 11.74 -3.23 -11.11
C SER D 167 12.61 -2.38 -12.04
N LEU D 168 12.68 -2.77 -13.32
CA LEU D 168 13.67 -2.20 -14.26
C LEU D 168 13.06 -1.64 -15.55
N PRO D 169 12.75 -0.33 -15.56
CA PRO D 169 12.20 0.31 -16.76
C PRO D 169 13.16 0.10 -17.93
N VAL D 170 12.62 -0.36 -19.07
CA VAL D 170 13.42 -0.83 -20.21
C VAL D 170 14.42 0.22 -20.72
N ASP D 171 14.00 1.48 -20.74
CA ASP D 171 14.88 2.59 -21.17
C ASP D 171 16.07 2.76 -20.22
N LEU D 172 15.83 2.67 -18.91
CA LEU D 172 16.89 2.85 -17.93
C LEU D 172 17.86 1.67 -17.92
N LEU D 173 17.33 0.46 -18.12
CA LEU D 173 18.13 -0.76 -18.19
C LEU D 173 19.14 -0.69 -19.33
N GLY D 174 18.72 -0.10 -20.45
CA GLY D 174 19.58 0.02 -21.63
C GLY D 174 20.37 1.32 -21.71
N SER D 175 20.38 2.08 -20.62
CA SER D 175 21.05 3.37 -20.59
C SER D 175 22.44 3.32 -19.96
N SER D 176 23.37 4.10 -20.51
CA SER D 176 24.72 4.25 -19.97
C SER D 176 24.91 5.55 -19.18
N GLU D 177 23.82 6.31 -19.02
CA GLU D 177 23.87 7.61 -18.34
C GLU D 177 24.39 7.53 -16.92
N GLY D 178 25.52 8.19 -16.67
CA GLY D 178 26.13 8.23 -15.34
C GLY D 178 26.95 7.01 -14.98
N ILE D 179 27.08 6.07 -15.91
CA ILE D 179 27.85 4.86 -15.70
C ILE D 179 29.28 5.00 -16.24
N ASP D 180 30.24 5.02 -15.31
CA ASP D 180 31.66 5.20 -15.62
C ASP D 180 32.45 3.93 -15.36
N ASN D 185 34.17 -1.18 -9.13
CA ASN D 185 33.15 -1.41 -8.10
C ASN D 185 33.74 -1.48 -6.69
N PRO D 186 33.05 -0.85 -5.71
CA PRO D 186 33.35 -1.07 -4.28
C PRO D 186 33.16 -2.53 -3.89
N PRO D 187 33.84 -3.00 -2.84
CA PRO D 187 33.68 -4.41 -2.44
C PRO D 187 32.21 -4.74 -2.16
N ALA D 188 31.79 -5.92 -2.59
CA ALA D 188 30.41 -6.39 -2.38
C ALA D 188 30.13 -6.73 -0.91
N ASN D 189 31.09 -7.39 -0.26
CA ASN D 189 30.97 -7.81 1.14
C ASN D 189 29.69 -8.62 1.41
N THR D 190 29.42 -9.60 0.56
CA THR D 190 28.27 -10.49 0.69
C THR D 190 28.36 -11.25 2.02
N PRO D 191 27.29 -11.21 2.84
CA PRO D 191 27.31 -11.94 4.11
C PRO D 191 27.49 -13.43 3.86
N ALA D 192 28.37 -14.07 4.63
CA ALA D 192 28.65 -15.50 4.49
C ALA D 192 27.47 -16.34 4.96
N LYS D 193 26.78 -15.83 5.98
CA LYS D 193 25.55 -16.43 6.45
C LYS D 193 24.60 -15.29 6.85
N PRO D 194 23.31 -15.58 7.05
CA PRO D 194 22.35 -14.48 7.30
C PRO D 194 22.67 -13.61 8.51
N VAL D 195 22.41 -12.32 8.35
CA VAL D 195 22.40 -11.38 9.46
C VAL D 195 21.17 -11.72 10.30
N GLY D 196 21.36 -11.86 11.61
CA GLY D 196 20.27 -12.26 12.49
C GLY D 196 19.91 -11.23 13.54
N VAL D 197 18.69 -11.35 14.07
CA VAL D 197 18.24 -10.50 15.16
C VAL D 197 18.79 -11.08 16.47
N VAL D 198 19.29 -10.22 17.35
CA VAL D 198 19.80 -10.63 18.65
C VAL D 198 19.28 -9.69 19.74
N ALA D 199 18.64 -10.28 20.75
CA ALA D 199 18.12 -9.54 21.91
C ALA D 199 19.15 -9.44 23.02
N ASP D 200 19.23 -8.27 23.62
CA ASP D 200 20.01 -8.05 24.84
C ASP D 200 19.55 -9.02 25.93
N GLY D 201 20.52 -9.68 26.56
CA GLY D 201 20.21 -10.63 27.62
C GLY D 201 19.85 -12.02 27.14
N TRP D 202 20.12 -12.33 25.88
CA TRP D 202 19.83 -13.67 25.35
C TRP D 202 20.61 -14.78 26.10
N GLN D 203 21.83 -14.47 26.55
CA GLN D 203 22.63 -15.42 27.32
C GLN D 203 21.92 -15.78 28.64
N LYS D 204 21.34 -14.77 29.28
CA LYS D 204 20.53 -14.97 30.48
C LYS D 204 19.34 -15.89 30.20
N ALA D 205 18.66 -15.65 29.07
CA ALA D 205 17.55 -16.52 28.64
C ALA D 205 18.04 -17.95 28.37
N ALA D 206 19.15 -18.06 27.65
CA ALA D 206 19.79 -19.36 27.39
C ALA D 206 20.14 -20.10 28.69
N ASP D 207 20.62 -19.36 29.70
CA ASP D 207 20.86 -19.92 31.03
C ASP D 207 19.57 -20.42 31.71
N GLN D 208 18.48 -19.70 31.51
CA GLN D 208 17.17 -20.12 32.02
C GLN D 208 16.70 -21.40 31.34
N ALA D 209 16.96 -21.52 30.03
CA ALA D 209 16.72 -22.76 29.28
C ALA D 209 17.54 -23.94 29.83
N ALA D 210 18.79 -23.68 30.21
CA ALA D 210 19.67 -24.68 30.79
C ALA D 210 19.14 -25.20 32.12
N ALA D 211 18.60 -24.29 32.94
CA ALA D 211 17.98 -24.66 34.21
C ALA D 211 16.73 -25.52 33.99
N LEU D 212 15.97 -25.21 32.94
CA LEU D 212 14.80 -26.02 32.57
C LEU D 212 15.22 -27.41 32.10
N LEU D 213 16.32 -27.49 31.36
CA LEU D 213 16.87 -28.77 30.90
C LEU D 213 17.35 -29.64 32.07
N ALA D 214 18.00 -29.00 33.04
CA ALA D 214 18.48 -29.68 34.25
C ALA D 214 17.35 -30.41 34.98
N GLU D 215 16.20 -29.75 35.07
CA GLU D 215 15.02 -30.29 35.77
C GLU D 215 14.19 -31.27 34.93
N ALA D 216 14.32 -31.21 33.61
CA ALA D 216 13.50 -32.01 32.70
C ALA D 216 13.91 -33.47 32.66
N LYS D 217 12.91 -34.36 32.64
CA LYS D 217 13.16 -35.80 32.52
C LYS D 217 13.25 -36.25 31.07
N HIS D 218 12.38 -35.72 30.21
CA HIS D 218 12.37 -36.08 28.80
C HIS D 218 12.30 -34.85 27.88
N PRO D 219 13.46 -34.19 27.67
CA PRO D 219 13.48 -33.06 26.76
C PRO D 219 13.58 -33.52 25.31
N VAL D 220 13.16 -32.68 24.36
CA VAL D 220 13.36 -32.95 22.95
C VAL D 220 13.86 -31.70 22.23
N LEU D 221 14.67 -31.90 21.20
CA LEU D 221 15.05 -30.82 20.28
C LEU D 221 14.18 -30.92 19.05
N VAL D 222 13.38 -29.87 18.80
CA VAL D 222 12.56 -29.76 17.58
C VAL D 222 13.28 -28.76 16.68
N VAL D 223 13.87 -29.27 15.61
CA VAL D 223 14.81 -28.50 14.80
C VAL D 223 14.16 -28.09 13.47
N GLY D 224 14.25 -26.79 13.17
CA GLY D 224 13.73 -26.24 11.92
C GLY D 224 14.87 -25.79 11.01
N ALA D 225 14.51 -25.41 9.79
CA ALA D 225 15.49 -25.05 8.76
C ALA D 225 16.46 -23.93 9.11
N ALA D 226 16.03 -22.99 9.94
CA ALA D 226 16.89 -21.88 10.35
C ALA D 226 18.15 -22.34 11.06
N ALA D 227 18.05 -23.47 11.77
CA ALA D 227 19.22 -24.05 12.43
C ALA D 227 20.28 -24.50 11.42
N ILE D 228 19.83 -24.97 10.26
CA ILE D 228 20.73 -25.39 9.18
C ILE D 228 21.39 -24.17 8.53
N ARG D 229 20.61 -23.12 8.26
CA ARG D 229 21.14 -21.85 7.75
C ARG D 229 22.21 -21.27 8.65
N SER D 230 22.06 -21.46 9.95
CA SER D 230 23.01 -20.93 10.94
C SER D 230 24.33 -21.70 10.95
N GLY D 231 24.35 -22.87 10.31
CA GLY D 231 25.52 -23.75 10.32
C GLY D 231 25.65 -24.49 11.64
N ALA D 232 24.50 -24.82 12.25
CA ALA D 232 24.48 -25.36 13.61
C ALA D 232 24.28 -26.88 13.69
N VAL D 233 24.19 -27.56 12.55
CA VAL D 233 23.91 -29.01 12.54
C VAL D 233 24.93 -29.87 13.33
N PRO D 234 26.24 -29.76 13.03
CA PRO D 234 27.23 -30.52 13.83
C PRO D 234 27.15 -30.20 15.33
N ALA D 235 27.02 -28.92 15.65
CA ALA D 235 26.88 -28.49 17.04
C ALA D 235 25.65 -29.07 17.74
N ILE D 236 24.50 -29.06 17.07
CA ILE D 236 23.27 -29.64 17.59
C ILE D 236 23.40 -31.14 17.79
N ARG D 237 24.01 -31.81 16.82
CA ARG D 237 24.24 -33.25 16.90
C ARG D 237 25.12 -33.60 18.12
N ALA D 238 26.23 -32.88 18.28
CA ALA D 238 27.14 -33.09 19.41
C ALA D 238 26.45 -32.93 20.77
N LEU D 239 25.60 -31.91 20.88
CA LEU D 239 24.81 -31.64 22.09
C LEU D 239 23.79 -32.75 22.36
N ALA D 240 23.03 -33.12 21.33
CA ALA D 240 22.03 -34.17 21.42
C ALA D 240 22.65 -35.52 21.85
N GLU D 241 23.80 -35.85 21.26
CA GLU D 241 24.51 -37.10 21.59
C GLU D 241 25.05 -37.13 23.02
N ARG D 242 25.69 -36.06 23.46
CA ARG D 242 26.23 -35.99 24.83
C ARG D 242 25.14 -36.14 25.88
N LEU D 243 24.03 -35.43 25.70
CA LEU D 243 22.98 -35.41 26.72
C LEU D 243 21.83 -36.39 26.47
N ASN D 244 21.93 -37.16 25.39
CA ASN D 244 20.92 -38.16 25.03
C ASN D 244 19.53 -37.53 24.79
N ILE D 245 19.52 -36.44 24.03
CA ILE D 245 18.28 -35.73 23.72
C ILE D 245 17.82 -36.06 22.30
N PRO D 246 16.61 -36.65 22.19
CA PRO D 246 15.99 -36.97 20.90
C PRO D 246 15.82 -35.72 20.02
N VAL D 247 16.03 -35.91 18.72
CA VAL D 247 15.91 -34.83 17.74
C VAL D 247 14.73 -35.10 16.82
N ILE D 248 13.78 -34.17 16.79
CA ILE D 248 12.60 -34.22 15.95
C ILE D 248 12.71 -33.05 15.00
N THR D 249 12.25 -33.20 13.76
CA THR D 249 12.44 -32.16 12.75
C THR D 249 11.15 -31.69 12.04
N THR D 250 11.24 -30.53 11.42
CA THR D 250 10.27 -30.06 10.43
C THR D 250 10.54 -30.79 9.11
N TYR D 251 9.71 -30.55 8.09
CA TYR D 251 9.86 -31.23 6.80
C TYR D 251 11.27 -31.20 6.22
N ILE D 252 11.86 -30.00 6.11
CA ILE D 252 13.13 -29.90 5.40
C ILE D 252 14.36 -29.97 6.30
N ALA D 253 14.14 -30.06 7.61
CA ALA D 253 15.24 -30.29 8.54
C ALA D 253 15.49 -31.80 8.74
N LYS D 254 14.78 -32.65 8.00
CA LYS D 254 15.12 -34.07 7.93
C LYS D 254 16.58 -34.21 7.48
N GLY D 255 17.33 -35.08 8.13
CA GLY D 255 18.73 -35.31 7.76
C GLY D 255 19.76 -34.57 8.60
N VAL D 256 19.31 -33.85 9.63
CA VAL D 256 20.26 -33.21 10.56
C VAL D 256 20.98 -34.25 11.41
N LEU D 257 20.36 -35.43 11.53
CA LEU D 257 21.01 -36.65 11.97
C LEU D 257 20.94 -37.65 10.83
N PRO D 258 21.97 -38.53 10.71
CA PRO D 258 21.96 -39.55 9.66
C PRO D 258 20.82 -40.54 9.83
N VAL D 259 20.41 -41.16 8.73
CA VAL D 259 19.44 -42.23 8.77
C VAL D 259 20.00 -43.34 9.67
N GLY D 260 19.20 -43.80 10.62
CA GLY D 260 19.60 -44.88 11.50
C GLY D 260 20.15 -44.43 12.86
N HIS D 261 20.37 -43.12 13.02
CA HIS D 261 20.84 -42.57 14.29
C HIS D 261 19.80 -42.81 15.38
N GLU D 262 20.25 -43.24 16.56
CA GLU D 262 19.35 -43.57 17.67
C GLU D 262 18.48 -42.39 18.13
N LEU D 263 18.98 -41.18 17.94
CA LEU D 263 18.29 -39.96 18.38
C LEU D 263 17.47 -39.29 17.28
N ASN D 264 17.47 -39.91 16.09
CA ASN D 264 16.67 -39.46 14.96
C ASN D 264 15.24 -39.92 15.17
N TYR D 265 14.42 -39.07 15.78
CA TYR D 265 13.04 -39.44 16.12
C TYR D 265 12.04 -39.15 15.00
N GLY D 266 12.53 -38.65 13.87
CA GLY D 266 11.71 -38.45 12.68
C GLY D 266 11.15 -37.05 12.56
N ALA D 267 10.42 -36.82 11.47
CA ALA D 267 9.80 -35.53 11.19
C ALA D 267 8.34 -35.52 11.63
N VAL D 268 7.84 -34.32 11.93
CA VAL D 268 6.43 -34.12 12.27
C VAL D 268 5.66 -33.59 11.05
N THR D 269 4.49 -34.15 10.81
CA THR D 269 3.49 -33.50 9.98
C THR D 269 2.12 -33.66 10.64
N GLY D 270 1.28 -32.62 10.53
CA GLY D 270 -0.07 -32.66 11.09
C GLY D 270 -0.92 -33.77 10.49
N TYR D 271 -0.50 -34.30 9.34
CA TYR D 271 -1.21 -35.38 8.66
C TYR D 271 -0.83 -36.79 9.16
N MSE D 272 0.14 -36.88 10.06
CA MSE D 272 0.75 -38.18 10.38
C MSE D 272 -0.18 -39.19 11.08
O MSE D 272 -0.13 -40.38 10.77
CB MSE D 272 2.07 -38.03 11.14
CG MSE D 272 1.93 -37.53 12.57
SE MSE D 272 3.65 -36.97 13.32
CE MSE D 272 4.69 -38.62 13.08
N ASP D 273 -1.03 -38.73 11.99
CA ASP D 273 -1.98 -39.62 12.66
C ASP D 273 -2.95 -40.27 11.67
N GLY D 274 -3.48 -39.47 10.75
CA GLY D 274 -4.43 -39.94 9.76
C GLY D 274 -3.82 -40.88 8.73
N ILE D 275 -2.59 -40.58 8.32
CA ILE D 275 -1.89 -41.41 7.34
C ILE D 275 -1.49 -42.77 7.94
N LEU D 276 -0.96 -42.72 9.16
CA LEU D 276 -0.46 -43.92 9.82
C LEU D 276 -1.54 -44.74 10.52
N ASN D 277 -2.74 -44.15 10.65
CA ASN D 277 -3.84 -44.71 11.46
C ASN D 277 -3.33 -45.15 12.84
N PHE D 278 -2.68 -44.21 13.51
CA PHE D 278 -1.91 -44.48 14.72
C PHE D 278 -1.80 -43.18 15.51
N PRO D 279 -1.81 -43.27 16.87
CA PRO D 279 -1.63 -42.05 17.67
C PRO D 279 -0.18 -41.58 17.67
N ALA D 280 0.28 -41.13 16.51
CA ALA D 280 1.70 -40.83 16.29
C ALA D 280 2.18 -39.60 17.05
N LEU D 281 1.42 -38.52 17.00
CA LEU D 281 1.75 -37.30 17.75
C LEU D 281 1.80 -37.56 19.26
N GLN D 282 0.87 -38.37 19.75
CA GLN D 282 0.85 -38.78 21.16
CA GLN D 282 0.83 -38.79 21.15
C GLN D 282 2.11 -39.55 21.54
N THR D 283 2.50 -40.51 20.71
CA THR D 283 3.72 -41.31 20.98
C THR D 283 4.98 -40.42 20.97
N MSE D 284 5.05 -39.49 20.02
CA MSE D 284 6.19 -38.59 19.89
CA MSE D 284 6.19 -38.58 19.90
C MSE D 284 6.35 -37.66 21.09
O MSE D 284 7.46 -37.45 21.58
CB MSE D 284 6.03 -37.77 18.60
CB MSE D 284 6.03 -37.70 18.67
CG MSE D 284 7.27 -36.99 18.20
CG MSE D 284 6.13 -38.41 17.36
SE MSE D 284 8.65 -38.15 17.48
SE MSE D 284 6.57 -37.13 16.00
CE MSE D 284 7.94 -38.33 15.67
CE MSE D 284 8.50 -37.34 16.00
N PHE D 285 5.23 -37.10 21.56
CA PHE D 285 5.28 -35.99 22.52
C PHE D 285 4.68 -36.19 23.90
N ALA D 286 3.83 -37.20 24.09
CA ALA D 286 3.07 -37.33 25.36
C ALA D 286 3.91 -37.28 26.65
N PRO D 287 5.00 -38.08 26.75
CA PRO D 287 5.78 -38.03 28.00
C PRO D 287 6.83 -36.93 28.05
N VAL D 288 6.92 -36.12 26.99
CA VAL D 288 7.91 -35.05 26.90
C VAL D 288 7.51 -33.92 27.86
N ASP D 289 8.48 -33.41 28.63
CA ASP D 289 8.20 -32.31 29.56
C ASP D 289 8.88 -30.98 29.20
N LEU D 290 9.78 -31.02 28.22
CA LEU D 290 10.45 -29.81 27.74
C LEU D 290 10.69 -29.87 26.24
N VAL D 291 10.13 -28.89 25.52
CA VAL D 291 10.29 -28.82 24.07
C VAL D 291 11.17 -27.62 23.72
N LEU D 292 12.33 -27.89 23.11
CA LEU D 292 13.19 -26.83 22.64
C LEU D 292 13.04 -26.68 21.13
N THR D 293 12.36 -25.61 20.72
CA THR D 293 12.18 -25.34 19.30
C THR D 293 13.37 -24.54 18.79
N VAL D 294 14.33 -25.27 18.22
CA VAL D 294 15.61 -24.74 17.78
C VAL D 294 15.50 -24.24 16.33
N GLY D 295 15.57 -22.92 16.16
CA GLY D 295 15.35 -22.30 14.85
C GLY D 295 13.89 -22.32 14.44
N TYR D 296 13.01 -21.99 15.39
CA TYR D 296 11.57 -22.10 15.16
C TYR D 296 11.06 -21.12 14.12
N ASP D 297 10.16 -21.60 13.27
CA ASP D 297 9.49 -20.79 12.26
C ASP D 297 8.10 -21.38 12.01
N TYR D 298 7.08 -20.63 12.38
CA TYR D 298 5.67 -21.02 12.24
C TYR D 298 5.32 -21.38 10.81
N ALA D 299 6.01 -20.77 9.85
CA ALA D 299 5.72 -20.96 8.42
C ALA D 299 5.96 -22.41 7.97
N GLU D 300 6.91 -23.08 8.62
CA GLU D 300 7.21 -24.49 8.39
C GLU D 300 6.05 -25.43 8.77
N ASP D 301 5.10 -24.91 9.53
CA ASP D 301 3.83 -25.60 9.83
C ASP D 301 3.93 -26.73 10.87
N LEU D 302 5.00 -26.74 11.65
CA LEU D 302 5.01 -27.51 12.88
C LEU D 302 4.49 -26.56 13.97
N ARG D 303 3.23 -26.73 14.32
CA ARG D 303 2.53 -25.77 15.19
C ARG D 303 2.52 -26.27 16.63
N PRO D 304 2.44 -25.34 17.61
CA PRO D 304 2.37 -25.74 19.01
C PRO D 304 1.32 -26.82 19.31
N SER D 305 0.16 -26.77 18.66
CA SER D 305 -0.91 -27.74 18.90
C SER D 305 -0.46 -29.18 18.63
N MSE D 306 0.57 -29.33 17.79
CA MSE D 306 1.08 -30.66 17.46
C MSE D 306 1.93 -31.31 18.55
O MSE D 306 1.93 -32.54 18.67
CB MSE D 306 1.84 -30.63 16.12
CG MSE D 306 0.90 -30.37 14.96
SE MSE D 306 1.84 -29.94 13.33
CE MSE D 306 0.35 -29.21 12.31
N TRP D 307 2.64 -30.51 19.34
CA TRP D 307 3.42 -31.06 20.43
C TRP D 307 2.70 -31.01 21.78
N GLN D 308 1.56 -30.35 21.81
CA GLN D 308 0.77 -30.23 23.04
C GLN D 308 -0.11 -31.47 23.24
N LYS D 309 0.56 -32.57 23.60
CA LYS D 309 -0.05 -33.89 23.82
C LYS D 309 0.43 -34.40 25.16
N GLY D 310 -0.44 -35.08 25.90
CA GLY D 310 -0.06 -35.70 27.17
C GLY D 310 0.22 -34.72 28.30
N ILE D 311 1.34 -34.89 28.97
CA ILE D 311 1.67 -34.05 30.13
C ILE D 311 2.01 -32.61 29.72
N GLU D 312 1.93 -31.71 30.70
CA GLU D 312 2.26 -30.30 30.49
C GLU D 312 3.74 -30.18 30.19
N LYS D 313 4.06 -29.27 29.28
CA LYS D 313 5.41 -29.08 28.78
C LYS D 313 5.85 -27.63 28.98
N LYS D 314 7.13 -27.44 29.26
CA LYS D 314 7.73 -26.12 29.15
C LYS D 314 8.33 -26.01 27.75
N THR D 315 8.41 -24.79 27.23
CA THR D 315 8.95 -24.59 25.89
C THR D 315 10.06 -23.55 25.89
N VAL D 316 11.08 -23.78 25.07
CA VAL D 316 12.12 -22.81 24.81
C VAL D 316 12.14 -22.52 23.31
N ARG D 317 11.91 -21.26 22.95
CA ARG D 317 12.04 -20.84 21.56
C ARG D 317 13.45 -20.28 21.34
N ILE D 318 14.12 -20.76 20.29
CA ILE D 318 15.39 -20.17 19.85
C ILE D 318 15.27 -19.78 18.39
N SER D 319 15.44 -18.49 18.10
CA SER D 319 15.33 -17.97 16.74
C SER D 319 16.08 -16.65 16.57
N PRO D 320 16.71 -16.44 15.40
CA PRO D 320 17.32 -15.13 15.12
C PRO D 320 16.29 -14.08 14.66
N THR D 321 15.10 -14.12 15.27
CA THR D 321 14.01 -13.17 14.98
C THR D 321 13.17 -13.03 16.24
N VAL D 322 12.57 -11.86 16.43
CA VAL D 322 11.57 -11.66 17.47
C VAL D 322 10.31 -12.48 17.11
N ASN D 323 9.71 -13.12 18.12
CA ASN D 323 8.48 -13.91 17.94
C ASN D 323 7.35 -13.12 17.25
N PRO D 324 6.99 -13.49 16.00
CA PRO D 324 5.93 -12.76 15.30
C PRO D 324 4.51 -13.20 15.67
N ILE D 325 4.40 -14.30 16.43
CA ILE D 325 3.09 -14.92 16.68
C ILE D 325 2.75 -15.18 18.16
N PRO D 326 2.83 -14.15 19.03
CA PRO D 326 2.46 -14.37 20.45
C PRO D 326 1.04 -14.88 20.68
N ARG D 327 0.12 -14.64 19.74
CA ARG D 327 -1.24 -15.18 19.84
C ARG D 327 -1.24 -16.71 19.87
N VAL D 328 -0.26 -17.29 19.18
CA VAL D 328 -0.19 -18.74 18.95
C VAL D 328 0.85 -19.43 19.84
N TYR D 329 2.00 -18.78 19.99
CA TYR D 329 3.14 -19.38 20.68
C TYR D 329 3.70 -18.39 21.67
N ARG D 330 3.55 -18.71 22.95
CA ARG D 330 4.21 -17.96 24.02
C ARG D 330 5.18 -18.87 24.76
N PRO D 331 6.44 -18.91 24.29
CA PRO D 331 7.42 -19.79 24.91
C PRO D 331 7.70 -19.40 26.37
N ASP D 332 7.99 -20.39 27.19
CA ASP D 332 8.34 -20.12 28.59
C ASP D 332 9.66 -19.37 28.65
N VAL D 333 10.56 -19.71 27.73
CA VAL D 333 11.81 -18.99 27.55
C VAL D 333 11.98 -18.69 26.07
N ASP D 334 12.23 -17.43 25.74
CA ASP D 334 12.44 -17.02 24.34
C ASP D 334 13.86 -16.50 24.18
N VAL D 335 14.65 -17.21 23.37
CA VAL D 335 16.06 -16.85 23.17
C VAL D 335 16.20 -16.28 21.75
N VAL D 336 16.30 -14.95 21.67
CA VAL D 336 16.43 -14.29 20.37
C VAL D 336 17.91 -14.06 20.07
N THR D 337 18.45 -14.92 19.21
CA THR D 337 19.88 -14.92 18.89
C THR D 337 20.16 -15.89 17.73
N ASP D 338 21.39 -15.85 17.22
CA ASP D 338 21.86 -16.81 16.22
C ASP D 338 21.82 -18.23 16.80
N VAL D 339 21.33 -19.20 16.03
CA VAL D 339 21.15 -20.56 16.53
C VAL D 339 22.49 -21.20 16.99
N LEU D 340 23.53 -21.06 16.17
CA LEU D 340 24.86 -21.58 16.50
C LEU D 340 25.41 -20.92 17.77
N ALA D 341 25.28 -19.60 17.86
CA ALA D 341 25.67 -18.86 19.06
C ALA D 341 24.98 -19.41 20.31
N PHE D 342 23.69 -19.71 20.21
CA PHE D 342 22.94 -20.31 21.32
C PHE D 342 23.50 -21.68 21.71
N VAL D 343 23.71 -22.54 20.72
CA VAL D 343 24.17 -23.91 20.98
C VAL D 343 25.52 -23.87 21.68
N GLU D 344 26.41 -23.01 21.20
CA GLU D 344 27.75 -22.87 21.79
C GLU D 344 27.72 -22.36 23.23
N HIS D 345 26.82 -21.42 23.51
CA HIS D 345 26.63 -20.95 24.88
C HIS D 345 25.97 -22.02 25.75
N PHE D 346 24.98 -22.71 25.17
CA PHE D 346 24.24 -23.78 25.85
C PHE D 346 25.13 -24.97 26.21
N GLU D 347 26.11 -25.25 25.34
CA GLU D 347 27.12 -26.29 25.60
C GLU D 347 27.91 -25.99 26.87
N THR D 348 28.35 -24.73 27.01
CA THR D 348 29.09 -24.28 28.19
C THR D 348 28.23 -24.38 29.45
N ALA D 349 26.99 -23.89 29.38
CA ALA D 349 26.08 -23.91 30.53
C ALA D 349 25.66 -25.31 30.98
N THR D 350 25.65 -26.25 30.05
CA THR D 350 25.20 -27.62 30.36
C THR D 350 26.33 -28.65 30.41
N ALA D 351 27.58 -28.16 30.41
CA ALA D 351 28.76 -29.02 30.32
C ALA D 351 28.85 -30.13 31.38
N SER D 352 28.34 -29.83 32.58
CA SER D 352 28.43 -30.76 33.71
C SER D 352 27.16 -31.59 33.93
N PHE D 353 26.19 -31.43 33.03
CA PHE D 353 24.91 -32.13 33.12
C PHE D 353 25.06 -33.61 32.82
N GLY D 354 24.33 -34.44 33.54
CA GLY D 354 24.24 -35.86 33.25
C GLY D 354 23.29 -36.08 32.09
N ALA D 355 23.58 -37.11 31.30
CA ALA D 355 22.73 -37.48 30.17
C ALA D 355 21.35 -37.90 30.64
N LYS D 356 20.35 -37.63 29.81
CA LYS D 356 18.96 -37.95 30.11
C LYS D 356 18.62 -39.38 29.71
N GLN D 357 17.51 -39.88 30.26
CA GLN D 357 16.87 -41.07 29.73
C GLN D 357 15.89 -40.60 28.65
N ARG D 358 16.08 -41.04 27.41
CA ARG D 358 15.18 -40.64 26.32
C ARG D 358 13.91 -41.47 26.36
N HIS D 359 12.80 -40.88 25.91
CA HIS D 359 11.51 -41.55 25.95
C HIS D 359 11.35 -42.55 24.79
N ASP D 360 10.40 -43.46 24.94
CA ASP D 360 10.26 -44.59 24.02
C ASP D 360 9.24 -44.30 22.92
N ILE D 361 9.72 -44.27 21.68
CA ILE D 361 8.84 -44.12 20.52
C ILE D 361 8.84 -45.35 19.60
N GLU D 362 9.35 -46.48 20.10
CA GLU D 362 9.45 -47.71 19.29
C GLU D 362 8.15 -48.16 18.61
N PRO D 363 6.98 -48.04 19.30
CA PRO D 363 5.72 -48.34 18.60
C PRO D 363 5.46 -47.48 17.34
N LEU D 364 5.93 -46.24 17.35
CA LEU D 364 5.80 -45.36 16.19
C LEU D 364 6.80 -45.73 15.09
N ARG D 365 8.06 -45.94 15.47
CA ARG D 365 9.09 -46.44 14.54
C ARG D 365 8.65 -47.74 13.87
N ALA D 366 8.08 -48.64 14.66
CA ALA D 366 7.57 -49.93 14.19
C ALA D 366 6.47 -49.77 13.15
N ARG D 367 5.55 -48.85 13.41
CA ARG D 367 4.43 -48.56 12.50
C ARG D 367 4.91 -47.98 11.15
N ILE D 368 5.86 -47.05 11.23
CA ILE D 368 6.49 -46.47 10.04
C ILE D 368 7.22 -47.55 9.22
N ALA D 369 7.97 -48.41 9.90
CA ALA D 369 8.67 -49.52 9.25
C ALA D 369 7.68 -50.49 8.58
N GLU D 370 6.56 -50.73 9.23
CA GLU D 370 5.49 -51.59 8.73
C GLU D 370 4.93 -51.09 7.40
N PHE D 371 4.64 -49.80 7.32
CA PHE D 371 4.22 -49.15 6.08
C PHE D 371 5.25 -49.35 4.96
N LEU D 372 6.51 -49.01 5.24
CA LEU D 372 7.58 -49.13 4.25
C LEU D 372 7.76 -50.56 3.69
N ALA D 373 7.61 -51.56 4.57
CA ALA D 373 7.81 -52.96 4.17
C ALA D 373 6.58 -53.64 3.55
N ASP D 374 5.44 -52.96 3.55
CA ASP D 374 4.16 -53.48 3.03
C ASP D 374 4.30 -54.31 1.73
N PRO D 375 4.17 -55.66 1.82
CA PRO D 375 4.43 -56.55 0.68
C PRO D 375 3.22 -56.78 -0.25
N GLU D 376 2.05 -56.30 0.13
CA GLU D 376 0.83 -56.48 -0.65
C GLU D 376 0.88 -55.77 -2.01
N THR D 377 0.36 -56.44 -3.05
CA THR D 377 0.08 -55.77 -4.33
C THR D 377 -1.41 -55.48 -4.40
N TYR D 378 -1.76 -54.21 -4.26
CA TYR D 378 -3.14 -53.76 -4.20
C TYR D 378 -3.86 -53.89 -5.55
N GLU D 379 -5.18 -54.04 -5.50
CA GLU D 379 -6.00 -54.31 -6.69
C GLU D 379 -6.02 -53.14 -7.65
N ASP D 380 -6.01 -51.92 -7.11
CA ASP D 380 -5.92 -50.73 -7.92
C ASP D 380 -4.44 -50.32 -8.09
N GLY D 381 -4.05 -49.11 -7.69
CA GLY D 381 -2.66 -48.68 -7.84
C GLY D 381 -1.79 -49.05 -6.65
N MSE D 382 -0.53 -48.64 -6.71
CA MSE D 382 0.38 -48.79 -5.57
C MSE D 382 -0.03 -47.86 -4.43
O MSE D 382 -0.82 -46.95 -4.63
CB MSE D 382 1.82 -48.46 -5.98
CG MSE D 382 2.44 -49.48 -6.92
SE MSE D 382 4.31 -49.11 -7.22
CE MSE D 382 5.04 -49.69 -5.51
N ARG D 383 0.50 -48.12 -3.24
CA ARG D 383 0.34 -47.18 -2.13
C ARG D 383 1.59 -46.32 -2.05
N VAL D 384 1.42 -45.05 -1.67
CA VAL D 384 2.53 -44.09 -1.74
C VAL D 384 3.71 -44.49 -0.83
N HIS D 385 3.43 -45.07 0.33
CA HIS D 385 4.51 -45.57 1.19
C HIS D 385 5.39 -46.63 0.51
N GLN D 386 4.78 -47.47 -0.34
CA GLN D 386 5.50 -48.46 -1.13
C GLN D 386 6.38 -47.78 -2.19
N VAL D 387 5.87 -46.69 -2.76
CA VAL D 387 6.59 -45.93 -3.78
C VAL D 387 7.83 -45.32 -3.14
N ILE D 388 7.67 -44.71 -1.97
CA ILE D 388 8.79 -44.06 -1.30
C ILE D 388 9.84 -45.07 -0.80
N ASP D 389 9.39 -46.22 -0.31
CA ASP D 389 10.32 -47.29 0.09
C ASP D 389 11.23 -47.69 -1.08
N SER D 390 10.64 -47.84 -2.27
CA SER D 390 11.38 -48.16 -3.49
C SER D 390 12.39 -47.07 -3.86
N MSE D 391 11.96 -45.81 -3.78
CA MSE D 391 12.85 -44.66 -4.02
C MSE D 391 14.00 -44.63 -3.02
O MSE D 391 15.14 -44.39 -3.40
CB MSE D 391 12.06 -43.35 -3.98
CG MSE D 391 11.02 -43.23 -5.08
SE MSE D 391 9.93 -41.61 -4.92
CE MSE D 391 11.24 -40.36 -5.65
N ASN D 392 13.70 -44.84 -1.74
CA ASN D 392 14.71 -44.93 -0.68
C ASN D 392 15.78 -45.99 -0.99
N THR D 393 15.32 -47.19 -1.36
CA THR D 393 16.20 -48.30 -1.69
C THR D 393 17.21 -47.94 -2.77
N VAL D 394 16.74 -47.39 -3.88
CA VAL D 394 17.60 -47.07 -5.02
C VAL D 394 18.46 -45.84 -4.73
N MSE D 395 17.92 -44.87 -3.98
CA MSE D 395 18.70 -43.69 -3.56
C MSE D 395 19.90 -44.11 -2.72
O MSE D 395 21.02 -43.62 -2.95
CB MSE D 395 17.83 -42.68 -2.78
CG MSE D 395 18.59 -41.49 -2.19
SE MSE D 395 19.52 -40.44 -3.55
CE MSE D 395 17.99 -39.56 -4.38
N GLU D 396 19.69 -45.01 -1.77
CA GLU D 396 20.76 -45.54 -0.92
C GLU D 396 21.85 -46.24 -1.74
N GLU D 397 21.44 -46.98 -2.78
CA GLU D 397 22.37 -47.64 -3.70
C GLU D 397 23.17 -46.65 -4.55
N ALA D 398 22.46 -45.68 -5.12
CA ALA D 398 23.04 -44.75 -6.09
C ALA D 398 23.92 -43.68 -5.47
N ALA D 399 23.56 -43.23 -4.27
CA ALA D 399 24.25 -42.10 -3.64
C ALA D 399 25.41 -42.53 -2.74
N GLU D 400 26.46 -41.71 -2.74
CA GLU D 400 27.51 -41.81 -1.72
C GLU D 400 26.88 -41.56 -0.35
N PRO D 401 27.50 -42.12 0.72
CA PRO D 401 27.04 -41.84 2.08
C PRO D 401 26.96 -40.34 2.38
N GLY D 402 25.86 -39.91 3.00
CA GLY D 402 25.64 -38.50 3.32
C GLY D 402 25.32 -37.63 2.12
N GLU D 403 24.94 -38.26 1.01
CA GLU D 403 24.64 -37.53 -0.23
C GLU D 403 23.29 -37.93 -0.82
N GLY D 404 22.85 -37.22 -1.85
CA GLY D 404 21.58 -37.48 -2.49
C GLY D 404 20.47 -36.52 -2.06
N THR D 405 19.52 -36.28 -2.95
CA THR D 405 18.36 -35.44 -2.66
C THR D 405 17.07 -36.08 -3.20
N ILE D 406 16.08 -36.20 -2.33
CA ILE D 406 14.72 -36.53 -2.74
C ILE D 406 13.88 -35.26 -2.62
N VAL D 407 13.29 -34.85 -3.74
CA VAL D 407 12.47 -33.65 -3.81
C VAL D 407 10.99 -34.07 -3.89
N SER D 408 10.14 -33.36 -3.15
CA SER D 408 8.70 -33.60 -3.23
C SER D 408 7.92 -32.37 -3.63
N ASP D 409 7.03 -32.53 -4.61
CA ASP D 409 6.01 -31.54 -4.93
C ASP D 409 4.94 -31.58 -3.83
N ILE D 410 3.82 -30.89 -4.04
CA ILE D 410 2.81 -30.69 -3.01
C ILE D 410 1.55 -31.51 -3.28
N GLY D 411 0.99 -32.08 -2.23
CA GLY D 411 -0.20 -32.93 -2.33
C GLY D 411 -0.27 -33.83 -1.12
N PHE D 412 -1.24 -34.74 -1.12
CA PHE D 412 -1.37 -35.71 -0.04
C PHE D 412 -0.09 -36.58 0.08
N PHE D 413 0.42 -37.03 -1.07
CA PHE D 413 1.65 -37.83 -1.16
C PHE D 413 2.85 -37.15 -0.50
N ARG D 414 2.88 -35.82 -0.50
CA ARG D 414 4.00 -35.06 0.07
C ARG D 414 4.22 -35.40 1.54
N HIS D 415 3.13 -35.65 2.25
CA HIS D 415 3.19 -35.95 3.67
C HIS D 415 3.64 -37.38 3.96
N TYR D 416 3.42 -38.26 3.00
CA TYR D 416 4.09 -39.56 3.00
C TYR D 416 5.60 -39.36 2.86
N GLY D 417 6.00 -38.43 1.99
CA GLY D 417 7.42 -38.08 1.83
C GLY D 417 8.05 -37.63 3.14
N VAL D 418 7.32 -36.80 3.87
CA VAL D 418 7.79 -36.28 5.15
C VAL D 418 8.01 -37.43 6.14
N LEU D 419 7.06 -38.38 6.18
CA LEU D 419 7.13 -39.50 7.10
C LEU D 419 8.17 -40.55 6.69
N PHE D 420 8.29 -40.79 5.39
CA PHE D 420 8.95 -41.99 4.87
C PHE D 420 10.23 -41.79 4.07
N ALA D 421 10.43 -40.60 3.50
CA ALA D 421 11.56 -40.37 2.60
C ALA D 421 12.90 -40.33 3.34
N ARG D 422 13.87 -41.00 2.75
CA ARG D 422 15.24 -41.04 3.26
C ARG D 422 15.90 -39.66 3.11
N ALA D 423 16.58 -39.22 4.16
CA ALA D 423 17.38 -38.01 4.10
C ALA D 423 18.66 -38.23 4.90
N ASP D 424 19.78 -38.35 4.21
CA ASP D 424 21.04 -38.68 4.86
C ASP D 424 21.98 -37.47 4.95
N GLN D 425 21.43 -36.28 4.70
CA GLN D 425 22.14 -35.03 4.86
C GLN D 425 21.11 -33.93 5.10
N PRO D 426 21.53 -32.77 5.66
CA PRO D 426 20.60 -31.65 5.72
C PRO D 426 20.12 -31.24 4.33
N PHE D 427 18.84 -30.93 4.21
CA PHE D 427 18.18 -30.67 2.92
C PHE D 427 18.25 -31.89 2.00
N GLY D 428 18.35 -33.08 2.58
CA GLY D 428 18.34 -34.34 1.82
C GLY D 428 16.95 -34.69 1.34
N PHE D 429 15.94 -34.20 2.07
CA PHE D 429 14.56 -34.20 1.62
C PHE D 429 14.12 -32.73 1.46
N LEU D 430 13.78 -32.35 0.22
CA LEU D 430 13.41 -30.97 -0.08
C LEU D 430 11.96 -30.89 -0.53
N THR D 431 11.20 -30.02 0.15
CA THR D 431 9.85 -29.69 -0.25
C THR D 431 9.60 -28.23 0.16
N SER D 432 8.49 -27.66 -0.31
CA SER D 432 8.11 -26.31 0.06
C SER D 432 7.20 -26.33 1.28
N ALA D 433 7.75 -25.97 2.44
CA ALA D 433 7.03 -26.06 3.71
C ALA D 433 6.21 -24.81 4.05
N GLY D 434 6.69 -23.64 3.64
CA GLY D 434 6.00 -22.38 3.93
C GLY D 434 4.93 -21.98 2.92
N CYS D 435 5.28 -22.02 1.64
CA CYS D 435 4.38 -21.59 0.57
C CYS D 435 3.56 -22.74 0.00
N SER D 436 4.21 -23.87 -0.25
CA SER D 436 3.57 -25.09 -0.75
C SER D 436 2.72 -24.87 -1.99
N SER D 437 3.30 -24.23 -3.00
CA SER D 437 2.64 -24.17 -4.30
C SER D 437 2.81 -25.50 -5.00
N PHE D 438 1.73 -26.04 -5.56
CA PHE D 438 1.85 -27.19 -6.45
C PHE D 438 2.69 -26.81 -7.68
N GLY D 439 3.32 -27.79 -8.32
CA GLY D 439 4.25 -27.49 -9.42
C GLY D 439 5.68 -27.20 -8.99
N TYR D 440 5.88 -27.09 -7.67
CA TYR D 440 7.19 -26.86 -7.05
C TYR D 440 8.26 -27.90 -7.44
N GLY D 441 7.84 -29.13 -7.71
CA GLY D 441 8.75 -30.26 -7.88
C GLY D 441 9.86 -30.08 -8.91
N ILE D 442 9.47 -29.82 -10.16
CA ILE D 442 10.43 -29.66 -11.25
C ILE D 442 11.51 -28.59 -10.99
N PRO D 443 11.11 -27.32 -10.70
CA PRO D 443 12.14 -26.31 -10.42
C PRO D 443 13.01 -26.61 -9.21
N ALA D 444 12.42 -27.19 -8.15
CA ALA D 444 13.20 -27.57 -6.97
C ALA D 444 14.23 -28.65 -7.30
N ALA D 445 13.86 -29.60 -8.15
CA ALA D 445 14.79 -30.64 -8.60
C ALA D 445 15.89 -30.07 -9.50
N ILE D 446 15.54 -29.09 -10.34
CA ILE D 446 16.51 -28.40 -11.17
C ILE D 446 17.52 -27.70 -10.25
N GLY D 447 17.02 -26.92 -9.30
CA GLY D 447 17.87 -26.24 -8.33
C GLY D 447 18.75 -27.17 -7.52
N ALA D 448 18.15 -28.26 -7.02
CA ALA D 448 18.87 -29.27 -6.25
C ALA D 448 19.98 -29.94 -7.05
N GLN D 449 19.65 -30.39 -8.26
CA GLN D 449 20.63 -31.07 -9.11
C GLN D 449 21.79 -30.14 -9.48
N MSE D 450 21.49 -28.87 -9.76
CA MSE D 450 22.53 -27.89 -10.09
C MSE D 450 23.42 -27.57 -8.88
O MSE D 450 24.62 -27.34 -9.04
CB MSE D 450 21.93 -26.63 -10.69
CG MSE D 450 21.39 -26.83 -12.09
SE MSE D 450 20.50 -25.24 -12.83
CE MSE D 450 22.02 -24.02 -12.82
N ALA D 451 22.83 -27.58 -7.69
CA ALA D 451 23.56 -27.33 -6.45
C ALA D 451 24.43 -28.53 -6.06
N ARG D 452 24.00 -29.72 -6.49
CA ARG D 452 24.69 -30.97 -6.17
C ARG D 452 24.91 -31.79 -7.45
N PRO D 453 25.78 -31.31 -8.36
CA PRO D 453 25.88 -31.86 -9.71
C PRO D 453 26.31 -33.33 -9.79
N ASP D 454 27.01 -33.81 -8.77
CA ASP D 454 27.50 -35.19 -8.76
C ASP D 454 26.71 -36.13 -7.84
N GLN D 455 25.52 -35.69 -7.41
CA GLN D 455 24.66 -36.48 -6.53
C GLN D 455 23.34 -36.83 -7.22
N PRO D 456 22.75 -38.00 -6.90
CA PRO D 456 21.45 -38.35 -7.46
C PRO D 456 20.36 -37.43 -6.93
N THR D 457 19.44 -37.07 -7.81
CA THR D 457 18.28 -36.24 -7.49
C THR D 457 17.04 -36.96 -7.98
N PHE D 458 16.19 -37.35 -7.03
CA PHE D 458 14.91 -37.98 -7.31
C PHE D 458 13.80 -37.00 -6.98
N LEU D 459 12.75 -37.01 -7.79
CA LEU D 459 11.58 -36.17 -7.59
C LEU D 459 10.31 -37.04 -7.53
N ILE D 460 9.49 -36.79 -6.51
CA ILE D 460 8.15 -37.36 -6.48
C ILE D 460 7.13 -36.21 -6.60
N ALA D 461 6.16 -36.38 -7.49
CA ALA D 461 5.09 -35.41 -7.68
C ALA D 461 3.79 -36.13 -7.97
N GLY D 462 2.66 -35.52 -7.58
CA GLY D 462 1.33 -36.06 -7.88
C GLY D 462 0.90 -35.55 -9.25
N ASP D 463 -0.16 -36.14 -9.80
CA ASP D 463 -0.62 -35.75 -11.12
C ASP D 463 -1.15 -34.30 -11.16
N GLY D 464 -1.87 -33.90 -10.11
CA GLY D 464 -2.42 -32.56 -10.02
C GLY D 464 -1.34 -31.48 -10.04
N GLY D 465 -0.41 -31.57 -9.10
CA GLY D 465 0.69 -30.61 -8.99
C GLY D 465 1.70 -30.72 -10.12
N PHE D 466 2.06 -31.95 -10.49
CA PHE D 466 3.01 -32.12 -11.59
C PHE D 466 2.52 -31.48 -12.88
N HIS D 467 1.28 -31.76 -13.27
CA HIS D 467 0.76 -31.24 -14.54
C HIS D 467 0.55 -29.72 -14.50
N SER D 468 0.42 -29.13 -13.31
CA SER D 468 0.33 -27.67 -13.20
C SER D 468 1.58 -26.97 -13.74
N ASN D 469 2.71 -27.67 -13.76
CA ASN D 469 4.00 -27.09 -14.16
C ASN D 469 4.87 -28.06 -14.97
N SER D 470 4.23 -28.94 -15.72
CA SER D 470 4.90 -30.05 -16.39
C SER D 470 5.66 -29.66 -17.65
N SER D 471 5.41 -28.45 -18.15
CA SER D 471 6.06 -28.01 -19.39
C SER D 471 7.57 -27.84 -19.24
N ASP D 472 8.02 -27.58 -18.02
CA ASP D 472 9.45 -27.46 -17.76
C ASP D 472 10.22 -28.80 -17.76
N LEU D 473 9.54 -29.89 -18.11
CA LEU D 473 10.22 -31.12 -18.50
C LEU D 473 11.19 -30.85 -19.66
N GLU D 474 10.82 -29.94 -20.56
CA GLU D 474 11.69 -29.58 -21.69
C GLU D 474 12.98 -28.94 -21.20
N THR D 475 12.87 -28.10 -20.16
CA THR D 475 14.03 -27.46 -19.52
C THR D 475 15.00 -28.49 -18.92
N ILE D 476 14.45 -29.47 -18.22
CA ILE D 476 15.24 -30.59 -17.70
C ILE D 476 16.00 -31.30 -18.84
N ALA D 477 15.32 -31.56 -19.95
CA ALA D 477 15.94 -32.19 -21.12
C ALA D 477 17.03 -31.28 -21.72
N ARG D 478 16.72 -30.00 -21.86
CA ARG D 478 17.64 -29.01 -22.45
C ARG D 478 18.91 -28.82 -21.62
N LEU D 479 18.76 -28.75 -20.30
CA LEU D 479 19.90 -28.63 -19.40
C LEU D 479 20.58 -29.98 -19.16
N ASN D 480 19.95 -31.05 -19.65
CA ASN D 480 20.39 -32.44 -19.47
C ASN D 480 20.74 -32.75 -18.00
N LEU D 481 19.81 -32.41 -17.12
CA LEU D 481 19.97 -32.69 -15.70
C LEU D 481 19.40 -34.08 -15.41
N PRO D 482 20.23 -34.98 -14.86
CA PRO D 482 19.85 -36.40 -14.74
C PRO D 482 18.89 -36.69 -13.58
N ILE D 483 17.85 -35.88 -13.46
CA ILE D 483 16.80 -36.03 -12.44
C ILE D 483 15.92 -37.23 -12.78
N VAL D 484 15.64 -38.06 -11.78
CA VAL D 484 14.67 -39.15 -11.91
C VAL D 484 13.37 -38.73 -11.24
N THR D 485 12.30 -38.68 -12.03
CA THR D 485 11.00 -38.19 -11.58
C THR D 485 10.02 -39.34 -11.48
N VAL D 486 9.31 -39.40 -10.36
CA VAL D 486 8.21 -40.34 -10.16
C VAL D 486 6.92 -39.55 -10.06
N VAL D 487 6.00 -39.80 -10.98
CA VAL D 487 4.69 -39.17 -10.94
C VAL D 487 3.66 -40.15 -10.39
N VAL D 488 3.16 -39.86 -9.20
CA VAL D 488 2.11 -40.69 -8.59
C VAL D 488 0.72 -40.19 -9.00
N ASN D 489 0.07 -40.97 -9.87
CA ASN D 489 -1.14 -40.54 -10.56
C ASN D 489 -2.40 -41.23 -10.03
N ASN D 490 -3.33 -40.44 -9.48
CA ASN D 490 -4.69 -40.93 -9.19
C ASN D 490 -5.79 -40.12 -9.89
N ASP D 491 -5.41 -39.34 -10.91
CA ASP D 491 -6.36 -38.55 -11.72
C ASP D 491 -7.23 -37.62 -10.87
N THR D 492 -6.66 -37.13 -9.77
CA THR D 492 -7.38 -36.33 -8.80
C THR D 492 -6.43 -35.34 -8.11
N ASN D 493 -6.95 -34.17 -7.72
CA ASN D 493 -6.32 -33.38 -6.66
C ASN D 493 -6.71 -34.04 -5.35
N GLY D 494 -5.96 -35.10 -5.00
CA GLY D 494 -6.30 -36.00 -3.89
C GLY D 494 -6.41 -35.33 -2.54
N LEU D 495 -5.42 -34.52 -2.19
CA LEU D 495 -5.45 -33.76 -0.94
C LEU D 495 -6.75 -32.98 -0.78
N ILE D 496 -7.26 -32.45 -1.89
CA ILE D 496 -8.46 -31.61 -1.89
C ILE D 496 -9.73 -32.44 -1.70
N GLU D 497 -9.76 -33.63 -2.31
CA GLU D 497 -10.85 -34.57 -2.04
C GLU D 497 -10.89 -34.98 -0.56
N LEU D 498 -9.71 -35.14 0.05
CA LEU D 498 -9.64 -35.38 1.48
C LEU D 498 -10.33 -34.25 2.26
N TYR D 499 -9.97 -33.00 1.94
CA TYR D 499 -10.59 -31.86 2.62
C TYR D 499 -12.11 -31.77 2.40
N GLN D 500 -12.58 -32.10 1.19
CA GLN D 500 -14.03 -32.20 0.94
C GLN D 500 -14.68 -33.15 1.94
N ASN D 501 -14.09 -34.34 2.09
CA ASN D 501 -14.62 -35.34 3.01
C ASN D 501 -14.51 -34.97 4.50
N ILE D 502 -13.43 -34.29 4.87
CA ILE D 502 -13.29 -33.77 6.24
C ILE D 502 -14.41 -32.77 6.56
N GLY D 503 -14.67 -31.85 5.64
CA GLY D 503 -15.65 -30.80 5.86
C GLY D 503 -17.10 -31.21 5.64
N HIS D 504 -17.33 -32.09 4.68
CA HIS D 504 -18.69 -32.38 4.23
C HIS D 504 -19.09 -33.86 4.27
N HIS D 505 -18.13 -34.74 4.56
CA HIS D 505 -18.35 -36.20 4.58
C HIS D 505 -18.80 -36.78 3.23
N ARG D 506 -18.46 -36.08 2.16
CA ARG D 506 -18.64 -36.56 0.78
C ARG D 506 -17.73 -35.79 -0.17
N SER D 507 -17.58 -36.33 -1.38
CA SER D 507 -16.77 -35.72 -2.42
C SER D 507 -17.65 -34.93 -3.40
N HIS D 508 -17.02 -33.99 -4.13
CA HIS D 508 -17.68 -33.34 -5.25
C HIS D 508 -16.70 -33.32 -6.41
N ASP D 509 -16.89 -34.26 -7.33
CA ASP D 509 -15.93 -34.53 -8.40
C ASP D 509 -15.57 -33.36 -9.33
N PRO D 510 -16.55 -32.51 -9.73
CA PRO D 510 -16.19 -31.35 -10.57
C PRO D 510 -15.08 -30.45 -10.00
N ALA D 511 -14.89 -30.46 -8.69
CA ALA D 511 -13.88 -29.60 -8.06
C ALA D 511 -12.51 -30.26 -7.88
N VAL D 512 -12.44 -31.58 -8.08
CA VAL D 512 -11.20 -32.34 -7.81
C VAL D 512 -10.73 -33.33 -8.89
N LYS D 513 -11.63 -33.78 -9.78
CA LYS D 513 -11.32 -34.89 -10.69
C LYS D 513 -10.83 -34.49 -12.06
N PHE D 514 -9.81 -35.21 -12.55
CA PHE D 514 -9.31 -35.01 -13.90
C PHE D 514 -9.61 -36.24 -14.77
N GLY D 515 -9.45 -36.06 -16.08
CA GLY D 515 -9.39 -37.18 -16.99
C GLY D 515 -7.96 -37.72 -17.04
N GLY D 516 -7.73 -38.69 -17.91
CA GLY D 516 -6.44 -39.36 -18.00
C GLY D 516 -5.39 -38.52 -18.69
N VAL D 517 -4.22 -38.46 -18.06
CA VAL D 517 -3.03 -37.89 -18.69
C VAL D 517 -2.00 -39.01 -18.74
N ASP D 518 -1.41 -39.21 -19.91
CA ASP D 518 -0.33 -40.19 -20.08
C ASP D 518 0.99 -39.46 -19.85
N PHE D 519 1.51 -39.53 -18.62
CA PHE D 519 2.73 -38.80 -18.26
C PHE D 519 3.99 -39.38 -18.89
N VAL D 520 3.96 -40.67 -19.21
CA VAL D 520 5.02 -41.31 -20.00
C VAL D 520 5.13 -40.65 -21.38
N ALA D 521 4.01 -40.60 -22.11
CA ALA D 521 3.95 -39.96 -23.43
C ALA D 521 4.26 -38.47 -23.33
N LEU D 522 3.78 -37.83 -22.27
CA LEU D 522 4.05 -36.41 -22.00
C LEU D 522 5.55 -36.15 -21.86
N ALA D 523 6.22 -36.96 -21.04
CA ALA D 523 7.67 -36.81 -20.83
C ALA D 523 8.42 -37.01 -22.14
N GLU D 524 8.04 -38.02 -22.91
CA GLU D 524 8.70 -38.31 -24.18
C GLU D 524 8.50 -37.21 -25.24
N ALA D 525 7.31 -36.58 -25.24
CA ALA D 525 7.05 -35.39 -26.07
C ALA D 525 8.03 -34.25 -25.78
N ASN D 526 8.49 -34.16 -24.54
CA ASN D 526 9.47 -33.16 -24.08
C ASN D 526 10.93 -33.62 -24.25
N GLY D 527 11.13 -34.83 -24.76
CA GLY D 527 12.47 -35.38 -24.97
C GLY D 527 13.07 -36.04 -23.74
N VAL D 528 12.20 -36.45 -22.81
CA VAL D 528 12.63 -37.15 -21.61
C VAL D 528 12.14 -38.59 -21.70
N ASP D 529 13.08 -39.54 -21.63
CA ASP D 529 12.74 -40.97 -21.64
C ASP D 529 11.89 -41.30 -20.42
N ALA D 530 10.92 -42.18 -20.61
CA ALA D 530 9.96 -42.48 -19.55
C ALA D 530 9.44 -43.91 -19.63
N THR D 531 8.86 -44.37 -18.52
CA THR D 531 8.24 -45.68 -18.44
C THR D 531 7.16 -45.67 -17.36
N ARG D 532 6.23 -46.61 -17.44
CA ARG D 532 5.20 -46.83 -16.42
CA ARG D 532 5.28 -46.77 -16.35
C ARG D 532 5.57 -48.01 -15.51
N ALA D 533 5.34 -47.86 -14.21
CA ALA D 533 5.60 -48.91 -13.23
C ALA D 533 4.38 -49.05 -12.33
N THR D 534 3.88 -50.27 -12.17
CA THR D 534 2.61 -50.50 -11.47
C THR D 534 2.73 -51.29 -10.17
N ASN D 535 3.93 -51.77 -9.88
CA ASN D 535 4.20 -52.54 -8.64
C ASN D 535 5.64 -52.31 -8.20
N ARG D 536 6.01 -52.88 -7.05
CA ARG D 536 7.36 -52.72 -6.51
C ARG D 536 8.46 -53.14 -7.48
N GLU D 537 8.29 -54.30 -8.13
CA GLU D 537 9.29 -54.81 -9.06
C GLU D 537 9.52 -53.88 -10.23
N GLU D 538 8.43 -53.45 -10.87
CA GLU D 538 8.54 -52.55 -11.99
C GLU D 538 9.14 -51.21 -11.57
N LEU D 539 8.76 -50.73 -10.39
CA LEU D 539 9.24 -49.43 -9.90
C LEU D 539 10.73 -49.46 -9.57
N LEU D 540 11.16 -50.49 -8.85
CA LEU D 540 12.57 -50.67 -8.53
C LEU D 540 13.42 -50.77 -9.79
N ALA D 541 12.94 -51.52 -10.79
CA ALA D 541 13.64 -51.66 -12.06
C ALA D 541 13.77 -50.32 -12.79
N ALA D 542 12.66 -49.56 -12.79
CA ALA D 542 12.61 -48.25 -13.46
C ALA D 542 13.54 -47.24 -12.80
N LEU D 543 13.53 -47.22 -11.48
CA LEU D 543 14.39 -46.33 -10.70
C LEU D 543 15.87 -46.65 -10.89
N ARG D 544 16.21 -47.94 -10.86
CA ARG D 544 17.59 -48.38 -11.05
C ARG D 544 18.09 -48.03 -12.44
N LYS D 545 17.22 -48.19 -13.44
CA LYS D 545 17.49 -47.76 -14.81
C LYS D 545 17.70 -46.25 -14.86
N GLY D 546 16.76 -45.50 -14.28
CA GLY D 546 16.83 -44.03 -14.26
C GLY D 546 18.10 -43.50 -13.62
N ALA D 547 18.45 -44.06 -12.46
CA ALA D 547 19.62 -43.64 -11.71
C ALA D 547 20.95 -43.82 -12.45
N GLU D 548 21.01 -44.84 -13.30
CA GLU D 548 22.23 -45.14 -14.05
C GLU D 548 22.23 -44.59 -15.50
N LEU D 549 21.12 -43.96 -15.90
CA LEU D 549 20.90 -43.55 -17.29
C LEU D 549 21.82 -42.42 -17.78
N GLY D 550 22.22 -41.53 -16.88
CA GLY D 550 23.05 -40.38 -17.26
C GLY D 550 22.27 -39.30 -17.99
N ARG D 551 20.95 -39.35 -17.84
CA ARG D 551 20.02 -38.46 -18.50
C ARG D 551 18.74 -38.44 -17.68
N PRO D 552 17.90 -37.40 -17.84
CA PRO D 552 16.63 -37.41 -17.11
C PRO D 552 15.74 -38.61 -17.47
N PHE D 553 14.92 -39.03 -16.51
CA PHE D 553 14.02 -40.16 -16.68
C PHE D 553 12.75 -39.88 -15.89
N LEU D 554 11.61 -40.27 -16.43
CA LEU D 554 10.34 -40.12 -15.72
C LEU D 554 9.61 -41.45 -15.60
N ILE D 555 9.05 -41.70 -14.42
CA ILE D 555 8.34 -42.93 -14.14
C ILE D 555 6.93 -42.58 -13.67
N GLU D 556 5.92 -43.00 -14.41
CA GLU D 556 4.53 -42.85 -13.97
C GLU D 556 4.08 -44.08 -13.17
N VAL D 557 3.52 -43.83 -11.99
CA VAL D 557 2.99 -44.87 -11.10
C VAL D 557 1.52 -44.57 -10.78
N PRO D 558 0.59 -45.47 -11.18
CA PRO D 558 -0.78 -45.35 -10.70
C PRO D 558 -0.86 -45.61 -9.20
N VAL D 559 -1.51 -44.70 -8.48
CA VAL D 559 -1.68 -44.86 -7.04
C VAL D 559 -3.12 -44.63 -6.62
N ASN D 560 -3.44 -45.08 -5.41
CA ASN D 560 -4.71 -44.75 -4.78
C ASN D 560 -4.45 -44.53 -3.29
N TYR D 561 -5.36 -43.82 -2.63
CA TYR D 561 -5.17 -43.46 -1.24
C TYR D 561 -6.04 -44.24 -0.27
N ASP D 562 -7.33 -44.33 -0.59
CA ASP D 562 -8.31 -44.96 0.32
C ASP D 562 -8.14 -44.33 1.71
N PHE D 563 -8.30 -43.01 1.77
CA PHE D 563 -8.10 -42.28 3.02
C PHE D 563 -9.33 -42.28 3.93
N GLN D 564 -9.07 -42.14 5.23
CA GLN D 564 -10.13 -42.11 6.25
C GLN D 564 -10.20 -40.71 6.88
N PRO D 565 -11.17 -39.89 6.44
CA PRO D 565 -11.34 -38.49 6.84
C PRO D 565 -11.40 -38.25 8.36
N GLY D 566 -11.91 -39.24 9.11
CA GLY D 566 -12.04 -39.12 10.57
C GLY D 566 -10.74 -39.07 11.36
N GLY D 567 -9.64 -39.47 10.74
CA GLY D 567 -8.34 -39.54 11.42
C GLY D 567 -7.51 -38.27 11.42
N PHE D 568 -8.03 -37.21 10.81
CA PHE D 568 -7.25 -35.99 10.55
C PHE D 568 -7.63 -34.77 11.40
N GLY D 569 -8.03 -35.01 12.65
CA GLY D 569 -8.39 -33.94 13.58
C GLY D 569 -7.27 -32.97 13.94
N ALA D 570 -6.02 -33.42 13.81
CA ALA D 570 -4.86 -32.57 14.11
C ALA D 570 -4.69 -31.40 13.12
N LEU D 571 -5.30 -31.52 11.95
CA LEU D 571 -5.27 -30.46 10.93
C LEU D 571 -6.07 -29.22 11.32
N SER D 572 -7.07 -29.42 12.18
CA SER D 572 -7.99 -28.36 12.58
C SER D 572 -7.41 -27.44 13.64
N ILE D 573 -6.64 -28.01 14.55
CA ILE D 573 -6.21 -27.31 15.75
C ILE D 573 -4.79 -26.78 15.65
MG MG E . -16.24 23.16 25.34
S SO4 F . -19.63 14.59 15.25
O1 SO4 F . -20.69 15.28 14.52
O2 SO4 F . -18.84 15.52 16.03
O3 SO4 F . -20.23 13.55 16.07
O4 SO4 F . -18.73 13.98 14.28
S SO4 G . -21.58 21.43 31.27
O1 SO4 G . -22.96 21.84 31.56
O2 SO4 G . -21.60 20.16 30.56
O3 SO4 G . -20.92 22.46 30.46
O4 SO4 G . -20.85 21.27 32.53
N1' TPP H . -9.48 15.36 17.44
C2' TPP H . -9.81 16.00 16.27
CM2 TPP H . -8.77 16.39 15.25
N3' TPP H . -11.12 16.30 16.00
C4' TPP H . -12.10 15.96 16.91
N4' TPP H . -13.35 16.28 16.59
C5' TPP H . -11.81 15.29 18.12
C6' TPP H . -10.47 15.01 18.37
C7' TPP H . -12.92 14.92 19.11
N3 TPP H . -13.60 16.18 19.23
C2 TPP H . -14.59 16.61 18.38
S1 TPP H . -15.10 18.10 18.68
C5 TPP H . -14.08 18.22 19.93
C4 TPP H . -13.26 17.11 20.14
CM4 TPP H . -12.20 16.93 21.20
C6 TPP H . -14.14 19.53 20.64
C7 TPP H . -15.25 19.53 21.69
O7 TPP H . -15.01 20.64 22.56
PA TPP H . -15.46 22.13 22.18
O1A TPP H . -15.15 22.99 23.39
O2A TPP H . -14.80 22.65 20.94
O3A TPP H . -17.03 22.04 21.94
PB TPP H . -18.08 21.51 23.04
O1B TPP H . -19.32 22.31 22.83
O2B TPP H . -18.37 20.05 22.80
O3B TPP H . -17.53 21.72 24.44
C1 GOL I . -35.93 26.45 26.15
O1 GOL I . -37.33 26.51 26.24
C2 GOL I . -35.42 25.28 26.97
O2 GOL I . -35.77 25.47 28.33
C3 GOL I . -33.91 25.21 26.85
O3 GOL I . -33.40 24.11 27.57
MG MG J . 11.52 33.56 13.72
S SO4 K . 16.66 21.58 9.46
O1 SO4 K . 17.70 21.30 10.43
O2 SO4 K . 15.73 22.56 10.00
O3 SO4 K . 17.27 22.06 8.23
O4 SO4 K . 15.91 20.36 9.19
S SO4 L . 16.60 39.00 10.30
O1 SO4 L . 15.85 38.74 11.52
O2 SO4 L . 15.89 39.98 9.48
O3 SO4 L . 17.93 39.53 10.65
O4 SO4 L . 16.76 37.77 9.53
N1' TPP M . 6.30 22.75 8.67
C2' TPP M . 6.63 21.90 9.71
CM2 TPP M . 5.62 20.97 10.34
N3' TPP M . 7.92 21.91 10.20
C4' TPP M . 8.87 22.74 9.63
N4' TPP M . 10.10 22.67 10.15
C5' TPP M . 8.56 23.59 8.56
C6' TPP M . 7.23 23.59 8.10
C7' TPP M . 9.61 24.51 7.94
N3 TPP M . 10.13 25.13 9.14
C2 TPP M . 11.11 24.59 9.94
S1 TPP M . 11.43 25.45 11.25
C5 TPP M . 10.31 26.54 10.84
C4 TPP M . 9.64 26.28 9.66
CM4 TPP M . 8.55 27.11 9.04
C6 TPP M . 10.19 27.66 11.80
C7 TPP M . 11.18 28.76 11.44
O7 TPP M . 10.78 29.91 12.15
PA TPP M . 11.08 30.15 13.70
O1A TPP M . 10.59 31.53 14.09
O2A TPP M . 10.46 29.11 14.58
O3A TPP M . 12.69 30.09 13.84
PB TPP M . 13.72 31.02 13.01
O1B TPP M . 14.92 31.24 13.90
O2B TPP M . 14.16 30.26 11.78
O3B TPP M . 13.09 32.34 12.68
C1 GOL N . 30.58 37.64 18.47
O1 GOL N . 31.83 38.27 18.62
C2 GOL N . 30.25 37.44 17.00
O2 GOL N . 30.96 38.37 16.21
C3 GOL N . 28.75 37.63 16.79
O3 GOL N . 28.43 37.54 15.43
MG MG O . 8.27 -19.65 -31.43
S SO4 P . 3.46 -7.37 -27.74
O1 SO4 P . 2.41 -7.12 -28.73
O2 SO4 P . 3.80 -8.79 -27.73
O3 SO4 P . 4.63 -6.57 -28.08
O4 SO4 P . 2.99 -7.00 -26.41
S SO4 Q . 13.52 -18.28 -37.32
O1 SO4 Q . 12.25 -18.89 -36.94
O2 SO4 Q . 13.53 -18.02 -38.76
O3 SO4 Q . 13.70 -17.02 -36.62
O4 SO4 Q . 14.62 -19.20 -36.99
N1' TPP R . 6.26 -13.83 -20.01
C2' TPP R . 4.89 -13.73 -20.10
CM2 TPP R . 4.00 -14.18 -18.98
N3' TPP R . 4.32 -13.21 -21.24
C4' TPP R . 5.14 -12.79 -22.28
N4' TPP R . 4.54 -12.29 -23.35
C5' TPP R . 6.54 -12.87 -22.20
C6' TPP R . 7.09 -13.41 -21.04
C7' TPP R . 7.45 -12.41 -23.35
N3 TPP R . 6.85 -13.14 -24.44
C2 TPP R . 5.76 -12.69 -25.16
S1 TPP R . 5.25 -13.73 -26.26
C5 TPP R . 6.39 -14.80 -25.83
C4 TPP R . 7.22 -14.39 -24.80
CM4 TPP R . 8.35 -15.17 -24.18
C6 TPP R . 6.37 -16.08 -26.61
C7 TPP R . 7.11 -15.94 -27.92
O7 TPP R . 7.32 -17.22 -28.46
PA TPP R . 6.21 -17.99 -29.32
O1A TPP R . 6.83 -19.28 -29.81
O2A TPP R . 4.96 -18.27 -28.51
O3A TPP R . 5.81 -17.04 -30.54
PB TPP R . 6.90 -16.44 -31.57
O1B TPP R . 6.20 -16.30 -32.89
O2B TPP R . 7.31 -15.08 -31.08
O3B TPP R . 8.06 -17.41 -31.69
MG MG S . -3.34 -36.96 -7.50
S SO4 T . -0.37 -28.63 2.98
O1 SO4 T . 0.75 -29.23 3.70
O2 SO4 T . -0.50 -29.23 1.67
O3 SO4 T . -1.58 -28.79 3.76
O4 SO4 T . -0.08 -27.21 2.80
S SO4 U . -8.22 -42.57 -4.32
O1 SO4 U . -8.01 -43.75 -3.51
O2 SO4 U . -7.03 -42.28 -5.12
O3 SO4 U . -9.35 -42.80 -5.24
O4 SO4 U . -8.52 -41.43 -3.47
N1' TPP V . -2.96 -24.10 -6.14
C2' TPP V . -1.62 -23.97 -5.87
CM2 TPP V . -0.75 -23.00 -6.62
N3' TPP V . -1.05 -24.76 -4.89
C4' TPP V . -1.83 -25.65 -4.18
N4' TPP V . -1.22 -26.38 -3.26
C5' TPP V . -3.22 -25.79 -4.44
C6' TPP V . -3.76 -25.00 -5.45
C7' TPP V . -4.09 -26.78 -3.67
N3 TPP V . -3.32 -27.97 -3.85
C2 TPP V . -2.25 -28.33 -3.05
S1 TPP V . -1.50 -29.64 -3.55
C5 TPP V . -2.52 -29.80 -4.79
C4 TPP V . -3.48 -28.81 -4.88
CM4 TPP V . -4.54 -28.68 -5.94
C6 TPP V . -2.26 -30.99 -5.66
C7 TPP V . -2.95 -32.23 -5.12
O7 TPP V . -2.98 -33.19 -6.16
PA TPP V . -1.72 -34.11 -6.53
O1A TPP V . -2.14 -35.05 -7.64
O2A TPP V . -0.50 -33.33 -6.95
O3A TPP V . -1.35 -34.91 -5.20
PB TPP V . -2.37 -35.81 -4.35
O1B TPP V . -1.54 -36.87 -3.70
O2B TPP V . -3.00 -34.96 -3.29
O3B TPP V . -3.38 -36.43 -5.32
C1 GOL W . 1.06 -51.46 6.27
O1 GOL W . 0.89 -52.77 6.76
C2 GOL W . -0.24 -50.66 6.35
O2 GOL W . -1.30 -51.47 6.82
C3 GOL W . -0.57 -50.13 4.97
O3 GOL W . -1.80 -49.41 5.02
C1 GOL X . 12.83 -10.41 22.50
O1 GOL X . 11.48 -10.75 22.28
C2 GOL X . 13.31 -11.00 23.82
O2 GOL X . 12.51 -12.12 24.17
C3 GOL X . 13.19 -9.94 24.90
O3 GOL X . 14.32 -9.99 25.74
#